data_3B9J
#
_entry.id   3B9J
#
_cell.length_a   133.187
_cell.length_b   73.794
_cell.length_c   146.498
_cell.angle_alpha   90.000
_cell.angle_beta   98.870
_cell.angle_gamma   90.000
#
_symmetry.space_group_name_H-M   'P 1 21 1'
#
loop_
_entity.id
_entity.type
_entity.pdbx_description
1 polymer 'xanthine oxidase'
2 polymer 'xanthine oxidase'
3 polymer 'xanthine oxidase'
4 non-polymer 'FE2/S2 (INORGANIC) CLUSTER'
5 non-polymer 'FLAVIN-ADENINE DINUCLEOTIDE'
6 non-polymer 'CALCIUM ION'
7 non-polymer 'PHOSPHONIC ACIDMONO-(2-AMINO-5,6-DIMERCAPTO-4-OXO-3,7,8A,9,10,10A-HEXAHYDRO-4H-8-OXA-1,3,9,10-TETRAAZA-ANTHRACEN-7-YLMETHYL)ESTER'
8 non-polymer 'DIOXOTHIOMOLYBDENUM(VI) ION'
9 non-polymer 6-methyl-3,9-dihydro-2H-purin-2-one
10 water water
#
loop_
_entity_poly.entity_id
_entity_poly.type
_entity_poly.pdbx_seq_one_letter_code
_entity_poly.pdbx_strand_id
1 'polypeptide(L)'
;MTADELVFFVNGKKVVEKNADPETTLLAYLRRKLGLRGTKLGCGEGGCGACTVMLSKYDRLQDKIIHFSANACLAPICTL
HHVAVTTVEGIGSTKTRLHPVQERIAKSHGSQCGFCTPGIVMSMYTLLRNQPEPTVEEIEDAFQGNLCRCTGYRPILQGF
RTFAKNGGCCGGNGNNPNCCMNQKKDHTVTLSPSLFNPEEFMPLDPTQEPIFPPELLRL
;
A,I
2 'polypeptide(L)'
;KDVPPKQLRFEGERVTWIQASTLKELLDLKAQHPEAKLVVGNTEIGIEMKFKNQLFPMIICPAWIPELNAVEHGPEGISF
GAACALSSVEKTLLEAVAKLPTQKTEVFRGVLEQLRWFAGKQVKSVASLGGNIITASPISDLNPVFMASGTKLTIVSRGT
RRTVPMDHTFFPSYRKTLLGPEEILLSIEIPYSREDEFFSAFKQASRREDDIAKVTCGMRVLFQPGSMQVKELALCYGGM
ADRTISALKTTQKQLSKFWNEKLLQDVCAGLAEELSLSPDAPGGMIEFRRTLTLSFFFKFYLTVLKKLGKDSKDKCGKLD
PTYTSATLLFQKDPPANIQLFQEVPNGQSK
;
B,J
3 'polypeptide(L)'
;EDTVGRPLPHLAAAMQASGEAVYCDDIPRYENELFLRLVTSTRAHAKIKSIDVSEAQKVPGFVCFLSADDIPGSNETGLF
NDETVFAKDTVTCVGHIIGAVVADTPEHAERAAHVVKVTYEDLPAIITIEDAIKNNSFYGSELKIEKGDLKKGFSEADNV
VSGELYIGGQDHFYLETHCTIAIPKGEEGEMELFVSTQNAMKTQSFVAKMLGVPVNRILVRVKRMGGGFGGKETRSTLVS
VAVALAAYKTGHPVRCMLDRNEDMLITGGRHPFLARYKVGFMKTGTIVALEVDHYSNAGNSRDLSHSIMERALFHMDNCY
KIPNIRGTGRLCKTNLSSNTAFRGFGGPQALFIAENWMSEVAVTCGLPAEEVRWKNMYKEGDLTHFNQRLEGFSVPRCWD
ECLKSSQYYARKSEVDKFNKENCWKKRGLCIIPTKFGISFTVPFLNQAGALIHVYTDGSVLVSHGGTEMGQGLHTKMVQV
ASKALKIPISKIYISETSTNTVPNSSPTAASVSTDIYGQAVYEACQTILKRLEPFKKKNPDGSWEDWVMAAYQDRVSLST
TGFYRTPNLGYSFETNSGNAFHYFTYGVACSEVEIDCLTGDHKNLRTDIVMDVGSSLNPAIDIGQVEGAFVQGLGLFTLE
ELHYSPEGSLHTRGPSTYKIPAFGSIPTEFRVSLLRDCPNKKAIYASKAVGEPPLFLGASVFFAIKDAIRAARAQHTNNN
TKELFRLDSPATPEKIRNACVDKFTTLCVTGAPGNCKPWSLRV
;
C,K
#
loop_
_chem_comp.id
_chem_comp.type
_chem_comp.name
_chem_comp.formula
290 non-polymer 6-methyl-3,9-dihydro-2H-purin-2-one 'C6 H6 N4 O'
CA non-polymer 'CALCIUM ION' 'Ca 2'
FAD non-polymer 'FLAVIN-ADENINE DINUCLEOTIDE' 'C27 H33 N9 O15 P2'
FES non-polymer 'FE2/S2 (INORGANIC) CLUSTER' 'Fe2 S2'
MOS non-polymer 'DIOXOTHIOMOLYBDENUM(VI) ION' 'H Mo O2 S'
MTE non-polymer 'PHOSPHONIC ACIDMONO-(2-AMINO-5,6-DIMERCAPTO-4-OXO-3,7,8A,9,10,10A-HEXAHYDRO-4H-8-OXA-1,3,9,10-TETRAAZA-ANTHRACEN-7-YLMETHYL)ESTER' 'C10 H14 N5 O6 P S2'
#
# COMPACT_ATOMS: atom_id res chain seq x y z
N ALA A 3 -15.52 -11.17 -33.89
CA ALA A 3 -14.88 -11.50 -32.59
C ALA A 3 -15.98 -11.88 -31.59
N ASP A 4 -16.08 -13.17 -31.29
CA ASP A 4 -17.16 -13.70 -30.47
C ASP A 4 -16.91 -13.53 -28.97
N GLU A 5 -18.01 -13.55 -28.22
CA GLU A 5 -17.94 -13.41 -26.79
C GLU A 5 -17.72 -14.76 -26.12
N LEU A 6 -16.75 -14.80 -25.20
CA LEU A 6 -16.48 -16.01 -24.36
C LEU A 6 -17.27 -15.86 -23.10
N VAL A 7 -18.07 -16.86 -22.76
CA VAL A 7 -18.95 -16.80 -21.59
C VAL A 7 -18.67 -18.00 -20.70
N PHE A 8 -18.29 -17.76 -19.46
CA PHE A 8 -18.11 -18.83 -18.47
C PHE A 8 -18.53 -18.34 -17.10
N PHE A 9 -18.45 -19.21 -16.11
CA PHE A 9 -18.84 -18.88 -14.75
C PHE A 9 -17.67 -19.16 -13.84
N VAL A 10 -17.53 -18.35 -12.81
CA VAL A 10 -16.53 -18.51 -11.77
C VAL A 10 -17.30 -18.31 -10.49
N ASN A 11 -17.23 -19.29 -9.59
CA ASN A 11 -18.07 -19.38 -8.40
C ASN A 11 -19.53 -18.94 -8.52
N GLY A 12 -20.21 -19.43 -9.55
CA GLY A 12 -21.65 -19.14 -9.80
C GLY A 12 -21.91 -17.84 -10.54
N LYS A 13 -20.87 -17.10 -10.87
CA LYS A 13 -21.03 -15.76 -11.40
C LYS A 13 -20.62 -15.76 -12.85
N LYS A 14 -21.54 -15.37 -13.72
CA LYS A 14 -21.28 -15.20 -15.14
C LYS A 14 -20.13 -14.26 -15.43
N VAL A 15 -19.27 -14.66 -16.38
CA VAL A 15 -18.15 -13.85 -16.88
C VAL A 15 -18.33 -13.72 -18.36
N VAL A 16 -18.45 -12.50 -18.89
CA VAL A 16 -18.54 -12.27 -20.33
C VAL A 16 -17.26 -11.54 -20.68
N GLU A 17 -16.42 -12.24 -21.44
CA GLU A 17 -15.17 -11.68 -21.92
C GLU A 17 -15.38 -11.39 -23.40
N LYS A 18 -15.47 -10.12 -23.76
CA LYS A 18 -15.82 -9.70 -25.12
C LYS A 18 -14.63 -9.77 -26.06
N ASN A 19 -13.42 -9.72 -25.50
CA ASN A 19 -12.21 -9.87 -26.27
C ASN A 19 -11.21 -10.82 -25.67
N ALA A 20 -11.60 -12.08 -25.54
CA ALA A 20 -10.69 -13.15 -25.14
C ALA A 20 -9.43 -13.19 -26.00
N ASP A 21 -8.28 -13.24 -25.35
CA ASP A 21 -7.02 -13.52 -26.04
C ASP A 21 -6.73 -15.01 -25.89
N PRO A 22 -6.53 -15.75 -27.02
CA PRO A 22 -6.29 -17.20 -27.00
C PRO A 22 -5.19 -17.66 -26.02
N GLU A 23 -4.14 -16.85 -25.91
CA GLU A 23 -3.00 -17.10 -25.05
C GLU A 23 -3.22 -16.91 -23.54
N THR A 24 -4.39 -16.38 -23.13
CA THR A 24 -4.65 -16.18 -21.70
C THR A 24 -4.95 -17.51 -21.02
N THR A 25 -4.14 -17.86 -20.04
CA THR A 25 -4.47 -19.00 -19.15
C THR A 25 -5.53 -18.60 -18.15
N LEU A 26 -6.20 -19.60 -17.56
CA LEU A 26 -7.19 -19.39 -16.52
C LEU A 26 -6.61 -18.85 -15.21
N LEU A 27 -5.41 -19.28 -14.84
CA LEU A 27 -4.73 -18.77 -13.64
C LEU A 27 -4.50 -17.25 -13.76
N ALA A 28 -3.91 -16.80 -14.88
CA ALA A 28 -3.73 -15.37 -15.14
C ALA A 28 -5.06 -14.64 -15.04
N TYR A 29 -6.13 -15.20 -15.59
CA TYR A 29 -7.42 -14.50 -15.66
C TYR A 29 -8.09 -14.36 -14.29
N LEU A 30 -8.05 -15.43 -13.49
CA LEU A 30 -8.54 -15.38 -12.09
C LEU A 30 -7.78 -14.39 -11.21
N ARG A 31 -6.46 -14.43 -11.27
CA ARG A 31 -5.68 -13.62 -10.35
C ARG A 31 -5.66 -12.14 -10.75
N ARG A 32 -5.56 -11.87 -12.05
CA ARG A 32 -5.27 -10.53 -12.55
C ARG A 32 -6.42 -9.82 -13.26
N LYS A 33 -7.42 -10.54 -13.76
CA LYS A 33 -8.63 -9.87 -14.25
C LYS A 33 -9.73 -9.91 -13.17
N LEU A 34 -9.92 -11.05 -12.49
CA LEU A 34 -11.06 -11.21 -11.60
C LEU A 34 -10.76 -10.94 -10.15
N GLY A 35 -9.47 -10.83 -9.82
CA GLY A 35 -9.03 -10.45 -8.49
C GLY A 35 -9.19 -11.58 -7.46
N LEU A 36 -9.24 -12.83 -7.93
CA LEU A 36 -9.38 -14.01 -7.08
C LEU A 36 -8.01 -14.74 -6.91
N ARG A 37 -7.30 -14.41 -5.84
CA ARG A 37 -5.90 -14.78 -5.66
C ARG A 37 -5.63 -15.94 -4.67
N GLY A 38 -6.66 -16.64 -4.22
CA GLY A 38 -6.49 -17.89 -3.45
C GLY A 38 -5.85 -19.02 -4.26
N THR A 39 -6.17 -19.06 -5.57
CA THR A 39 -5.57 -19.97 -6.51
C THR A 39 -4.17 -19.47 -6.76
N LYS A 40 -3.13 -20.31 -6.52
CA LYS A 40 -1.74 -19.90 -6.61
C LYS A 40 -0.95 -20.35 -7.88
N LEU A 41 0.12 -19.61 -8.16
CA LEU A 41 1.17 -20.06 -9.14
C LEU A 41 2.34 -20.76 -8.41
N GLY A 42 2.61 -22.03 -8.70
CA GLY A 42 3.81 -22.71 -8.19
C GLY A 42 4.87 -23.16 -9.18
N CYS A 43 4.58 -23.16 -10.47
CA CYS A 43 5.44 -23.78 -11.48
C CYS A 43 5.06 -23.41 -12.91
N GLY A 44 3.76 -23.29 -13.18
CA GLY A 44 3.30 -22.92 -14.51
C GLY A 44 3.45 -24.06 -15.48
N GLU A 45 3.60 -25.29 -14.96
CA GLU A 45 3.81 -26.45 -15.84
C GLU A 45 3.06 -27.72 -15.56
N GLY A 46 2.07 -27.72 -14.69
CA GLY A 46 1.23 -28.89 -14.50
C GLY A 46 1.66 -29.83 -13.38
N GLY A 47 2.85 -29.60 -12.81
CA GLY A 47 3.47 -30.50 -11.86
C GLY A 47 3.07 -30.36 -10.39
N CYS A 48 2.79 -29.15 -9.90
CA CYS A 48 2.63 -28.90 -8.47
C CYS A 48 1.21 -28.84 -7.92
N GLY A 49 0.23 -28.46 -8.72
CA GLY A 49 -1.18 -28.40 -8.24
C GLY A 49 -1.62 -27.16 -7.45
N ALA A 50 -0.71 -26.24 -7.22
CA ALA A 50 -1.02 -25.02 -6.44
C ALA A 50 -2.21 -24.24 -7.04
N CYS A 51 -2.36 -24.37 -8.35
CA CYS A 51 -3.38 -23.68 -9.16
C CYS A 51 -4.65 -24.54 -9.41
N THR A 52 -4.82 -25.61 -8.64
CA THR A 52 -5.92 -26.54 -8.89
C THR A 52 -7.28 -25.85 -8.67
N VAL A 53 -8.15 -25.97 -9.67
CA VAL A 53 -9.55 -25.59 -9.58
C VAL A 53 -10.48 -26.79 -9.87
N MET A 54 -11.78 -26.66 -9.60
CA MET A 54 -12.77 -27.57 -10.19
C MET A 54 -13.45 -26.95 -11.43
N LEU A 55 -13.70 -27.77 -12.45
CA LEU A 55 -14.47 -27.38 -13.61
C LEU A 55 -15.69 -28.25 -13.72
N SER A 56 -16.81 -27.68 -14.15
CA SER A 56 -18.07 -28.40 -14.34
C SER A 56 -18.61 -28.07 -15.71
N LYS A 57 -19.26 -29.04 -16.33
CA LYS A 57 -19.82 -28.88 -17.68
C LYS A 57 -20.86 -29.98 -17.90
N TYR A 58 -21.80 -29.70 -18.77
CA TYR A 58 -22.80 -30.68 -19.12
C TYR A 58 -22.17 -31.59 -20.13
N ASP A 59 -22.07 -32.85 -19.80
CA ASP A 59 -21.58 -33.82 -20.76
C ASP A 59 -22.73 -34.33 -21.63
N ARG A 60 -22.67 -34.00 -22.90
CA ARG A 60 -23.79 -34.14 -23.84
C ARG A 60 -23.91 -35.60 -24.22
N LEU A 61 -22.81 -36.33 -24.12
CA LEU A 61 -22.77 -37.74 -24.45
C LEU A 61 -23.19 -38.60 -23.25
N GLN A 62 -23.35 -38.02 -22.06
CA GLN A 62 -23.66 -38.81 -20.85
C GLN A 62 -24.82 -38.31 -19.97
N ASP A 63 -25.66 -37.40 -20.47
CA ASP A 63 -26.56 -36.56 -19.64
C ASP A 63 -25.65 -35.83 -18.67
N LYS A 64 -25.85 -35.97 -17.37
CA LYS A 64 -24.81 -35.63 -16.41
C LYS A 64 -24.06 -34.30 -16.64
N ILE A 65 -24.15 -33.42 -15.66
CA ILE A 65 -23.09 -32.48 -15.38
C ILE A 65 -21.98 -33.31 -14.69
N ILE A 66 -20.76 -33.15 -15.19
CA ILE A 66 -19.59 -33.79 -14.65
C ILE A 66 -18.70 -32.74 -13.97
N HIS A 67 -18.08 -33.12 -12.85
CA HIS A 67 -17.13 -32.29 -12.13
C HIS A 67 -15.74 -32.97 -12.14
N PHE A 68 -14.70 -32.19 -12.44
CA PHE A 68 -13.32 -32.67 -12.49
C PHE A 68 -12.34 -31.56 -12.14
N SER A 69 -11.11 -31.94 -11.80
CA SER A 69 -10.10 -30.95 -11.41
C SER A 69 -9.20 -30.65 -12.60
N ALA A 70 -8.66 -29.44 -12.62
CA ALA A 70 -7.69 -29.02 -13.60
C ALA A 70 -6.73 -28.04 -12.98
N ASN A 71 -5.61 -27.89 -13.65
CA ASN A 71 -4.57 -26.91 -13.39
C ASN A 71 -4.91 -25.61 -14.09
N ALA A 72 -5.27 -24.59 -13.31
CA ALA A 72 -5.64 -23.29 -13.87
C ALA A 72 -4.48 -22.69 -14.71
N CYS A 73 -3.23 -23.07 -14.42
CA CYS A 73 -2.04 -22.52 -15.12
C CYS A 73 -1.87 -22.94 -16.55
N LEU A 74 -2.53 -24.03 -16.92
CA LEU A 74 -2.47 -24.58 -18.28
C LEU A 74 -3.79 -24.54 -19.01
N ALA A 75 -4.90 -24.20 -18.35
CA ALA A 75 -6.20 -24.15 -19.00
C ALA A 75 -6.38 -22.85 -19.79
N PRO A 76 -6.42 -22.93 -21.13
CA PRO A 76 -6.73 -21.69 -21.86
C PRO A 76 -8.17 -21.33 -21.54
N ILE A 77 -8.44 -20.06 -21.19
CA ILE A 77 -9.83 -19.58 -20.95
C ILE A 77 -10.72 -19.81 -22.20
N CYS A 78 -10.11 -19.81 -23.39
CA CYS A 78 -10.84 -20.09 -24.64
C CYS A 78 -11.39 -21.50 -24.79
N THR A 79 -10.88 -22.45 -24.03
CA THR A 79 -11.54 -23.77 -23.90
C THR A 79 -12.74 -23.79 -22.95
N LEU A 80 -12.95 -22.73 -22.17
CA LEU A 80 -13.92 -22.76 -21.07
C LEU A 80 -15.31 -22.17 -21.39
N HIS A 81 -15.65 -21.95 -22.66
CA HIS A 81 -16.99 -21.40 -23.02
C HIS A 81 -18.11 -22.33 -22.52
N HIS A 82 -18.98 -21.81 -21.67
CA HIS A 82 -20.07 -22.58 -21.03
C HIS A 82 -19.59 -23.57 -19.95
N VAL A 83 -18.36 -23.38 -19.48
CA VAL A 83 -17.85 -24.16 -18.38
C VAL A 83 -17.97 -23.34 -17.08
N ALA A 84 -18.26 -24.03 -15.99
CA ALA A 84 -18.32 -23.44 -14.67
C ALA A 84 -17.02 -23.75 -13.87
N VAL A 85 -16.34 -22.68 -13.42
CA VAL A 85 -15.13 -22.78 -12.61
C VAL A 85 -15.50 -22.58 -11.14
N THR A 86 -14.90 -23.38 -10.24
CA THR A 86 -15.05 -23.23 -8.80
C THR A 86 -13.65 -23.10 -8.20
N THR A 87 -13.39 -21.99 -7.48
CA THR A 87 -12.11 -21.77 -6.86
C THR A 87 -12.26 -22.02 -5.39
N VAL A 88 -11.14 -21.93 -4.67
CA VAL A 88 -11.16 -22.06 -3.22
C VAL A 88 -12.11 -21.06 -2.52
N GLU A 89 -12.24 -19.86 -3.06
CA GLU A 89 -13.15 -18.89 -2.45
C GLU A 89 -14.64 -19.19 -2.76
N GLY A 90 -14.90 -20.06 -3.73
CA GLY A 90 -16.25 -20.54 -4.04
C GLY A 90 -16.87 -21.62 -3.15
N ILE A 91 -16.07 -22.24 -2.27
CA ILE A 91 -16.54 -23.34 -1.43
C ILE A 91 -16.73 -22.93 0.03
N GLY A 92 -16.04 -21.88 0.45
CA GLY A 92 -16.22 -21.31 1.79
C GLY A 92 -15.16 -20.29 2.23
N SER A 93 -15.37 -19.66 3.39
CA SER A 93 -14.49 -18.61 3.92
C SER A 93 -14.61 -18.42 5.42
N THR A 94 -13.60 -17.83 6.05
CA THR A 94 -13.66 -17.52 7.48
C THR A 94 -14.70 -16.42 7.78
N LYS A 95 -15.04 -15.64 6.77
CA LYS A 95 -15.95 -14.52 6.88
C LYS A 95 -17.37 -15.01 6.96
N THR A 96 -17.61 -16.21 6.43
CA THR A 96 -18.94 -16.77 6.36
C THR A 96 -18.92 -18.12 7.07
N ARG A 97 -18.59 -19.18 6.32
CA ARG A 97 -18.49 -20.54 6.85
C ARG A 97 -17.45 -21.32 6.03
N LEU A 98 -16.55 -22.00 6.72
CA LEU A 98 -15.57 -22.83 6.06
C LEU A 98 -16.23 -24.08 5.54
N HIS A 99 -15.81 -24.53 4.34
CA HIS A 99 -16.13 -25.89 3.94
C HIS A 99 -15.52 -26.94 4.90
N PRO A 100 -16.19 -28.10 5.09
CA PRO A 100 -15.56 -29.21 5.80
C PRO A 100 -14.12 -29.59 5.35
N VAL A 101 -13.83 -29.58 4.06
CA VAL A 101 -12.48 -29.85 3.52
C VAL A 101 -11.50 -28.85 4.09
N GLN A 102 -11.81 -27.55 3.92
CA GLN A 102 -11.02 -26.44 4.47
C GLN A 102 -10.88 -26.51 6.00
N GLU A 103 -11.98 -26.71 6.68
CA GLU A 103 -11.95 -26.83 8.12
C GLU A 103 -11.06 -27.96 8.64
N ARG A 104 -11.17 -29.13 8.01
CA ARG A 104 -10.36 -30.29 8.41
C ARG A 104 -8.86 -30.11 8.14
N ILE A 105 -8.48 -29.60 6.98
CA ILE A 105 -7.05 -29.49 6.66
C ILE A 105 -6.40 -28.52 7.63
N ALA A 106 -7.13 -27.47 8.03
CA ALA A 106 -6.64 -26.46 8.98
C ALA A 106 -6.53 -26.97 10.44
N LYS A 107 -7.56 -27.63 10.95
CA LYS A 107 -7.54 -28.13 12.33
C LYS A 107 -6.68 -29.36 12.55
N SER A 108 -6.20 -29.97 11.47
CA SER A 108 -5.43 -31.22 11.48
C SER A 108 -3.92 -31.03 11.37
N HIS A 109 -3.50 -29.79 11.17
CA HIS A 109 -2.09 -29.49 11.08
C HIS A 109 -1.59 -29.86 9.66
N GLY A 110 -2.55 -29.92 8.73
CA GLY A 110 -2.29 -30.06 7.31
C GLY A 110 -1.80 -28.82 6.58
N SER A 111 -1.80 -27.67 7.24
CA SER A 111 -1.31 -26.42 6.62
C SER A 111 -0.26 -25.77 7.46
N GLN A 112 0.93 -25.59 6.90
CA GLN A 112 2.01 -24.85 7.55
C GLN A 112 2.14 -23.51 6.84
N CYS A 113 2.82 -23.45 5.70
CA CYS A 113 3.08 -22.19 5.07
C CYS A 113 1.85 -21.75 4.34
N GLY A 114 1.06 -22.73 3.92
CA GLY A 114 -0.24 -22.57 3.34
C GLY A 114 -0.35 -22.42 1.85
N PHE A 115 0.77 -22.35 1.13
CA PHE A 115 0.70 -21.97 -0.29
C PHE A 115 0.10 -23.09 -1.18
N CYS A 116 0.37 -24.32 -0.80
CA CYS A 116 -0.21 -25.49 -1.45
C CYS A 116 -1.66 -25.82 -0.99
N THR A 117 -2.12 -25.17 0.06
CA THR A 117 -3.37 -25.61 0.71
C THR A 117 -4.61 -25.40 -0.13
N PRO A 118 -4.75 -24.21 -0.79
CA PRO A 118 -5.87 -24.07 -1.72
C PRO A 118 -6.02 -25.19 -2.79
N GLY A 119 -4.94 -25.63 -3.41
CA GLY A 119 -5.01 -26.68 -4.45
C GLY A 119 -5.40 -28.04 -3.89
N ILE A 120 -4.85 -28.37 -2.73
CA ILE A 120 -5.13 -29.65 -2.05
C ILE A 120 -6.58 -29.68 -1.64
N VAL A 121 -7.05 -28.58 -1.07
CA VAL A 121 -8.48 -28.40 -0.79
C VAL A 121 -9.37 -28.61 -2.02
N MET A 122 -8.96 -28.13 -3.20
CA MET A 122 -9.78 -28.25 -4.42
C MET A 122 -9.70 -29.63 -5.05
N SER A 123 -8.55 -30.28 -4.95
CA SER A 123 -8.45 -31.71 -5.26
C SER A 123 -9.37 -32.57 -4.39
N MET A 124 -9.33 -32.34 -3.07
CA MET A 124 -10.21 -33.05 -2.11
C MET A 124 -11.68 -32.74 -2.35
N TYR A 125 -12.01 -31.46 -2.45
CA TYR A 125 -13.36 -31.03 -2.80
C TYR A 125 -13.93 -31.71 -4.07
N THR A 126 -13.11 -31.82 -5.12
CA THR A 126 -13.55 -32.46 -6.38
C THR A 126 -13.83 -33.94 -6.18
N LEU A 127 -12.99 -34.62 -5.43
CA LEU A 127 -13.22 -36.03 -5.19
C LEU A 127 -14.62 -36.19 -4.62
N LEU A 128 -14.88 -35.45 -3.55
CA LEU A 128 -16.14 -35.54 -2.81
C LEU A 128 -17.39 -35.17 -3.60
N ARG A 129 -17.26 -34.30 -4.60
CA ARG A 129 -18.34 -33.99 -5.55
C ARG A 129 -18.65 -35.15 -6.45
N ASN A 130 -17.67 -36.01 -6.72
CA ASN A 130 -17.88 -37.19 -7.53
C ASN A 130 -18.20 -38.42 -6.69
N GLN A 131 -17.63 -38.48 -5.50
CA GLN A 131 -17.75 -39.62 -4.65
C GLN A 131 -17.84 -39.13 -3.22
N PRO A 132 -19.07 -38.95 -2.71
CA PRO A 132 -19.28 -38.45 -1.35
C PRO A 132 -18.84 -39.41 -0.22
N GLU A 133 -18.58 -40.68 -0.56
CA GLU A 133 -18.03 -41.64 0.40
C GLU A 133 -16.83 -42.30 -0.22
N PRO A 134 -15.71 -41.56 -0.30
CA PRO A 134 -14.57 -42.16 -0.98
C PRO A 134 -13.95 -43.28 -0.12
N THR A 135 -13.12 -44.11 -0.72
CA THR A 135 -12.22 -44.98 0.04
C THR A 135 -10.96 -44.20 0.36
N VAL A 136 -10.24 -44.71 1.36
CA VAL A 136 -8.96 -44.18 1.80
C VAL A 136 -7.97 -44.13 0.65
N GLU A 137 -8.09 -45.11 -0.26
CA GLU A 137 -7.28 -45.25 -1.45
C GLU A 137 -7.55 -44.14 -2.42
N GLU A 138 -8.83 -43.87 -2.61
CA GLU A 138 -9.27 -42.83 -3.54
C GLU A 138 -8.77 -41.48 -3.05
N ILE A 139 -8.86 -41.26 -1.74
CA ILE A 139 -8.34 -40.05 -1.08
C ILE A 139 -6.85 -39.85 -1.40
N GLU A 140 -5.98 -40.84 -1.14
CA GLU A 140 -4.53 -40.66 -1.43
C GLU A 140 -4.23 -40.36 -2.91
N ASP A 141 -4.94 -41.03 -3.83
CA ASP A 141 -4.71 -40.85 -5.26
C ASP A 141 -5.23 -39.54 -5.78
N ALA A 142 -6.11 -38.91 -4.98
CA ALA A 142 -6.66 -37.58 -5.29
C ALA A 142 -5.58 -36.52 -5.40
N PHE A 143 -4.47 -36.74 -4.70
CA PHE A 143 -3.40 -35.75 -4.55
C PHE A 143 -2.11 -36.06 -5.26
N GLN A 144 -2.14 -37.02 -6.17
CA GLN A 144 -1.03 -37.29 -7.10
C GLN A 144 -0.47 -36.03 -7.75
N GLY A 145 -1.34 -35.07 -8.07
CA GLY A 145 -0.94 -33.85 -8.76
C GLY A 145 -0.62 -32.62 -7.92
N ASN A 146 -0.48 -32.81 -6.60
CA ASN A 146 -0.32 -31.72 -5.63
C ASN A 146 0.94 -31.90 -4.77
N LEU A 147 1.84 -30.93 -4.82
CA LEU A 147 3.07 -30.92 -4.00
C LEU A 147 2.96 -30.05 -2.73
N CYS A 148 3.62 -30.49 -1.66
CA CYS A 148 3.73 -29.78 -0.39
C CYS A 148 5.12 -29.99 0.13
N ARG A 149 5.78 -28.89 0.49
CA ARG A 149 7.18 -28.90 0.81
C ARG A 149 7.38 -28.89 2.35
N CYS A 150 6.29 -28.66 3.06
CA CYS A 150 6.32 -28.27 4.45
C CYS A 150 6.00 -29.41 5.42
N THR A 151 4.95 -30.16 5.08
CA THR A 151 4.21 -31.01 6.04
C THR A 151 4.67 -32.45 6.11
N GLY A 152 5.28 -32.96 5.02
CA GLY A 152 5.53 -34.42 4.87
C GLY A 152 4.26 -35.25 4.70
N TYR A 153 3.15 -34.58 4.37
CA TYR A 153 1.90 -35.20 3.92
C TYR A 153 1.03 -35.99 4.96
N ARG A 154 1.66 -36.67 5.91
CA ARG A 154 0.92 -37.48 6.93
C ARG A 154 -0.34 -36.80 7.53
N PRO A 155 -0.21 -35.56 8.07
CA PRO A 155 -1.36 -34.87 8.65
C PRO A 155 -2.50 -34.54 7.71
N ILE A 156 -2.22 -34.36 6.41
CA ILE A 156 -3.22 -34.00 5.41
C ILE A 156 -4.09 -35.20 5.15
N LEU A 157 -3.41 -36.31 4.85
CA LEU A 157 -4.09 -37.55 4.54
C LEU A 157 -4.86 -37.98 5.76
N GLN A 158 -4.28 -37.77 6.94
CA GLN A 158 -4.95 -38.16 8.18
C GLN A 158 -6.21 -37.35 8.48
N GLY A 159 -6.14 -36.05 8.32
CA GLY A 159 -7.33 -35.19 8.43
C GLY A 159 -8.45 -35.64 7.50
N PHE A 160 -8.07 -36.15 6.33
CA PHE A 160 -9.02 -36.44 5.28
C PHE A 160 -9.62 -37.86 5.31
N ARG A 161 -9.04 -38.77 6.08
CA ARG A 161 -9.55 -40.15 6.22
C ARG A 161 -10.84 -40.15 6.96
N THR A 162 -11.09 -39.07 7.69
CA THR A 162 -12.39 -38.81 8.33
C THR A 162 -13.57 -38.77 7.34
N PHE A 163 -13.30 -38.44 6.07
CA PHE A 163 -14.29 -38.47 5.00
C PHE A 163 -14.60 -39.88 4.45
N ALA A 164 -13.63 -40.80 4.51
CA ALA A 164 -13.75 -42.12 3.92
C ALA A 164 -15.12 -42.78 4.16
N PRO B 5 -24.17 -26.02 -31.03
CA PRO B 5 -22.99 -25.16 -30.89
C PRO B 5 -22.59 -24.54 -32.21
N LYS B 6 -22.32 -23.24 -32.21
CA LYS B 6 -21.76 -22.56 -33.37
C LYS B 6 -20.26 -22.38 -33.18
N GLN B 7 -19.54 -22.33 -34.29
CA GLN B 7 -18.11 -22.03 -34.32
C GLN B 7 -17.82 -20.67 -33.68
N LEU B 8 -16.90 -20.62 -32.73
CA LEU B 8 -16.47 -19.35 -32.13
C LEU B 8 -15.11 -18.95 -32.61
N ARG B 9 -14.88 -17.64 -32.68
CA ARG B 9 -13.60 -17.11 -33.10
C ARG B 9 -13.11 -16.02 -32.15
N PHE B 10 -12.00 -16.32 -31.47
CA PHE B 10 -11.33 -15.42 -30.59
C PHE B 10 -10.05 -15.01 -31.28
N GLU B 11 -9.67 -13.76 -31.08
CA GLU B 11 -8.53 -13.15 -31.76
C GLU B 11 -7.74 -12.39 -30.73
N GLY B 12 -6.46 -12.72 -30.58
CA GLY B 12 -5.61 -12.03 -29.61
C GLY B 12 -4.57 -11.11 -30.23
N GLU B 13 -3.53 -10.84 -29.45
CA GLU B 13 -2.38 -10.05 -29.92
C GLU B 13 -1.53 -10.77 -30.99
N ARG B 14 -1.55 -12.09 -30.99
CA ARG B 14 -0.68 -12.86 -31.88
C ARG B 14 -1.31 -14.13 -32.44
N VAL B 15 -2.50 -14.50 -31.96
CA VAL B 15 -3.07 -15.82 -32.15
C VAL B 15 -4.54 -15.68 -32.44
N THR B 16 -5.04 -16.49 -33.38
CA THR B 16 -6.47 -16.64 -33.63
C THR B 16 -6.86 -18.04 -33.18
N TRP B 17 -7.97 -18.16 -32.47
CA TRP B 17 -8.44 -19.42 -31.95
C TRP B 17 -9.81 -19.64 -32.59
N ILE B 18 -9.96 -20.74 -33.32
CA ILE B 18 -11.27 -21.18 -33.79
C ILE B 18 -11.72 -22.42 -33.00
N GLN B 19 -12.92 -22.36 -32.48
CA GLN B 19 -13.50 -23.46 -31.73
C GLN B 19 -14.48 -24.14 -32.68
N ALA B 20 -14.09 -25.29 -33.22
CA ALA B 20 -14.91 -26.00 -34.19
C ALA B 20 -16.06 -26.75 -33.51
N SER B 21 -17.27 -26.62 -34.05
CA SER B 21 -18.46 -27.30 -33.51
C SER B 21 -18.75 -28.71 -34.09
N THR B 22 -18.07 -29.03 -35.17
CA THR B 22 -18.50 -30.04 -36.13
C THR B 22 -17.21 -30.66 -36.72
N LEU B 23 -17.17 -31.97 -36.96
CA LEU B 23 -16.03 -32.61 -37.66
C LEU B 23 -15.77 -31.99 -39.03
N LYS B 24 -16.85 -31.65 -39.71
CA LYS B 24 -16.79 -31.17 -41.10
C LYS B 24 -16.04 -29.84 -41.15
N GLU B 25 -16.42 -28.94 -40.26
CA GLU B 25 -15.72 -27.68 -40.00
C GLU B 25 -14.23 -27.84 -39.79
N LEU B 26 -13.83 -28.72 -38.86
CA LEU B 26 -12.41 -29.00 -38.59
C LEU B 26 -11.61 -29.39 -39.85
N LEU B 27 -12.13 -30.36 -40.61
CA LEU B 27 -11.43 -30.87 -41.80
C LEU B 27 -11.33 -29.77 -42.85
N ASP B 28 -12.32 -28.88 -42.89
CA ASP B 28 -12.22 -27.71 -43.77
C ASP B 28 -11.23 -26.65 -43.26
N LEU B 29 -11.29 -26.32 -41.97
CA LEU B 29 -10.32 -25.42 -41.34
C LEU B 29 -8.90 -25.91 -41.58
N LYS B 30 -8.63 -27.16 -41.22
CA LYS B 30 -7.30 -27.77 -41.38
C LYS B 30 -6.82 -27.92 -42.83
N ALA B 31 -7.74 -28.01 -43.79
CA ALA B 31 -7.39 -27.97 -45.22
C ALA B 31 -7.03 -26.54 -45.66
N GLN B 32 -7.79 -25.53 -45.22
CA GLN B 32 -7.47 -24.10 -45.47
C GLN B 32 -6.19 -23.66 -44.79
N HIS B 33 -6.01 -24.14 -43.55
CA HIS B 33 -4.91 -23.78 -42.64
C HIS B 33 -4.22 -25.01 -42.11
N PRO B 34 -3.46 -25.72 -42.98
CA PRO B 34 -2.83 -26.97 -42.56
C PRO B 34 -1.76 -26.79 -41.49
N GLU B 35 -1.36 -25.54 -41.29
CA GLU B 35 -0.41 -25.15 -40.25
C GLU B 35 -1.03 -25.15 -38.85
N ALA B 36 -2.32 -24.79 -38.79
CA ALA B 36 -3.12 -24.68 -37.56
C ALA B 36 -2.82 -25.75 -36.53
N LYS B 37 -2.64 -25.34 -35.27
CA LYS B 37 -2.40 -26.27 -34.15
C LYS B 37 -3.72 -26.69 -33.58
N LEU B 38 -3.95 -27.99 -33.46
CA LEU B 38 -5.09 -28.46 -32.70
C LEU B 38 -4.73 -28.27 -31.25
N VAL B 39 -5.62 -27.71 -30.46
CA VAL B 39 -5.42 -27.73 -29.03
C VAL B 39 -6.62 -28.37 -28.40
N VAL B 40 -6.36 -29.31 -27.49
CA VAL B 40 -7.43 -29.94 -26.72
C VAL B 40 -7.23 -29.61 -25.24
N GLY B 41 -6.31 -30.31 -24.59
CA GLY B 41 -5.98 -30.02 -23.17
C GLY B 41 -4.99 -28.87 -22.96
N ASN B 42 -4.17 -28.57 -23.98
CA ASN B 42 -3.07 -27.58 -23.90
C ASN B 42 -1.89 -27.96 -22.98
N THR B 43 -1.90 -29.18 -22.47
CA THR B 43 -0.92 -29.63 -21.50
C THR B 43 0.48 -29.84 -22.15
N GLU B 44 0.51 -29.85 -23.48
CA GLU B 44 1.72 -29.81 -24.27
C GLU B 44 1.90 -28.44 -25.00
N ILE B 45 0.88 -27.99 -25.75
CA ILE B 45 1.05 -26.70 -26.43
C ILE B 45 1.39 -25.56 -25.41
N GLY B 46 0.81 -25.58 -24.21
CA GLY B 46 1.06 -24.53 -23.18
C GLY B 46 2.49 -24.42 -22.70
N ILE B 47 3.19 -25.55 -22.76
CA ILE B 47 4.58 -25.71 -22.34
C ILE B 47 5.56 -25.32 -23.44
N GLU B 48 5.22 -25.69 -24.66
CA GLU B 48 5.92 -25.27 -25.86
C GLU B 48 5.88 -23.78 -26.07
N MET B 49 4.69 -23.19 -25.88
CA MET B 49 4.54 -21.76 -25.98
C MET B 49 5.29 -21.05 -24.85
N LYS B 50 5.08 -21.46 -23.60
CA LYS B 50 5.63 -20.73 -22.44
C LYS B 50 7.13 -20.92 -22.28
N PHE B 51 7.62 -22.14 -22.49
CA PHE B 51 9.00 -22.50 -22.16
C PHE B 51 9.97 -22.69 -23.38
N LYS B 52 9.42 -22.85 -24.59
CA LYS B 52 10.15 -23.08 -25.82
C LYS B 52 9.93 -21.91 -26.79
N ASN B 53 9.19 -20.90 -26.31
CA ASN B 53 8.64 -19.77 -27.11
C ASN B 53 8.23 -20.10 -28.51
N GLN B 54 7.46 -21.18 -28.65
CA GLN B 54 6.79 -21.42 -29.91
C GLN B 54 5.56 -20.49 -29.99
N LEU B 55 5.49 -19.75 -31.08
CA LEU B 55 4.27 -19.06 -31.47
C LEU B 55 3.62 -19.86 -32.61
N PHE B 56 2.38 -20.26 -32.36
CA PHE B 56 1.50 -20.89 -33.33
C PHE B 56 0.35 -19.90 -33.56
N PRO B 57 0.38 -19.15 -34.69
CA PRO B 57 -0.57 -18.07 -34.92
C PRO B 57 -2.03 -18.47 -35.21
N MET B 58 -2.27 -19.78 -35.34
CA MET B 58 -3.60 -20.32 -35.59
C MET B 58 -3.82 -21.59 -34.77
N ILE B 59 -4.83 -21.58 -33.91
CA ILE B 59 -5.22 -22.71 -33.11
C ILE B 59 -6.66 -23.13 -33.48
N ILE B 60 -6.87 -24.43 -33.75
CA ILE B 60 -8.22 -24.98 -33.79
C ILE B 60 -8.42 -25.80 -32.53
N CYS B 61 -9.50 -25.53 -31.79
CA CYS B 61 -9.86 -26.39 -30.72
C CYS B 61 -11.00 -27.25 -31.19
N PRO B 62 -10.75 -28.58 -31.36
CA PRO B 62 -11.77 -29.50 -31.81
C PRO B 62 -12.49 -30.24 -30.68
N ALA B 63 -12.36 -29.74 -29.46
CA ALA B 63 -12.89 -30.40 -28.25
C ALA B 63 -14.42 -30.59 -28.21
N TRP B 64 -15.18 -29.69 -28.83
CA TRP B 64 -16.65 -29.86 -28.93
C TRP B 64 -17.14 -30.98 -29.83
N ILE B 65 -16.31 -31.46 -30.74
CA ILE B 65 -16.74 -32.38 -31.81
C ILE B 65 -17.10 -33.77 -31.25
N PRO B 66 -18.36 -34.22 -31.46
CA PRO B 66 -18.73 -35.56 -30.96
C PRO B 66 -18.26 -36.54 -32.03
N GLU B 67 -17.61 -37.63 -31.71
CA GLU B 67 -16.83 -38.35 -32.77
C GLU B 67 -15.41 -38.40 -32.28
N LEU B 68 -14.87 -37.21 -31.95
CA LEU B 68 -13.62 -37.07 -31.24
C LEU B 68 -13.79 -37.36 -29.77
N ASN B 69 -15.03 -37.51 -29.31
CA ASN B 69 -15.33 -37.73 -27.91
C ASN B 69 -16.12 -39.01 -27.64
N ALA B 70 -16.43 -39.75 -28.71
CA ALA B 70 -17.17 -41.02 -28.66
C ALA B 70 -16.38 -42.19 -28.06
N VAL B 71 -17.05 -42.98 -27.22
CA VAL B 71 -16.50 -44.23 -26.72
C VAL B 71 -17.33 -45.39 -27.28
N GLU B 72 -16.72 -46.15 -28.19
CA GLU B 72 -17.40 -47.20 -28.93
C GLU B 72 -16.80 -48.58 -28.66
N HIS B 73 -17.64 -49.47 -28.12
CA HIS B 73 -17.34 -50.87 -27.99
C HIS B 73 -17.61 -51.58 -29.31
N GLY B 74 -16.76 -52.54 -29.60
CA GLY B 74 -16.72 -53.22 -30.89
C GLY B 74 -16.22 -54.64 -30.69
N PRO B 75 -16.24 -55.44 -31.75
CA PRO B 75 -15.91 -56.86 -31.59
C PRO B 75 -14.40 -57.13 -31.38
N GLU B 76 -13.57 -56.20 -31.85
CA GLU B 76 -12.10 -56.28 -31.79
C GLU B 76 -11.48 -55.43 -30.69
N GLY B 77 -12.27 -54.67 -29.95
CA GLY B 77 -11.73 -53.70 -28.97
C GLY B 77 -12.63 -52.50 -28.66
N ILE B 78 -12.05 -51.58 -27.90
CA ILE B 78 -12.75 -50.40 -27.42
C ILE B 78 -12.16 -49.16 -28.06
N SER B 79 -13.00 -48.41 -28.76
CA SER B 79 -12.50 -47.25 -29.50
C SER B 79 -12.74 -45.96 -28.67
N PHE B 80 -11.72 -45.10 -28.61
CA PHE B 80 -11.89 -43.78 -28.00
C PHE B 80 -11.62 -42.73 -29.06
N GLY B 81 -12.50 -41.74 -29.17
CA GLY B 81 -12.21 -40.53 -29.90
C GLY B 81 -10.94 -39.89 -29.36
N ALA B 82 -10.26 -39.16 -30.24
CA ALA B 82 -8.94 -38.61 -29.99
C ALA B 82 -8.92 -37.49 -28.98
N ALA B 83 -10.06 -36.83 -28.79
CA ALA B 83 -10.17 -35.67 -27.89
C ALA B 83 -10.51 -36.12 -26.48
N CYS B 84 -10.83 -37.41 -26.32
CA CYS B 84 -11.12 -38.02 -25.00
C CYS B 84 -9.94 -37.88 -24.02
N ALA B 85 -10.30 -37.57 -22.77
CA ALA B 85 -9.38 -37.40 -21.67
C ALA B 85 -8.88 -38.75 -21.24
N LEU B 86 -7.62 -38.78 -20.82
CA LEU B 86 -7.00 -39.97 -20.25
C LEU B 86 -7.77 -40.50 -19.03
N SER B 87 -8.36 -39.60 -18.23
CA SER B 87 -9.23 -40.01 -17.12
C SER B 87 -10.41 -40.87 -17.56
N SER B 88 -10.92 -40.60 -18.76
CA SER B 88 -12.06 -41.35 -19.32
C SER B 88 -11.60 -42.71 -19.83
N VAL B 89 -10.48 -42.68 -20.57
CA VAL B 89 -9.83 -43.88 -21.03
C VAL B 89 -9.55 -44.74 -19.82
N GLU B 90 -8.86 -44.19 -18.84
CA GLU B 90 -8.60 -44.88 -17.58
C GLU B 90 -9.86 -45.49 -16.96
N LYS B 91 -10.95 -44.73 -16.90
CA LYS B 91 -12.16 -45.21 -16.21
C LYS B 91 -12.83 -46.38 -16.96
N THR B 92 -12.92 -46.24 -18.28
CA THR B 92 -13.54 -47.21 -19.18
C THR B 92 -12.79 -48.55 -19.26
N LEU B 93 -11.46 -48.49 -19.26
CA LEU B 93 -10.61 -49.67 -19.27
C LEU B 93 -10.68 -50.40 -17.93
N LEU B 94 -10.76 -49.66 -16.83
CA LEU B 94 -10.97 -50.25 -15.51
C LEU B 94 -12.27 -51.05 -15.43
N GLU B 95 -13.33 -50.53 -16.09
CA GLU B 95 -14.60 -51.24 -16.20
C GLU B 95 -14.46 -52.47 -17.13
N ALA B 96 -13.91 -52.28 -18.34
CA ALA B 96 -13.52 -53.40 -19.18
C ALA B 96 -12.76 -54.49 -18.41
N VAL B 97 -11.76 -54.11 -17.61
CA VAL B 97 -10.89 -55.07 -16.88
C VAL B 97 -11.65 -55.84 -15.77
N ALA B 98 -12.48 -55.13 -15.01
CA ALA B 98 -13.35 -55.76 -14.00
C ALA B 98 -14.44 -56.64 -14.62
N LYS B 99 -14.86 -56.33 -15.85
CA LYS B 99 -16.00 -57.00 -16.48
C LYS B 99 -15.57 -58.20 -17.33
N LEU B 100 -14.62 -57.99 -18.25
CA LEU B 100 -14.20 -59.04 -19.18
C LEU B 100 -13.21 -60.07 -18.56
N PRO B 101 -13.03 -61.23 -19.24
CA PRO B 101 -12.15 -62.28 -18.74
C PRO B 101 -10.72 -61.90 -18.92
N THR B 102 -9.87 -62.19 -17.96
CA THR B 102 -8.46 -61.85 -18.03
C THR B 102 -7.83 -61.96 -19.43
N GLN B 103 -8.18 -63.00 -20.18
CA GLN B 103 -7.51 -63.23 -21.46
C GLN B 103 -7.84 -62.22 -22.57
N LYS B 104 -8.90 -61.43 -22.37
CA LYS B 104 -9.28 -60.41 -23.34
C LYS B 104 -8.74 -59.01 -22.97
N THR B 105 -8.37 -58.80 -21.71
CA THR B 105 -7.96 -57.50 -21.18
C THR B 105 -6.43 -57.30 -20.93
N GLU B 106 -5.59 -58.06 -21.64
CA GLU B 106 -4.12 -58.04 -21.41
C GLU B 106 -3.54 -56.69 -21.77
N VAL B 107 -3.89 -56.21 -22.97
CA VAL B 107 -3.48 -54.88 -23.45
C VAL B 107 -4.05 -53.73 -22.56
N PHE B 108 -5.33 -53.84 -22.20
CA PHE B 108 -5.99 -52.83 -21.35
C PHE B 108 -5.22 -52.60 -20.08
N ARG B 109 -4.85 -53.68 -19.42
CA ARG B 109 -4.13 -53.64 -18.17
C ARG B 109 -2.71 -53.09 -18.35
N GLY B 110 -2.16 -53.15 -19.56
CA GLY B 110 -0.90 -52.46 -19.90
C GLY B 110 -1.05 -50.95 -19.98
N VAL B 111 -2.13 -50.48 -20.60
CA VAL B 111 -2.47 -49.07 -20.64
C VAL B 111 -2.64 -48.55 -19.22
N LEU B 112 -3.48 -49.24 -18.44
CA LEU B 112 -3.74 -48.84 -17.06
C LEU B 112 -2.44 -48.74 -16.24
N GLU B 113 -1.48 -49.64 -16.49
CA GLU B 113 -0.19 -49.65 -15.77
C GLU B 113 0.66 -48.44 -16.09
N GLN B 114 0.61 -47.97 -17.34
CA GLN B 114 1.27 -46.74 -17.71
C GLN B 114 0.49 -45.54 -17.18
N LEU B 115 -0.84 -45.61 -17.16
CA LEU B 115 -1.69 -44.51 -16.64
C LEU B 115 -1.61 -44.30 -15.14
N ARG B 116 -1.07 -45.27 -14.40
CA ARG B 116 -1.15 -45.31 -12.95
C ARG B 116 -0.45 -44.15 -12.24
N TRP B 117 0.87 -44.08 -12.36
CA TRP B 117 1.68 -43.03 -11.77
C TRP B 117 2.12 -42.13 -12.92
N PHE B 118 1.13 -41.59 -13.60
CA PHE B 118 1.25 -40.75 -14.76
C PHE B 118 0.73 -39.40 -14.27
N ALA B 119 1.51 -38.35 -14.36
CA ALA B 119 0.99 -37.03 -13.94
C ALA B 119 0.20 -37.11 -12.62
N GLY B 120 -1.10 -36.82 -12.68
CA GLY B 120 -1.97 -36.51 -11.54
C GLY B 120 -3.41 -36.35 -12.07
N LYS B 121 -4.44 -36.29 -11.21
CA LYS B 121 -5.85 -36.22 -11.69
C LYS B 121 -6.11 -34.99 -12.55
N GLN B 122 -5.51 -33.87 -12.21
CA GLN B 122 -5.66 -32.62 -12.94
C GLN B 122 -5.24 -32.73 -14.40
N VAL B 123 -4.09 -33.35 -14.63
CA VAL B 123 -3.55 -33.47 -16.00
C VAL B 123 -4.39 -34.45 -16.79
N LYS B 124 -4.67 -35.57 -16.18
CA LYS B 124 -5.41 -36.63 -16.85
C LYS B 124 -6.82 -36.22 -17.21
N SER B 125 -7.47 -35.37 -16.39
CA SER B 125 -8.82 -34.87 -16.72
C SER B 125 -8.86 -33.96 -17.93
N VAL B 126 -7.72 -33.44 -18.35
CA VAL B 126 -7.65 -32.53 -19.51
C VAL B 126 -6.77 -33.09 -20.68
N ALA B 127 -5.77 -33.89 -20.36
CA ALA B 127 -4.90 -34.44 -21.39
C ALA B 127 -5.68 -35.38 -22.29
N SER B 128 -5.58 -35.15 -23.62
CA SER B 128 -6.26 -35.99 -24.60
C SER B 128 -5.42 -37.18 -25.03
N LEU B 129 -6.08 -38.29 -25.31
CA LEU B 129 -5.44 -39.46 -25.92
C LEU B 129 -4.65 -39.04 -27.19
N GLY B 130 -5.34 -38.38 -28.10
CA GLY B 130 -4.76 -38.01 -29.36
C GLY B 130 -3.60 -37.04 -29.25
N GLY B 131 -3.64 -36.17 -28.24
CA GLY B 131 -2.56 -35.21 -27.97
C GLY B 131 -1.29 -35.90 -27.55
N ASN B 132 -1.39 -36.98 -26.76
CA ASN B 132 -0.22 -37.77 -26.38
C ASN B 132 0.43 -38.41 -27.58
N ILE B 133 -0.40 -39.07 -28.38
CA ILE B 133 0.04 -39.83 -29.54
C ILE B 133 0.71 -38.94 -30.56
N ILE B 134 0.06 -37.82 -30.91
CA ILE B 134 0.58 -36.95 -31.96
C ILE B 134 1.72 -36.08 -31.44
N THR B 135 1.72 -35.77 -30.14
CA THR B 135 2.88 -35.11 -29.56
C THR B 135 4.16 -35.88 -29.90
N ALA B 136 4.13 -37.21 -29.83
CA ALA B 136 5.27 -38.08 -30.19
C ALA B 136 6.55 -37.77 -29.41
N SER B 137 6.40 -37.57 -28.11
CA SER B 137 7.58 -37.43 -27.26
C SER B 137 8.34 -38.77 -27.28
N PRO B 138 9.67 -38.72 -27.43
CA PRO B 138 10.48 -39.94 -27.24
C PRO B 138 10.11 -40.73 -25.99
N ILE B 139 9.65 -40.04 -24.94
CA ILE B 139 9.36 -40.65 -23.61
C ILE B 139 7.86 -40.82 -23.33
N SER B 140 7.03 -40.75 -24.36
CA SER B 140 5.60 -41.07 -24.24
C SER B 140 5.46 -42.48 -23.69
N ASP B 141 4.60 -42.62 -22.66
CA ASP B 141 4.43 -43.90 -21.95
C ASP B 141 3.34 -44.73 -22.59
N LEU B 142 2.52 -44.07 -23.42
CA LEU B 142 1.43 -44.72 -24.12
C LEU B 142 1.81 -45.27 -25.50
N ASN B 143 2.55 -44.49 -26.29
CA ASN B 143 2.94 -44.91 -27.64
C ASN B 143 3.72 -46.24 -27.80
N PRO B 144 4.58 -46.62 -26.83
CA PRO B 144 5.11 -48.00 -26.77
C PRO B 144 4.08 -49.11 -26.57
N VAL B 145 3.05 -48.85 -25.74
CA VAL B 145 1.92 -49.78 -25.56
C VAL B 145 1.05 -49.86 -26.86
N PHE B 146 0.75 -48.71 -27.45
CA PHE B 146 -0.01 -48.68 -28.71
C PHE B 146 0.69 -49.34 -29.89
N MET B 147 1.99 -49.08 -30.03
CA MET B 147 2.81 -49.73 -31.06
C MET B 147 2.97 -51.22 -30.82
N ALA B 148 3.29 -51.65 -29.59
CA ALA B 148 3.52 -53.09 -29.36
C ALA B 148 2.23 -53.92 -29.57
N SER B 149 1.07 -53.25 -29.50
CA SER B 149 -0.24 -53.93 -29.59
C SER B 149 -0.91 -53.76 -30.95
N GLY B 150 -0.32 -53.03 -31.87
CA GLY B 150 -0.93 -52.72 -33.15
C GLY B 150 -2.23 -51.93 -33.02
N THR B 151 -2.28 -51.01 -32.04
CA THR B 151 -3.49 -50.26 -31.79
C THR B 151 -3.84 -49.46 -33.05
N LYS B 152 -5.08 -49.66 -33.53
CA LYS B 152 -5.55 -49.07 -34.81
C LYS B 152 -5.91 -47.59 -34.68
N LEU B 153 -5.39 -46.80 -35.62
CA LEU B 153 -5.58 -45.36 -35.63
C LEU B 153 -6.43 -44.95 -36.84
N THR B 154 -7.67 -44.48 -36.58
CA THR B 154 -8.49 -43.83 -37.63
C THR B 154 -8.18 -42.34 -37.84
N ILE B 155 -7.72 -42.08 -39.06
CA ILE B 155 -7.15 -40.84 -39.50
C ILE B 155 -7.98 -40.33 -40.65
N VAL B 156 -8.40 -39.07 -40.52
CA VAL B 156 -9.29 -38.42 -41.47
C VAL B 156 -8.70 -37.09 -41.93
N SER B 157 -8.80 -36.83 -43.22
CA SER B 157 -8.76 -35.48 -43.77
C SER B 157 -10.10 -35.29 -44.49
N ARG B 158 -10.27 -34.14 -45.11
CA ARG B 158 -11.49 -33.88 -45.89
C ARG B 158 -11.55 -34.76 -47.16
N GLY B 159 -12.48 -35.71 -47.20
CA GLY B 159 -12.57 -36.67 -48.33
C GLY B 159 -12.08 -38.06 -47.95
N THR B 160 -10.84 -38.10 -47.44
CA THR B 160 -10.15 -39.36 -47.11
C THR B 160 -10.42 -39.84 -45.68
N ARG B 161 -10.45 -41.15 -45.52
CA ARG B 161 -10.45 -41.81 -44.20
C ARG B 161 -9.63 -43.08 -44.32
N ARG B 162 -8.85 -43.39 -43.28
CA ARG B 162 -8.08 -44.64 -43.23
C ARG B 162 -7.85 -45.08 -41.79
N THR B 163 -7.75 -46.39 -41.61
CA THR B 163 -7.36 -46.97 -40.34
C THR B 163 -6.05 -47.74 -40.48
N VAL B 164 -4.98 -47.26 -39.85
CA VAL B 164 -3.71 -48.00 -39.79
C VAL B 164 -3.42 -48.51 -38.37
N PRO B 165 -2.93 -49.77 -38.22
CA PRO B 165 -2.25 -50.12 -36.94
C PRO B 165 -0.97 -49.28 -36.69
N MET B 166 -0.72 -48.92 -35.43
CA MET B 166 0.54 -48.25 -35.10
C MET B 166 1.66 -49.30 -35.19
N ASP B 167 2.70 -48.94 -35.94
CA ASP B 167 3.92 -49.70 -36.04
C ASP B 167 5.08 -48.75 -36.04
N HIS B 168 6.27 -49.27 -36.25
CA HIS B 168 7.48 -48.49 -36.14
C HIS B 168 7.51 -47.27 -37.08
N THR B 169 6.80 -47.38 -38.21
CA THR B 169 6.85 -46.38 -39.28
C THR B 169 5.96 -45.19 -38.98
N PHE B 170 5.06 -45.33 -37.99
CA PHE B 170 4.25 -44.18 -37.56
C PHE B 170 5.09 -43.04 -36.93
N PHE B 171 6.35 -43.30 -36.57
CA PHE B 171 7.25 -42.27 -36.02
C PHE B 171 8.57 -42.13 -36.81
N PRO B 172 8.55 -41.35 -37.91
CA PRO B 172 9.71 -41.27 -38.81
C PRO B 172 10.87 -40.46 -38.25
N SER B 173 10.55 -39.39 -37.53
CA SER B 173 11.54 -38.41 -37.10
C SER B 173 11.15 -37.93 -35.71
N TYR B 174 11.98 -37.05 -35.16
CA TYR B 174 11.80 -36.46 -33.83
C TYR B 174 10.58 -35.54 -33.80
N ARG B 175 9.62 -35.91 -32.95
CA ARG B 175 8.41 -35.12 -32.66
C ARG B 175 7.43 -35.07 -33.84
N LYS B 176 7.39 -36.14 -34.60
CA LYS B 176 6.77 -36.16 -35.90
C LYS B 176 6.08 -37.52 -36.09
N THR B 177 4.94 -37.50 -36.76
CA THR B 177 4.12 -38.66 -37.01
C THR B 177 3.87 -38.77 -38.51
N LEU B 178 3.31 -39.89 -38.91
CA LEU B 178 3.04 -40.16 -40.29
C LEU B 178 1.57 -39.80 -40.60
N LEU B 179 1.10 -38.65 -40.10
CA LEU B 179 -0.09 -37.99 -40.60
C LEU B 179 0.32 -36.89 -41.58
N GLY B 180 -0.29 -36.88 -42.77
CA GLY B 180 -0.17 -35.73 -43.68
C GLY B 180 -0.70 -34.43 -43.10
N PRO B 181 -0.39 -33.29 -43.72
CA PRO B 181 -0.64 -31.96 -43.11
C PRO B 181 -2.10 -31.55 -42.94
N GLU B 182 -2.98 -32.14 -43.73
CA GLU B 182 -4.40 -31.77 -43.72
C GLU B 182 -5.21 -32.79 -42.87
N GLU B 183 -4.47 -33.71 -42.26
CA GLU B 183 -5.04 -34.87 -41.63
C GLU B 183 -5.13 -34.68 -40.12
N ILE B 184 -6.12 -35.29 -39.49
CA ILE B 184 -6.18 -35.31 -38.03
C ILE B 184 -6.40 -36.73 -37.54
N LEU B 185 -6.04 -36.98 -36.28
CA LEU B 185 -6.40 -38.22 -35.61
C LEU B 185 -7.83 -38.18 -35.06
N LEU B 186 -8.67 -39.11 -35.54
CA LEU B 186 -10.09 -39.12 -35.20
C LEU B 186 -10.36 -40.04 -33.99
N SER B 187 -9.82 -41.25 -34.03
CA SER B 187 -10.07 -42.22 -32.97
C SER B 187 -9.06 -43.36 -32.91
N ILE B 188 -9.04 -44.02 -31.76
CA ILE B 188 -8.00 -44.99 -31.39
C ILE B 188 -8.67 -46.24 -30.84
N GLU B 189 -8.56 -47.38 -31.52
CA GLU B 189 -9.13 -48.64 -31.00
C GLU B 189 -8.05 -49.49 -30.32
N ILE B 190 -8.14 -49.62 -29.01
CA ILE B 190 -7.20 -50.38 -28.21
C ILE B 190 -7.82 -51.78 -28.18
N PRO B 191 -7.08 -52.81 -28.65
CA PRO B 191 -7.71 -54.11 -28.91
C PRO B 191 -7.89 -55.04 -27.70
N TYR B 192 -8.88 -55.93 -27.79
CA TYR B 192 -8.92 -57.09 -26.88
C TYR B 192 -7.70 -57.95 -27.22
N SER B 193 -7.23 -58.66 -26.22
CA SER B 193 -6.17 -59.62 -26.45
C SER B 193 -6.84 -60.95 -26.76
N ARG B 194 -6.17 -61.71 -27.62
CA ARG B 194 -6.68 -62.98 -28.10
C ARG B 194 -6.18 -64.08 -27.16
N GLU B 195 -6.62 -65.31 -27.41
CA GLU B 195 -6.12 -66.49 -26.68
C GLU B 195 -4.65 -66.75 -27.11
N ASP B 196 -3.82 -67.17 -26.15
CA ASP B 196 -2.36 -67.35 -26.38
C ASP B 196 -1.63 -66.01 -26.69
N GLU B 197 -2.19 -64.91 -26.16
CA GLU B 197 -1.61 -63.57 -26.30
C GLU B 197 -1.48 -62.90 -24.93
N PHE B 198 -0.25 -62.55 -24.56
CA PHE B 198 0.07 -61.94 -23.28
C PHE B 198 0.81 -60.60 -23.50
N PHE B 199 0.59 -59.64 -22.59
CA PHE B 199 1.10 -58.28 -22.77
C PHE B 199 1.58 -57.75 -21.45
N SER B 200 2.71 -57.02 -21.47
CA SER B 200 3.23 -56.28 -20.28
C SER B 200 3.68 -54.85 -20.68
N ALA B 201 3.61 -53.91 -19.74
CA ALA B 201 4.20 -52.57 -19.94
C ALA B 201 4.90 -52.14 -18.67
N PHE B 202 6.09 -51.53 -18.82
CA PHE B 202 6.92 -51.04 -17.70
C PHE B 202 7.44 -49.60 -17.91
N LYS B 203 7.75 -48.87 -16.82
CA LYS B 203 8.46 -47.58 -16.96
C LYS B 203 9.51 -47.31 -15.88
N GLN B 204 10.58 -46.64 -16.30
CA GLN B 204 11.58 -46.02 -15.43
C GLN B 204 10.96 -45.05 -14.39
N ALA B 205 11.38 -45.22 -13.14
CA ALA B 205 11.05 -44.30 -12.08
C ALA B 205 11.51 -42.88 -12.47
N SER B 206 12.83 -42.68 -12.46
CA SER B 206 13.46 -41.42 -12.87
C SER B 206 13.15 -40.86 -14.30
N ARG B 207 12.69 -39.61 -14.36
CA ARG B 207 12.92 -38.73 -15.53
C ARG B 207 13.68 -37.48 -15.02
N ARG B 208 14.46 -36.86 -15.90
CA ARG B 208 15.51 -35.95 -15.47
C ARG B 208 15.89 -34.90 -16.54
N GLU B 209 15.63 -35.22 -17.80
CA GLU B 209 15.71 -34.30 -18.93
C GLU B 209 14.32 -34.20 -19.52
N ASP B 210 14.08 -33.15 -20.29
CA ASP B 210 12.71 -32.78 -20.60
C ASP B 210 11.97 -33.79 -21.52
N ASP B 211 12.53 -34.23 -22.64
CA ASP B 211 11.80 -35.26 -23.42
C ASP B 211 12.62 -36.47 -23.86
N ILE B 212 13.65 -36.83 -23.10
CA ILE B 212 14.53 -37.93 -23.50
C ILE B 212 14.90 -38.81 -22.31
N ALA B 213 15.37 -40.04 -22.57
CA ALA B 213 16.09 -40.87 -21.58
C ALA B 213 15.29 -41.44 -20.39
N LYS B 214 13.98 -41.50 -20.51
CA LYS B 214 13.21 -42.26 -19.54
C LYS B 214 12.76 -43.55 -20.21
N VAL B 215 13.28 -44.69 -19.73
CA VAL B 215 12.93 -45.96 -20.38
C VAL B 215 11.48 -46.35 -20.07
N THR B 216 10.75 -46.63 -21.15
CA THR B 216 9.36 -47.01 -21.04
C THR B 216 9.05 -47.98 -22.19
N CYS B 217 8.28 -49.03 -21.91
CA CYS B 217 7.96 -50.02 -22.94
C CYS B 217 6.60 -50.68 -22.89
N GLY B 218 6.25 -51.27 -24.04
CA GLY B 218 5.16 -52.19 -24.18
C GLY B 218 5.65 -53.50 -24.79
N MET B 219 5.17 -54.61 -24.25
CA MET B 219 5.70 -55.92 -24.64
C MET B 219 4.58 -56.87 -24.96
N ARG B 220 4.56 -57.37 -26.19
CA ARG B 220 3.50 -58.30 -26.64
C ARG B 220 4.07 -59.60 -27.25
N VAL B 221 3.57 -60.74 -26.77
CA VAL B 221 3.79 -62.04 -27.40
C VAL B 221 2.48 -62.79 -27.78
N LEU B 222 2.39 -63.24 -29.03
CA LEU B 222 1.38 -64.24 -29.42
C LEU B 222 2.05 -65.56 -29.83
N PHE B 223 1.66 -66.60 -29.08
CA PHE B 223 2.05 -67.98 -29.32
C PHE B 223 1.12 -68.72 -30.28
N GLN B 224 1.66 -69.75 -30.96
CA GLN B 224 0.83 -70.76 -31.65
C GLN B 224 -0.12 -71.37 -30.61
N PRO B 225 -1.34 -71.81 -31.02
CA PRO B 225 -2.43 -72.15 -30.06
C PRO B 225 -2.10 -73.28 -29.08
N GLY B 226 -2.42 -73.09 -27.80
CA GLY B 226 -2.05 -74.03 -26.76
C GLY B 226 -0.55 -74.15 -26.51
N SER B 227 0.29 -73.49 -27.32
CA SER B 227 1.75 -73.71 -27.27
C SER B 227 2.57 -72.59 -26.63
N MET B 228 3.86 -72.87 -26.45
CA MET B 228 4.86 -71.88 -26.09
C MET B 228 5.77 -71.54 -27.25
N GLN B 229 5.28 -71.66 -28.48
CA GLN B 229 6.09 -71.35 -29.64
C GLN B 229 5.66 -70.01 -30.20
N VAL B 230 6.60 -69.08 -30.36
CA VAL B 230 6.31 -67.70 -30.77
C VAL B 230 5.77 -67.60 -32.22
N LYS B 231 4.59 -67.00 -32.37
CA LYS B 231 4.06 -66.60 -33.68
C LYS B 231 4.37 -65.13 -33.95
N GLU B 232 4.14 -64.29 -32.94
CA GLU B 232 4.55 -62.87 -33.00
C GLU B 232 5.11 -62.41 -31.67
N LEU B 233 6.00 -61.42 -31.73
CA LEU B 233 6.65 -60.83 -30.57
C LEU B 233 6.96 -59.36 -30.90
N ALA B 234 6.40 -58.45 -30.10
CA ALA B 234 6.72 -57.02 -30.22
C ALA B 234 7.28 -56.49 -28.90
N LEU B 235 8.38 -55.76 -28.99
CA LEU B 235 8.93 -55.04 -27.83
C LEU B 235 9.30 -53.66 -28.30
N CYS B 236 8.61 -52.66 -27.76
CA CYS B 236 8.77 -51.26 -28.17
C CYS B 236 9.06 -50.43 -26.94
N TYR B 237 9.87 -49.42 -27.15
CA TYR B 237 10.53 -48.68 -26.09
C TYR B 237 10.48 -47.21 -26.38
N GLY B 238 10.18 -46.41 -25.35
CA GLY B 238 10.47 -44.98 -25.35
C GLY B 238 11.72 -44.72 -24.52
N GLY B 239 12.33 -43.53 -24.64
CA GLY B 239 13.55 -43.19 -23.90
C GLY B 239 14.86 -43.88 -24.28
N MET B 240 14.93 -44.47 -25.49
CA MET B 240 16.16 -45.09 -26.05
C MET B 240 16.64 -44.50 -27.40
N ALA B 241 15.84 -43.60 -27.98
CA ALA B 241 16.19 -42.83 -29.16
C ALA B 241 15.39 -41.54 -29.09
N ASP B 242 15.36 -40.82 -30.20
CA ASP B 242 14.56 -39.60 -30.30
C ASP B 242 13.15 -39.91 -30.66
N ARG B 243 12.77 -41.17 -30.61
CA ARG B 243 11.39 -41.56 -30.84
C ARG B 243 11.09 -42.92 -30.25
N THR B 244 9.81 -43.25 -30.21
CA THR B 244 9.35 -44.61 -29.90
C THR B 244 9.91 -45.55 -30.99
N ILE B 245 10.60 -46.62 -30.57
CA ILE B 245 11.22 -47.58 -31.50
C ILE B 245 10.83 -49.00 -31.10
N SER B 246 10.73 -49.88 -32.11
CA SER B 246 10.52 -51.32 -31.89
C SER B 246 11.85 -52.09 -32.07
N ALA B 247 12.13 -53.06 -31.17
CA ALA B 247 13.29 -53.96 -31.31
C ALA B 247 13.00 -55.04 -32.34
N LEU B 248 13.09 -54.69 -33.61
CA LEU B 248 12.53 -55.51 -34.71
C LEU B 248 13.44 -56.65 -35.21
N LYS B 249 14.73 -56.36 -35.40
CA LYS B 249 15.76 -57.39 -35.59
C LYS B 249 15.70 -58.48 -34.46
N THR B 250 15.70 -58.07 -33.20
CA THR B 250 15.69 -59.02 -32.07
C THR B 250 14.46 -59.94 -32.02
N THR B 251 13.27 -59.38 -32.18
CA THR B 251 12.03 -60.17 -32.07
C THR B 251 11.73 -60.99 -33.34
N GLN B 252 12.16 -60.51 -34.50
CA GLN B 252 12.04 -61.32 -35.68
C GLN B 252 12.77 -62.66 -35.44
N LYS B 253 14.01 -62.61 -34.95
CA LYS B 253 14.78 -63.86 -34.67
C LYS B 253 14.06 -64.96 -33.84
N GLN B 254 13.04 -64.60 -33.09
CA GLN B 254 12.38 -65.53 -32.15
C GLN B 254 11.11 -66.14 -32.68
N LEU B 255 10.69 -65.73 -33.88
CA LEU B 255 9.53 -66.33 -34.50
C LEU B 255 9.79 -67.83 -34.70
N SER B 256 8.95 -68.63 -34.05
CA SER B 256 8.92 -70.08 -34.12
C SER B 256 9.87 -70.74 -33.14
N LYS B 257 10.55 -69.92 -32.34
CA LYS B 257 11.33 -70.41 -31.19
C LYS B 257 10.41 -70.60 -30.00
N PHE B 258 10.88 -71.33 -28.99
CA PHE B 258 10.08 -71.63 -27.82
C PHE B 258 10.46 -70.70 -26.67
N TRP B 259 9.55 -70.58 -25.69
CA TRP B 259 9.68 -69.66 -24.54
C TRP B 259 10.46 -70.27 -23.39
N ASN B 260 11.78 -70.30 -23.59
CA ASN B 260 12.70 -70.94 -22.64
C ASN B 260 13.92 -70.05 -22.33
N GLU B 261 14.83 -70.55 -21.51
CA GLU B 261 16.02 -69.84 -21.08
C GLU B 261 16.90 -69.40 -22.27
N LYS B 262 16.80 -70.10 -23.38
CA LYS B 262 17.59 -69.81 -24.57
C LYS B 262 17.05 -68.59 -25.28
N LEU B 263 15.72 -68.50 -25.32
CA LEU B 263 15.04 -67.31 -25.85
C LEU B 263 15.37 -66.07 -24.99
N LEU B 264 15.35 -66.27 -23.68
CA LEU B 264 15.74 -65.23 -22.74
C LEU B 264 17.10 -64.69 -23.09
N GLN B 265 18.08 -65.58 -23.24
CA GLN B 265 19.46 -65.23 -23.57
C GLN B 265 19.56 -64.52 -24.92
N ASP B 266 18.93 -65.09 -25.93
CA ASP B 266 19.02 -64.53 -27.27
C ASP B 266 18.35 -63.16 -27.38
N VAL B 267 17.23 -62.97 -26.68
CA VAL B 267 16.56 -61.65 -26.71
C VAL B 267 17.40 -60.60 -26.00
N CYS B 268 17.98 -60.94 -24.86
CA CYS B 268 18.92 -60.02 -24.23
C CYS B 268 20.14 -59.73 -25.10
N ALA B 269 20.68 -60.73 -25.79
CA ALA B 269 21.78 -60.47 -26.74
C ALA B 269 21.34 -59.46 -27.80
N GLY B 270 20.17 -59.70 -28.37
CA GLY B 270 19.64 -58.81 -29.40
C GLY B 270 19.39 -57.40 -28.92
N LEU B 271 18.74 -57.26 -27.76
CA LEU B 271 18.39 -55.95 -27.18
C LEU B 271 19.63 -55.15 -26.80
N ALA B 272 20.61 -55.81 -26.19
CA ALA B 272 21.86 -55.15 -25.78
C ALA B 272 22.55 -54.47 -26.96
N GLU B 273 22.38 -55.05 -28.13
CA GLU B 273 23.06 -54.61 -29.30
C GLU B 273 22.22 -53.68 -30.18
N GLU B 274 20.98 -54.06 -30.40
CA GLU B 274 20.08 -53.28 -31.25
C GLU B 274 19.66 -51.92 -30.63
N LEU B 275 19.64 -51.81 -29.30
CA LEU B 275 19.27 -50.54 -28.61
C LEU B 275 20.48 -49.88 -27.96
N SER B 276 21.68 -50.27 -28.39
CA SER B 276 22.93 -49.84 -27.76
C SER B 276 23.11 -48.33 -27.82
N LEU B 277 23.44 -47.74 -26.67
CA LEU B 277 23.61 -46.30 -26.53
C LEU B 277 25.07 -45.94 -26.65
N SER B 278 25.38 -44.94 -27.46
CA SER B 278 26.73 -44.41 -27.51
C SER B 278 27.01 -43.75 -26.17
N PRO B 279 28.31 -43.67 -25.76
CA PRO B 279 28.59 -43.07 -24.44
C PRO B 279 28.17 -41.59 -24.37
N ASP B 280 28.13 -40.92 -25.52
CA ASP B 280 27.70 -39.52 -25.62
C ASP B 280 26.19 -39.33 -25.95
N ALA B 281 25.37 -40.35 -25.67
CA ALA B 281 23.96 -40.34 -26.04
C ALA B 281 23.19 -39.31 -25.22
N PRO B 282 22.24 -38.58 -25.86
CA PRO B 282 21.48 -37.55 -25.15
C PRO B 282 20.79 -38.11 -23.92
N GLY B 283 21.06 -37.53 -22.76
CA GLY B 283 20.43 -37.93 -21.52
C GLY B 283 21.24 -38.78 -20.56
N GLY B 284 22.32 -39.40 -21.00
CA GLY B 284 23.15 -40.25 -20.14
C GLY B 284 22.43 -41.44 -19.51
N MET B 285 22.88 -41.87 -18.34
CA MET B 285 22.36 -43.08 -17.73
C MET B 285 22.47 -44.24 -18.71
N ILE B 286 23.55 -44.23 -19.51
CA ILE B 286 23.75 -45.12 -20.62
C ILE B 286 23.61 -46.57 -20.18
N GLU B 287 24.18 -46.90 -19.01
CA GLU B 287 24.18 -48.27 -18.44
C GLU B 287 22.90 -48.66 -17.70
N PHE B 288 22.37 -47.74 -16.92
CA PHE B 288 21.07 -47.91 -16.30
C PHE B 288 20.04 -48.25 -17.36
N ARG B 289 20.09 -47.49 -18.45
CA ARG B 289 19.09 -47.62 -19.47
C ARG B 289 19.14 -48.96 -20.18
N ARG B 290 20.37 -49.39 -20.49
CA ARG B 290 20.60 -50.71 -20.99
C ARG B 290 20.13 -51.81 -20.06
N THR B 291 20.45 -51.72 -18.77
CA THR B 291 20.02 -52.73 -17.79
C THR B 291 18.51 -52.87 -17.73
N LEU B 292 17.81 -51.74 -17.86
CA LEU B 292 16.37 -51.71 -17.77
C LEU B 292 15.71 -52.32 -18.99
N THR B 293 16.26 -52.08 -20.19
CA THR B 293 15.70 -52.73 -21.39
C THR B 293 15.72 -54.25 -21.28
N LEU B 294 16.79 -54.80 -20.67
CA LEU B 294 16.87 -56.25 -20.36
C LEU B 294 16.08 -56.70 -19.16
N SER B 295 16.14 -55.95 -18.08
CA SER B 295 15.44 -56.30 -16.85
C SER B 295 13.93 -56.27 -17.04
N PHE B 296 13.47 -55.36 -17.92
CA PHE B 296 12.05 -55.23 -18.27
C PHE B 296 11.61 -56.45 -19.06
N PHE B 297 12.44 -56.87 -20.03
CA PHE B 297 12.13 -58.11 -20.77
C PHE B 297 12.12 -59.35 -19.90
N PHE B 298 13.02 -59.42 -18.93
CA PHE B 298 13.06 -60.54 -17.98
C PHE B 298 11.81 -60.61 -17.09
N LYS B 299 11.34 -59.46 -16.59
CA LYS B 299 10.05 -59.41 -15.90
C LYS B 299 8.91 -59.91 -16.81
N PHE B 300 8.92 -59.51 -18.08
CA PHE B 300 7.92 -59.95 -19.06
C PHE B 300 8.02 -61.45 -19.27
N TYR B 301 9.24 -61.92 -19.53
CA TYR B 301 9.57 -63.33 -19.70
C TYR B 301 8.99 -64.20 -18.56
N LEU B 302 9.22 -63.79 -17.33
CA LEU B 302 8.76 -64.53 -16.17
C LEU B 302 7.25 -64.48 -15.97
N THR B 303 6.67 -63.31 -16.23
CA THR B 303 5.22 -63.10 -16.18
C THR B 303 4.54 -64.01 -17.23
N VAL B 304 5.06 -64.00 -18.45
CA VAL B 304 4.54 -64.88 -19.49
C VAL B 304 4.62 -66.40 -19.16
N LEU B 305 5.67 -66.86 -18.48
CA LEU B 305 5.75 -68.24 -18.00
C LEU B 305 4.71 -68.55 -16.91
N LYS B 306 4.50 -67.60 -16.00
CA LYS B 306 3.41 -67.69 -14.99
C LYS B 306 2.01 -67.81 -15.65
N LYS B 307 1.80 -67.09 -16.74
CA LYS B 307 0.50 -67.09 -17.45
C LYS B 307 0.29 -68.36 -18.26
N LEU B 308 1.39 -68.88 -18.80
CA LEU B 308 1.41 -70.18 -19.47
C LEU B 308 1.12 -71.38 -18.51
N GLY B 309 1.26 -71.21 -17.20
CA GLY B 309 1.06 -72.33 -16.26
C GLY B 309 0.49 -71.91 -14.92
N ASP C 2 -3.19 -20.14 29.43
CA ASP C 2 -1.83 -20.67 29.16
C ASP C 2 -2.00 -21.83 28.20
N THR C 3 -1.54 -21.64 26.96
CA THR C 3 -1.68 -22.64 25.92
C THR C 3 -0.32 -23.28 25.62
N VAL C 4 0.71 -22.88 26.35
CA VAL C 4 2.03 -23.45 26.17
C VAL C 4 1.95 -24.95 26.50
N GLY C 5 2.52 -25.77 25.61
CA GLY C 5 2.40 -27.21 25.65
C GLY C 5 1.18 -27.78 24.96
N ARG C 6 0.37 -26.92 24.38
CA ARG C 6 -0.90 -27.34 23.79
C ARG C 6 -0.80 -27.28 22.25
N PRO C 7 -1.44 -28.25 21.56
CA PRO C 7 -1.43 -28.44 20.11
C PRO C 7 -2.40 -27.51 19.36
N LEU C 8 -2.14 -26.22 19.49
CA LEU C 8 -2.90 -25.16 18.87
C LEU C 8 -2.58 -25.11 17.35
N PRO C 9 -3.63 -25.19 16.48
CA PRO C 9 -3.39 -25.05 15.08
C PRO C 9 -2.74 -23.70 14.77
N HIS C 10 -1.89 -23.70 13.76
CA HIS C 10 -1.27 -22.51 13.20
C HIS C 10 -2.33 -21.38 13.07
N LEU C 11 -2.00 -20.20 13.57
CA LEU C 11 -2.97 -19.10 13.60
C LEU C 11 -3.54 -18.77 12.24
N ALA C 12 -2.75 -18.85 11.17
CA ALA C 12 -3.28 -18.50 9.83
C ALA C 12 -3.89 -19.69 9.06
N ALA C 13 -3.93 -20.88 9.68
CA ALA C 13 -4.27 -22.14 8.96
C ALA C 13 -5.57 -22.11 8.20
N ALA C 14 -6.60 -21.53 8.80
CA ALA C 14 -7.96 -21.52 8.23
C ALA C 14 -8.08 -20.55 7.06
N MET C 15 -7.27 -19.49 7.08
CA MET C 15 -7.26 -18.52 6.02
C MET C 15 -6.40 -19.00 4.91
N GLN C 16 -5.36 -19.73 5.25
CA GLN C 16 -4.58 -20.48 4.26
C GLN C 16 -5.47 -21.50 3.50
N ALA C 17 -6.32 -22.25 4.22
CA ALA C 17 -7.32 -23.17 3.65
C ALA C 17 -8.35 -22.54 2.73
N SER C 18 -8.75 -21.32 3.05
CA SER C 18 -9.76 -20.60 2.31
C SER C 18 -9.18 -19.71 1.18
N GLY C 19 -7.86 -19.64 1.06
CA GLY C 19 -7.25 -18.71 0.16
C GLY C 19 -7.38 -17.24 0.54
N GLU C 20 -7.63 -16.96 1.83
CA GLU C 20 -7.73 -15.58 2.28
C GLU C 20 -6.45 -15.07 2.85
N ALA C 21 -5.51 -15.95 3.18
CA ALA C 21 -4.16 -15.52 3.59
C ALA C 21 -3.44 -14.90 2.42
N VAL C 22 -2.85 -13.73 2.62
CA VAL C 22 -2.26 -12.92 1.53
C VAL C 22 -0.76 -13.16 1.54
N TYR C 23 -0.23 -13.60 0.39
CA TYR C 23 1.22 -13.72 0.19
C TYR C 23 1.51 -12.54 -0.71
N CYS C 24 2.75 -12.30 -0.99
CA CYS C 24 3.16 -11.05 -1.58
C CYS C 24 2.59 -10.71 -2.99
N ASP C 25 2.35 -11.72 -3.84
CA ASP C 25 1.78 -11.45 -5.16
C ASP C 25 0.25 -11.39 -5.12
N ASP C 26 -0.33 -11.83 -4.01
CA ASP C 26 -1.76 -11.69 -3.75
C ASP C 26 -2.15 -10.28 -3.28
N ILE C 27 -1.18 -9.42 -3.01
CA ILE C 27 -1.40 -8.01 -2.78
C ILE C 27 -1.92 -7.30 -4.06
N PRO C 28 -2.99 -6.54 -3.94
CA PRO C 28 -3.48 -5.72 -5.07
C PRO C 28 -2.43 -4.85 -5.72
N ARG C 29 -2.59 -4.65 -7.02
CA ARG C 29 -1.74 -3.76 -7.78
C ARG C 29 -2.23 -2.35 -7.67
N TYR C 30 -1.30 -1.40 -7.56
CA TYR C 30 -1.60 0.00 -7.90
C TYR C 30 -2.02 0.07 -9.35
N GLU C 31 -2.80 1.10 -9.69
CA GLU C 31 -3.35 1.33 -11.04
C GLU C 31 -2.27 1.49 -12.07
N ASN C 32 -1.11 1.98 -11.62
CA ASN C 32 0.07 2.28 -12.43
C ASN C 32 1.21 1.23 -12.28
N GLU C 33 0.93 0.12 -11.58
CA GLU C 33 2.00 -0.79 -11.13
C GLU C 33 2.53 -1.60 -12.30
N LEU C 34 3.86 -1.68 -12.41
CA LEU C 34 4.49 -2.31 -13.57
C LEU C 34 5.16 -3.60 -13.12
N PHE C 35 5.79 -4.29 -14.07
CA PHE C 35 6.28 -5.64 -13.87
C PHE C 35 7.68 -5.79 -14.40
N LEU C 36 8.50 -6.41 -13.56
CA LEU C 36 9.89 -6.70 -13.85
C LEU C 36 10.11 -8.19 -14.19
N ARG C 37 10.96 -8.40 -15.19
CA ARG C 37 11.47 -9.70 -15.58
C ARG C 37 13.00 -9.59 -15.77
N LEU C 38 13.72 -10.46 -15.08
CA LEU C 38 15.16 -10.54 -15.17
C LEU C 38 15.67 -11.06 -16.53
N VAL C 39 16.80 -10.48 -16.97
CA VAL C 39 17.56 -10.97 -18.12
C VAL C 39 18.86 -11.59 -17.58
N THR C 40 19.16 -12.79 -18.02
CA THR C 40 20.08 -13.65 -17.30
C THR C 40 21.05 -14.32 -18.29
N SER C 41 22.27 -14.54 -17.86
CA SER C 41 23.29 -15.22 -18.67
C SER C 41 22.86 -16.62 -19.13
N THR C 42 23.11 -16.94 -20.39
CA THR C 42 22.98 -18.30 -20.87
C THR C 42 24.35 -19.02 -20.96
N ARG C 43 25.37 -18.36 -20.43
CA ARG C 43 26.75 -18.89 -20.42
C ARG C 43 27.34 -18.96 -19.02
N ALA C 44 28.16 -19.99 -18.79
CA ALA C 44 28.94 -20.20 -17.55
C ALA C 44 30.03 -19.18 -17.32
N HIS C 45 30.69 -18.72 -18.37
CA HIS C 45 31.81 -17.79 -18.22
C HIS C 45 32.08 -17.22 -19.58
N ALA C 46 31.85 -15.92 -19.72
CA ALA C 46 31.91 -15.24 -20.99
C ALA C 46 32.05 -13.73 -20.76
N LYS C 47 32.51 -13.02 -21.79
CA LYS C 47 32.54 -11.57 -21.78
C LYS C 47 31.23 -11.14 -22.39
N ILE C 48 30.63 -10.06 -21.92
CA ILE C 48 29.45 -9.53 -22.58
C ILE C 48 29.96 -8.57 -23.65
N LYS C 49 29.50 -8.72 -24.90
CA LYS C 49 30.06 -7.96 -26.04
C LYS C 49 29.12 -6.84 -26.46
N SER C 50 27.86 -7.21 -26.65
CA SER C 50 26.77 -6.24 -26.80
C SER C 50 25.51 -6.76 -26.07
N ILE C 51 24.69 -5.82 -25.59
CA ILE C 51 23.28 -6.12 -25.34
C ILE C 51 22.44 -5.38 -26.41
N ASP C 52 21.39 -6.01 -26.89
CA ASP C 52 20.59 -5.38 -27.90
C ASP C 52 19.14 -5.53 -27.54
N VAL C 53 18.50 -4.39 -27.28
CA VAL C 53 17.12 -4.34 -26.84
C VAL C 53 16.13 -3.83 -27.89
N SER C 54 16.54 -3.83 -29.16
CA SER C 54 15.67 -3.34 -30.27
C SER C 54 14.34 -4.09 -30.46
N GLU C 55 14.29 -5.38 -30.18
CA GLU C 55 13.09 -6.21 -30.43
C GLU C 55 12.17 -6.24 -29.24
N ALA C 56 12.75 -6.34 -28.04
CA ALA C 56 12.02 -6.11 -26.82
C ALA C 56 11.33 -4.75 -26.84
N GLN C 57 12.00 -3.74 -27.38
CA GLN C 57 11.41 -2.41 -27.53
C GLN C 57 10.08 -2.35 -28.29
N LYS C 58 9.69 -3.39 -29.03
CA LYS C 58 8.49 -3.28 -29.84
C LYS C 58 7.37 -4.30 -29.70
N VAL C 59 7.46 -5.33 -28.88
CA VAL C 59 6.72 -5.57 -27.63
C VAL C 59 5.77 -4.72 -26.76
N PRO C 60 4.45 -4.99 -26.84
CA PRO C 60 3.52 -3.91 -26.65
C PRO C 60 3.61 -3.74 -25.09
N GLY C 61 3.72 -2.51 -24.63
CA GLY C 61 3.90 -2.12 -23.22
C GLY C 61 5.08 -2.61 -22.41
N PHE C 62 6.20 -3.02 -23.01
CA PHE C 62 7.43 -2.24 -23.06
C PHE C 62 7.55 -0.78 -22.57
N VAL C 63 8.28 -0.69 -21.44
CA VAL C 63 8.61 0.51 -20.72
C VAL C 63 10.11 0.76 -20.88
N CYS C 64 10.96 -0.15 -20.38
CA CYS C 64 12.44 -0.02 -20.48
C CYS C 64 13.26 -1.32 -20.17
N PHE C 65 14.56 -1.28 -20.49
CA PHE C 65 15.55 -2.28 -20.06
C PHE C 65 16.52 -1.63 -19.10
N LEU C 66 16.71 -2.24 -17.94
CA LEU C 66 17.66 -1.75 -16.96
C LEU C 66 18.93 -2.59 -16.97
N SER C 67 20.05 -1.95 -16.71
CA SER C 67 21.34 -2.57 -16.72
C SER C 67 22.19 -1.87 -15.67
N ALA C 68 23.48 -2.23 -15.64
CA ALA C 68 24.45 -1.69 -14.69
C ALA C 68 24.51 -0.15 -14.68
N ASP C 69 24.29 0.46 -15.83
CA ASP C 69 24.40 1.89 -16.03
C ASP C 69 23.25 2.73 -15.45
N ASP C 70 22.14 2.08 -15.11
CA ASP C 70 20.97 2.76 -14.56
C ASP C 70 21.00 2.94 -13.04
N ILE C 71 22.00 2.37 -12.37
CA ILE C 71 22.03 2.35 -10.91
C ILE C 71 22.60 3.64 -10.35
N PRO C 72 21.81 4.37 -9.55
CA PRO C 72 22.21 5.67 -9.01
C PRO C 72 23.38 5.61 -8.03
N GLY C 73 23.41 4.58 -7.19
CA GLY C 73 24.39 4.45 -6.11
C GLY C 73 25.47 3.41 -6.41
N SER C 74 25.24 2.16 -6.04
CA SER C 74 26.30 1.14 -6.17
C SER C 74 25.88 -0.22 -6.82
N ASN C 75 26.69 -0.68 -7.78
CA ASN C 75 26.51 -2.02 -8.39
C ASN C 75 27.21 -3.17 -7.66
N GLU C 76 27.72 -2.91 -6.46
CA GLU C 76 28.45 -3.91 -5.70
C GLU C 76 27.58 -4.37 -4.57
N THR C 77 27.37 -5.69 -4.46
CA THR C 77 26.35 -6.25 -3.56
C THR C 77 26.75 -7.62 -2.98
N GLY C 78 25.80 -8.36 -2.42
CA GLY C 78 26.07 -9.67 -1.84
C GLY C 78 26.61 -9.56 -0.45
N LEU C 79 26.44 -10.62 0.34
CA LEU C 79 26.86 -10.63 1.77
C LEU C 79 28.34 -10.21 1.96
N PHE C 80 29.21 -10.59 1.01
CA PHE C 80 30.66 -10.31 1.07
C PHE C 80 31.10 -9.41 -0.08
N ASN C 81 30.20 -8.53 -0.49
CA ASN C 81 30.48 -7.49 -1.47
C ASN C 81 31.23 -7.95 -2.72
N ASP C 82 30.99 -9.20 -3.08
CA ASP C 82 31.66 -9.86 -4.21
C ASP C 82 30.70 -10.20 -5.37
N GLU C 83 29.51 -9.61 -5.38
CA GLU C 83 28.59 -9.76 -6.50
C GLU C 83 28.26 -8.42 -7.08
N THR C 84 27.75 -8.45 -8.31
CA THR C 84 27.12 -7.33 -8.95
C THR C 84 25.59 -7.42 -8.81
N VAL C 85 24.90 -6.28 -8.75
CA VAL C 85 23.44 -6.21 -8.97
C VAL C 85 23.08 -6.63 -10.40
N PHE C 86 23.78 -6.04 -11.38
CA PHE C 86 23.69 -6.47 -12.77
C PHE C 86 25.12 -6.67 -13.26
N ALA C 87 25.39 -7.75 -13.98
CA ALA C 87 26.72 -8.02 -14.53
C ALA C 87 27.10 -6.99 -15.59
N LYS C 88 28.33 -6.48 -15.53
CA LYS C 88 28.81 -5.43 -16.46
C LYS C 88 29.60 -5.98 -17.66
N ASP C 89 30.84 -6.41 -17.41
CA ASP C 89 31.78 -6.77 -18.50
C ASP C 89 31.84 -8.29 -18.74
N THR C 90 31.68 -9.06 -17.67
CA THR C 90 31.69 -10.51 -17.75
C THR C 90 30.52 -11.16 -16.98
N VAL C 91 30.10 -12.32 -17.49
CA VAL C 91 29.14 -13.21 -16.81
C VAL C 91 29.94 -14.36 -16.22
N THR C 92 29.60 -14.78 -15.01
CA THR C 92 30.29 -15.87 -14.34
C THR C 92 29.44 -17.07 -13.94
N CYS C 93 28.21 -17.19 -14.45
CA CYS C 93 27.41 -18.42 -14.27
C CYS C 93 26.23 -18.34 -15.20
N VAL C 94 25.55 -19.48 -15.45
CA VAL C 94 24.35 -19.45 -16.35
C VAL C 94 23.14 -18.63 -15.83
N GLY C 95 22.77 -18.64 -14.58
CA GLY C 95 21.65 -17.68 -14.21
C GLY C 95 22.07 -16.25 -13.83
N HIS C 96 23.24 -15.82 -14.28
CA HIS C 96 23.85 -14.58 -13.78
C HIS C 96 23.08 -13.39 -14.31
N ILE C 97 22.51 -12.57 -13.42
CA ILE C 97 21.60 -11.47 -13.84
C ILE C 97 22.44 -10.38 -14.49
N ILE C 98 21.97 -9.96 -15.68
CA ILE C 98 22.62 -9.02 -16.56
C ILE C 98 21.83 -7.72 -16.57
N GLY C 99 20.52 -7.84 -16.69
CA GLY C 99 19.62 -6.73 -16.71
C GLY C 99 18.20 -7.16 -16.38
N ALA C 100 17.27 -6.32 -16.81
CA ALA C 100 15.89 -6.52 -16.43
C ALA C 100 15.04 -5.73 -17.35
N VAL C 101 13.99 -6.38 -17.80
CA VAL C 101 12.97 -5.74 -18.56
C VAL C 101 11.81 -5.30 -17.62
N VAL C 102 11.31 -4.10 -17.85
CA VAL C 102 10.14 -3.60 -17.14
C VAL C 102 9.05 -3.44 -18.16
N ALA C 103 7.83 -3.88 -17.82
CA ALA C 103 6.66 -3.73 -18.71
C ALA C 103 5.38 -3.61 -17.97
N ASP C 104 4.31 -3.41 -18.70
CA ASP C 104 3.01 -3.09 -18.06
C ASP C 104 2.25 -4.33 -17.57
N THR C 105 2.59 -5.50 -18.09
CA THR C 105 2.03 -6.78 -17.58
C THR C 105 3.14 -7.81 -17.46
N PRO C 106 2.93 -8.83 -16.62
CA PRO C 106 3.97 -9.82 -16.52
C PRO C 106 4.16 -10.64 -17.83
N GLU C 107 3.06 -10.86 -18.54
CA GLU C 107 3.08 -11.48 -19.84
C GLU C 107 3.96 -10.73 -20.85
N HIS C 108 3.87 -9.40 -20.83
CA HIS C 108 4.61 -8.54 -21.77
C HIS C 108 6.06 -8.45 -21.41
N ALA C 109 6.38 -8.54 -20.10
CA ALA C 109 7.75 -8.50 -19.57
C ALA C 109 8.56 -9.78 -19.88
N GLU C 110 7.85 -10.92 -19.93
CA GLU C 110 8.37 -12.22 -20.31
C GLU C 110 8.69 -12.30 -21.80
N ARG C 111 7.75 -11.82 -22.59
CA ARG C 111 7.85 -11.74 -24.03
C ARG C 111 9.07 -10.90 -24.47
N ALA C 112 9.18 -9.69 -23.94
CA ALA C 112 10.34 -8.78 -24.14
C ALA C 112 11.65 -9.36 -23.64
N ALA C 113 11.64 -10.04 -22.50
CA ALA C 113 12.88 -10.57 -21.91
C ALA C 113 13.55 -11.64 -22.78
N HIS C 114 12.76 -12.45 -23.49
CA HIS C 114 13.31 -13.58 -24.28
C HIS C 114 13.86 -13.14 -25.62
N VAL C 115 13.60 -11.90 -25.99
CA VAL C 115 13.93 -11.39 -27.28
C VAL C 115 15.06 -10.32 -27.14
N VAL C 116 15.62 -10.19 -25.94
CA VAL C 116 16.81 -9.37 -25.66
C VAL C 116 18.03 -10.20 -26.13
N LYS C 117 18.86 -9.64 -27.01
CA LYS C 117 19.97 -10.36 -27.65
C LYS C 117 21.30 -10.03 -26.97
N VAL C 118 21.88 -11.02 -26.29
CA VAL C 118 23.16 -10.83 -25.62
C VAL C 118 24.20 -11.58 -26.46
N THR C 119 25.33 -10.92 -26.70
CA THR C 119 26.40 -11.51 -27.51
C THR C 119 27.58 -11.73 -26.56
N TYR C 120 28.22 -12.88 -26.71
CA TYR C 120 29.15 -13.32 -25.70
C TYR C 120 30.51 -13.71 -26.29
N GLU C 121 31.56 -13.70 -25.49
CA GLU C 121 32.81 -14.41 -25.84
C GLU C 121 33.22 -15.32 -24.67
N ASP C 122 33.16 -16.63 -24.89
CA ASP C 122 33.42 -17.63 -23.84
C ASP C 122 34.81 -17.55 -23.24
N LEU C 123 34.86 -17.91 -21.96
CA LEU C 123 36.06 -17.96 -21.17
C LEU C 123 36.09 -19.35 -20.49
N PRO C 124 37.28 -19.90 -20.25
CA PRO C 124 37.45 -21.15 -19.49
C PRO C 124 36.61 -21.26 -18.20
N ALA C 125 35.71 -22.25 -18.13
CA ALA C 125 34.78 -22.47 -16.98
C ALA C 125 35.17 -23.65 -16.02
N ILE C 126 34.82 -23.51 -14.74
CA ILE C 126 35.20 -24.45 -13.68
C ILE C 126 33.88 -24.80 -13.00
N ILE C 127 33.36 -26.00 -13.27
CA ILE C 127 31.99 -26.35 -12.90
C ILE C 127 31.93 -27.28 -11.70
N THR C 128 32.74 -28.35 -11.76
CA THR C 128 32.69 -29.43 -10.76
C THR C 128 33.69 -29.08 -9.70
N ILE C 129 33.54 -29.71 -8.54
CA ILE C 129 34.43 -29.58 -7.40
C ILE C 129 35.82 -30.08 -7.76
N GLU C 130 35.86 -31.07 -8.63
CA GLU C 130 37.10 -31.65 -9.14
C GLU C 130 37.84 -30.65 -10.07
N ASP C 131 37.11 -29.90 -10.91
CA ASP C 131 37.69 -28.78 -11.71
C ASP C 131 38.32 -27.67 -10.81
N ALA C 132 37.62 -27.34 -9.73
CA ALA C 132 38.05 -26.35 -8.78
C ALA C 132 39.25 -26.84 -7.96
N ILE C 133 39.22 -28.12 -7.54
CA ILE C 133 40.36 -28.67 -6.78
C ILE C 133 41.60 -28.59 -7.65
N LYS C 134 41.43 -28.83 -8.94
CA LYS C 134 42.56 -28.95 -9.86
C LYS C 134 43.11 -27.62 -10.38
N ASN C 135 42.25 -26.62 -10.56
CA ASN C 135 42.68 -25.25 -10.89
C ASN C 135 43.02 -24.42 -9.61
N ASN C 136 42.92 -25.03 -8.41
CA ASN C 136 43.10 -24.35 -7.10
C ASN C 136 42.24 -23.08 -7.07
N SER C 137 40.96 -23.27 -7.33
CA SER C 137 39.98 -22.18 -7.46
C SER C 137 39.08 -22.24 -6.25
N PHE C 138 39.55 -21.64 -5.16
CA PHE C 138 38.88 -21.66 -3.86
C PHE C 138 38.52 -20.24 -3.37
N TYR C 139 37.58 -20.12 -2.43
CA TYR C 139 37.35 -18.85 -1.70
C TYR C 139 38.04 -19.04 -0.38
N GLY C 140 39.03 -18.20 -0.12
CA GLY C 140 39.69 -18.17 1.18
C GLY C 140 40.59 -19.36 1.39
N SER C 141 40.89 -19.60 2.65
CA SER C 141 41.85 -20.56 3.09
C SER C 141 41.12 -21.72 3.75
N GLU C 142 41.88 -22.75 4.06
CA GLU C 142 41.34 -23.97 4.61
C GLU C 142 40.84 -23.77 6.04
N LEU C 143 39.58 -24.09 6.31
CA LEU C 143 39.11 -24.22 7.70
C LEU C 143 39.50 -25.57 8.23
N LYS C 144 39.76 -25.69 9.52
CA LYS C 144 40.23 -26.95 10.10
C LYS C 144 39.84 -27.10 11.55
N ILE C 145 39.54 -28.32 11.95
CA ILE C 145 39.41 -28.67 13.36
C ILE C 145 40.28 -29.94 13.54
N GLU C 146 40.90 -30.07 14.72
CA GLU C 146 42.03 -31.00 14.92
C GLU C 146 42.28 -31.23 16.40
N LYS C 147 41.80 -32.35 16.92
CA LYS C 147 41.99 -32.74 18.32
C LYS C 147 42.81 -34.05 18.44
N GLY C 148 43.43 -34.26 19.62
CA GLY C 148 44.17 -35.49 19.99
C GLY C 148 45.40 -35.76 19.14
N ASP C 149 45.87 -37.01 19.15
CA ASP C 149 47.01 -37.45 18.30
C ASP C 149 46.52 -38.36 17.16
N LEU C 150 46.75 -37.92 15.92
CA LEU C 150 46.16 -38.57 14.75
C LEU C 150 47.01 -39.79 14.28
N LYS C 151 48.34 -39.66 14.16
CA LYS C 151 49.23 -40.88 14.02
C LYS C 151 49.69 -41.43 15.40
N LYS C 152 48.95 -42.38 15.92
CA LYS C 152 49.07 -42.82 17.33
C LYS C 152 47.73 -43.41 17.62
N GLY C 153 46.70 -42.72 17.14
CA GLY C 153 45.41 -43.37 16.89
C GLY C 153 45.49 -44.32 15.69
N PHE C 154 46.06 -43.85 14.58
CA PHE C 154 46.20 -44.67 13.37
C PHE C 154 47.18 -45.83 13.59
N SER C 155 48.30 -45.56 14.27
CA SER C 155 49.25 -46.60 14.69
C SER C 155 48.64 -47.68 15.59
N GLU C 156 47.74 -47.27 16.49
CA GLU C 156 47.06 -48.21 17.38
C GLU C 156 45.89 -48.92 16.68
N ALA C 157 45.63 -48.53 15.41
CA ALA C 157 44.49 -49.02 14.64
C ALA C 157 44.74 -50.40 14.02
N ASP C 158 43.95 -51.39 14.47
CA ASP C 158 43.79 -52.70 13.79
C ASP C 158 43.41 -52.57 12.32
N ASN C 159 42.50 -51.63 12.04
CA ASN C 159 41.90 -51.49 10.70
C ASN C 159 41.94 -50.05 10.27
N VAL C 160 42.32 -49.82 9.01
CA VAL C 160 42.19 -48.51 8.37
C VAL C 160 41.45 -48.62 7.03
N VAL C 161 40.34 -47.88 6.89
CA VAL C 161 39.61 -47.75 5.62
C VAL C 161 39.63 -46.32 5.11
N SER C 162 39.83 -46.16 3.82
CA SER C 162 39.85 -44.83 3.25
C SER C 162 39.01 -44.78 1.95
N GLY C 163 38.60 -43.58 1.54
CA GLY C 163 37.68 -43.45 0.42
C GLY C 163 37.31 -42.04 -0.03
N GLU C 164 36.24 -41.95 -0.83
CA GLU C 164 35.72 -40.72 -1.40
C GLU C 164 34.18 -40.83 -1.50
N LEU C 165 33.50 -39.72 -1.30
CA LEU C 165 32.04 -39.66 -1.29
C LEU C 165 31.59 -38.32 -1.87
N TYR C 166 30.53 -38.35 -2.66
CA TYR C 166 29.89 -37.15 -3.14
C TYR C 166 28.45 -37.10 -2.62
N ILE C 167 28.01 -35.92 -2.17
CA ILE C 167 26.61 -35.64 -1.88
C ILE C 167 26.15 -34.47 -2.75
N GLY C 168 25.17 -34.74 -3.61
CA GLY C 168 24.53 -33.74 -4.49
C GLY C 168 23.77 -32.63 -3.74
N GLY C 169 23.56 -31.53 -4.44
CA GLY C 169 22.89 -30.35 -3.89
C GLY C 169 21.40 -30.53 -3.78
N GLN C 170 20.66 -29.43 -3.63
CA GLN C 170 19.19 -29.54 -3.53
C GLN C 170 18.58 -28.15 -3.77
N ASP C 171 17.48 -28.13 -4.52
CA ASP C 171 16.65 -26.95 -4.71
C ASP C 171 15.66 -26.83 -3.59
N HIS C 172 15.39 -25.60 -3.15
CA HIS C 172 14.50 -25.41 -2.00
C HIS C 172 13.09 -25.78 -2.29
N PHE C 173 12.63 -25.49 -3.49
CA PHE C 173 11.23 -25.78 -3.85
C PHE C 173 10.20 -25.39 -2.76
N TYR C 174 10.44 -24.25 -2.12
CA TYR C 174 9.41 -23.51 -1.38
C TYR C 174 8.26 -23.38 -2.38
N LEU C 175 7.02 -23.65 -2.01
CA LEU C 175 5.97 -23.55 -3.03
C LEU C 175 5.76 -22.12 -3.68
N GLU C 176 6.02 -21.07 -2.88
CA GLU C 176 6.05 -19.69 -3.33
C GLU C 176 7.46 -19.31 -3.71
N THR C 177 7.64 -18.88 -4.95
CA THR C 177 8.95 -18.46 -5.44
C THR C 177 9.25 -17.03 -4.93
N HIS C 178 10.48 -16.60 -5.17
CA HIS C 178 10.90 -15.27 -4.81
C HIS C 178 9.99 -14.20 -5.44
N CYS C 179 9.66 -13.23 -4.61
CA CYS C 179 8.69 -12.21 -4.94
C CYS C 179 8.97 -10.91 -4.12
N THR C 180 9.14 -9.77 -4.83
CA THR C 180 9.20 -8.39 -4.24
C THR C 180 8.25 -7.38 -4.93
N ILE C 181 7.61 -6.51 -4.13
CA ILE C 181 6.87 -5.34 -4.63
C ILE C 181 7.59 -4.11 -4.03
N ALA C 182 7.96 -3.17 -4.88
CA ALA C 182 8.63 -1.99 -4.47
C ALA C 182 7.76 -0.77 -4.84
N ILE C 183 7.48 0.07 -3.84
CA ILE C 183 6.63 1.29 -3.98
C ILE C 183 7.49 2.51 -3.65
N PRO C 184 7.77 3.32 -4.67
CA PRO C 184 8.51 4.53 -4.39
C PRO C 184 7.55 5.66 -3.99
N LYS C 185 7.91 6.34 -2.91
CA LYS C 185 7.12 7.39 -2.31
C LYS C 185 7.20 8.76 -2.99
N GLY C 186 8.32 9.08 -3.63
CA GLY C 186 8.43 10.32 -4.42
C GLY C 186 9.11 11.45 -3.66
N GLU C 187 9.28 11.24 -2.35
CA GLU C 187 9.90 12.14 -1.37
C GLU C 187 11.16 11.56 -0.71
N GLU C 188 12.28 12.27 -0.77
CA GLU C 188 13.49 11.95 0.01
C GLU C 188 14.14 10.55 -0.17
N GLY C 189 13.90 9.91 -1.31
CA GLY C 189 14.40 8.57 -1.55
C GLY C 189 13.57 7.45 -0.94
N GLU C 190 12.49 7.81 -0.25
CA GLU C 190 11.71 6.84 0.48
C GLU C 190 11.13 5.72 -0.40
N MET C 191 11.13 4.50 0.15
CA MET C 191 10.65 3.34 -0.58
C MET C 191 10.17 2.27 0.36
N GLU C 192 9.03 1.69 -0.01
CA GLU C 192 8.35 0.69 0.79
C GLU C 192 8.21 -0.59 -0.03
N LEU C 193 8.70 -1.68 0.56
CA LEU C 193 8.85 -2.95 -0.15
C LEU C 193 8.16 -4.02 0.63
N PHE C 194 7.52 -4.90 -0.12
CA PHE C 194 6.88 -6.10 0.43
C PHE C 194 7.59 -7.26 -0.25
N VAL C 195 8.24 -8.12 0.54
CA VAL C 195 9.09 -9.17 0.00
C VAL C 195 8.89 -10.50 0.72
N SER C 196 8.98 -11.58 -0.07
CA SER C 196 9.06 -12.94 0.44
C SER C 196 10.56 -13.15 0.82
N THR C 197 10.90 -12.77 2.04
CA THR C 197 12.26 -12.89 2.56
C THR C 197 12.29 -13.21 4.06
N GLN C 198 13.41 -13.85 4.45
CA GLN C 198 13.69 -14.28 5.83
C GLN C 198 14.63 -13.25 6.45
N ASN C 199 15.14 -12.36 5.60
CA ASN C 199 16.08 -11.33 5.96
C ASN C 199 15.62 -9.90 5.52
N ALA C 200 14.69 -9.29 6.25
CA ALA C 200 14.24 -7.89 6.00
C ALA C 200 15.38 -6.85 6.19
N MET C 201 16.26 -7.08 7.17
CA MET C 201 17.42 -6.23 7.35
C MET C 201 18.37 -6.11 6.17
N LYS C 202 18.79 -7.23 5.59
CA LYS C 202 19.72 -7.18 4.45
C LYS C 202 19.04 -6.76 3.18
N THR C 203 17.76 -7.07 3.00
CA THR C 203 16.98 -6.44 1.93
C THR C 203 17.00 -4.92 2.06
N GLN C 204 16.69 -4.42 3.25
CA GLN C 204 16.70 -2.99 3.54
C GLN C 204 18.08 -2.33 3.31
N SER C 205 19.13 -2.99 3.78
CA SER C 205 20.51 -2.56 3.52
C SER C 205 20.94 -2.59 2.09
N PHE C 206 20.62 -3.66 1.36
CA PHE C 206 21.14 -3.79 -0.01
C PHE C 206 20.40 -2.87 -0.97
N VAL C 207 19.10 -2.70 -0.73
CA VAL C 207 18.29 -1.73 -1.48
C VAL C 207 18.83 -0.32 -1.24
N ALA C 208 19.01 0.07 0.03
CA ALA C 208 19.62 1.38 0.37
C ALA C 208 20.98 1.56 -0.32
N LYS C 209 21.85 0.55 -0.27
CA LYS C 209 23.19 0.65 -0.88
C LYS C 209 23.13 0.83 -2.42
N MET C 210 22.32 0.04 -3.09
CA MET C 210 22.18 0.15 -4.53
C MET C 210 21.71 1.55 -4.92
N LEU C 211 20.76 2.08 -4.16
CA LEU C 211 20.15 3.42 -4.43
C LEU C 211 21.02 4.60 -3.95
N GLY C 212 21.92 4.36 -3.00
CA GLY C 212 22.84 5.41 -2.56
C GLY C 212 22.18 6.35 -1.54
N VAL C 213 21.29 5.75 -0.75
CA VAL C 213 20.33 6.44 0.08
C VAL C 213 20.51 5.82 1.48
N PRO C 214 20.27 6.61 2.54
CA PRO C 214 20.38 6.01 3.86
C PRO C 214 19.38 4.90 4.18
N VAL C 215 19.74 4.04 5.12
CA VAL C 215 18.93 2.89 5.43
C VAL C 215 17.55 3.31 5.94
N ASN C 216 17.51 4.39 6.75
CA ASN C 216 16.28 4.97 7.32
C ASN C 216 15.25 5.41 6.27
N ARG C 217 15.63 5.53 5.00
CA ARG C 217 14.69 5.82 3.92
C ARG C 217 13.83 4.60 3.50
N ILE C 218 14.31 3.40 3.79
CA ILE C 218 13.87 2.16 3.15
C ILE C 218 13.14 1.32 4.16
N LEU C 219 11.89 1.02 3.85
CA LEU C 219 11.03 0.23 4.71
C LEU C 219 10.78 -1.13 4.05
N VAL C 220 11.08 -2.22 4.76
CA VAL C 220 10.78 -3.61 4.28
C VAL C 220 9.75 -4.28 5.23
N ARG C 221 8.70 -4.81 4.62
CA ARG C 221 7.61 -5.47 5.28
C ARG C 221 7.45 -6.90 4.76
N VAL C 222 7.23 -7.83 5.72
CA VAL C 222 7.09 -9.26 5.45
C VAL C 222 5.98 -9.83 6.31
N LYS C 223 4.84 -10.18 5.69
CA LYS C 223 3.65 -10.71 6.39
C LYS C 223 3.85 -12.20 6.61
N ARG C 224 4.22 -12.86 5.52
CA ARG C 224 4.51 -14.28 5.44
C ARG C 224 5.26 -14.68 4.14
N MET C 225 5.91 -15.84 4.23
CA MET C 225 6.39 -16.55 3.04
C MET C 225 5.67 -17.88 2.90
N GLY C 226 5.37 -18.26 1.66
CA GLY C 226 5.06 -19.65 1.32
C GLY C 226 6.30 -20.55 1.20
N GLY C 227 7.09 -20.59 2.28
CA GLY C 227 8.33 -21.37 2.39
C GLY C 227 9.58 -20.53 2.18
N GLY C 228 10.64 -20.86 2.93
CA GLY C 228 11.92 -20.22 2.73
C GLY C 228 12.99 -21.27 2.75
N PHE C 229 13.03 -22.05 3.83
CA PHE C 229 13.90 -23.24 4.02
C PHE C 229 15.37 -22.89 3.88
N GLY C 230 15.67 -21.60 3.94
CA GLY C 230 17.02 -21.06 3.94
C GLY C 230 17.28 -20.27 2.69
N GLY C 231 16.53 -20.55 1.62
CA GLY C 231 16.78 -19.92 0.33
C GLY C 231 16.28 -18.50 0.16
N LYS C 232 15.57 -18.01 1.18
CA LYS C 232 15.13 -16.60 1.27
C LYS C 232 15.85 -15.87 2.42
N GLU C 233 16.94 -16.46 2.87
CA GLU C 233 17.79 -15.84 3.88
C GLU C 233 18.67 -14.75 3.27
N THR C 234 19.14 -14.95 2.03
CA THR C 234 19.98 -13.95 1.33
C THR C 234 19.67 -13.75 -0.16
N ARG C 235 19.25 -14.77 -0.88
CA ARG C 235 19.25 -14.66 -2.35
C ARG C 235 17.98 -13.97 -2.86
N SER C 236 17.04 -13.74 -1.95
CA SER C 236 15.85 -12.94 -2.18
C SER C 236 16.17 -11.52 -2.62
N THR C 237 17.35 -11.04 -2.26
CA THR C 237 17.79 -9.68 -2.60
C THR C 237 18.13 -9.52 -4.09
N LEU C 238 18.44 -10.60 -4.80
CA LEU C 238 18.66 -10.57 -6.28
C LEU C 238 17.44 -10.04 -7.05
N VAL C 239 16.27 -10.48 -6.62
CA VAL C 239 15.00 -9.91 -7.11
C VAL C 239 14.66 -8.56 -6.44
N SER C 240 14.86 -8.45 -5.13
CA SER C 240 14.39 -7.27 -4.36
C SER C 240 15.08 -6.00 -4.83
N VAL C 241 16.41 -6.09 -4.91
CA VAL C 241 17.25 -5.00 -5.42
C VAL C 241 16.94 -4.60 -6.87
N ALA C 242 16.78 -5.53 -7.79
CA ALA C 242 16.36 -5.15 -9.17
C ALA C 242 14.95 -4.48 -9.24
N VAL C 243 14.01 -4.92 -8.41
CA VAL C 243 12.64 -4.36 -8.42
C VAL C 243 12.69 -2.90 -7.89
N ALA C 244 13.49 -2.68 -6.83
CA ALA C 244 13.73 -1.34 -6.29
C ALA C 244 14.30 -0.39 -7.32
N LEU C 245 15.24 -0.84 -8.14
CA LEU C 245 15.80 0.03 -9.19
C LEU C 245 14.71 0.39 -10.20
N ALA C 246 13.87 -0.58 -10.58
CA ALA C 246 12.76 -0.31 -11.48
C ALA C 246 11.81 0.76 -10.92
N ALA C 247 11.46 0.62 -9.65
CA ALA C 247 10.69 1.58 -8.90
C ALA C 247 11.37 2.96 -8.83
N TYR C 248 12.67 2.99 -8.53
CA TYR C 248 13.44 4.23 -8.53
C TYR C 248 13.30 4.97 -9.87
N LYS C 249 13.44 4.20 -10.95
CA LYS C 249 13.72 4.74 -12.25
C LYS C 249 12.47 5.14 -12.95
N THR C 250 11.37 4.46 -12.66
CA THR C 250 10.12 4.74 -13.33
C THR C 250 9.23 5.68 -12.56
N GLY C 251 9.40 5.74 -11.25
CA GLY C 251 8.50 6.45 -10.41
C GLY C 251 7.24 5.66 -10.04
N HIS C 252 7.06 4.50 -10.68
CA HIS C 252 5.88 3.66 -10.44
C HIS C 252 6.20 2.50 -9.55
N PRO C 253 5.16 1.98 -8.86
CA PRO C 253 5.28 0.69 -8.20
C PRO C 253 5.66 -0.38 -9.21
N VAL C 254 6.58 -1.25 -8.82
CA VAL C 254 7.01 -2.38 -9.65
C VAL C 254 7.02 -3.66 -8.81
N ARG C 255 6.60 -4.77 -9.42
CA ARG C 255 6.67 -6.08 -8.79
C ARG C 255 7.31 -7.13 -9.70
N CYS C 256 7.80 -8.16 -9.05
CA CYS C 256 8.28 -9.37 -9.71
C CYS C 256 7.94 -10.58 -8.86
N MET C 257 7.25 -11.56 -9.45
CA MET C 257 7.29 -12.95 -8.96
C MET C 257 8.10 -13.81 -9.98
N LEU C 258 9.15 -14.49 -9.51
CA LEU C 258 9.88 -15.46 -10.34
C LEU C 258 9.02 -16.68 -10.70
N ASP C 259 9.12 -17.12 -11.95
CA ASP C 259 8.62 -18.42 -12.37
C ASP C 259 9.57 -19.49 -11.85
N ARG C 260 9.07 -20.70 -11.66
CA ARG C 260 9.86 -21.78 -11.12
C ARG C 260 11.17 -21.98 -11.83
N ASN C 261 11.16 -21.92 -13.16
CA ASN C 261 12.37 -22.22 -13.91
C ASN C 261 13.46 -21.18 -13.73
N GLU C 262 13.05 -19.92 -13.55
CA GLU C 262 13.97 -18.82 -13.17
C GLU C 262 14.43 -19.02 -11.71
N ASP C 263 13.51 -19.34 -10.84
CA ASP C 263 13.85 -19.49 -9.45
C ASP C 263 14.98 -20.53 -9.21
N MET C 264 14.89 -21.68 -9.88
CA MET C 264 15.87 -22.76 -9.73
C MET C 264 17.18 -22.50 -10.45
N LEU C 265 17.12 -21.84 -11.61
CA LEU C 265 18.38 -21.42 -12.28
C LEU C 265 19.24 -20.44 -11.45
N ILE C 266 18.58 -19.47 -10.82
CA ILE C 266 19.18 -18.19 -10.47
C ILE C 266 19.57 -18.14 -9.02
N THR C 267 18.71 -18.68 -8.16
CA THR C 267 18.72 -18.29 -6.76
C THR C 267 19.50 -19.21 -5.83
N GLY C 268 20.18 -20.23 -6.38
CA GLY C 268 21.07 -21.05 -5.56
C GLY C 268 20.41 -22.13 -4.72
N GLY C 269 21.20 -23.08 -4.26
CA GLY C 269 20.64 -24.21 -3.55
C GLY C 269 21.55 -24.70 -2.48
N ARG C 270 21.34 -25.93 -2.06
CA ARG C 270 22.18 -26.52 -1.06
C ARG C 270 23.53 -26.83 -1.71
N HIS C 271 24.60 -26.75 -0.90
CA HIS C 271 25.95 -27.09 -1.34
C HIS C 271 26.18 -28.58 -1.63
N PRO C 272 26.59 -28.90 -2.86
CA PRO C 272 27.22 -30.22 -3.03
C PRO C 272 28.54 -30.33 -2.24
N PHE C 273 28.79 -31.50 -1.68
CA PHE C 273 30.03 -31.79 -0.94
C PHE C 273 30.79 -32.99 -1.54
N LEU C 274 32.09 -32.83 -1.78
CA LEU C 274 33.03 -33.97 -1.94
C LEU C 274 33.81 -34.17 -0.65
N ALA C 275 33.80 -35.37 -0.10
CA ALA C 275 34.71 -35.69 0.97
C ALA C 275 35.73 -36.78 0.55
N ARG C 276 36.94 -36.66 1.08
CA ARG C 276 37.94 -37.72 1.06
C ARG C 276 38.18 -38.02 2.52
N TYR C 277 37.91 -39.26 2.92
CA TYR C 277 37.96 -39.69 4.32
C TYR C 277 38.98 -40.84 4.57
N LYS C 278 39.32 -41.03 5.86
CA LYS C 278 40.19 -42.10 6.29
C LYS C 278 39.92 -42.42 7.77
N VAL C 279 39.37 -43.61 8.05
CA VAL C 279 39.09 -44.01 9.43
C VAL C 279 40.05 -45.09 9.86
N GLY C 280 40.33 -45.09 11.18
CA GLY C 280 41.18 -46.04 11.87
C GLY C 280 40.44 -46.58 13.08
N PHE C 281 40.30 -47.89 13.16
CA PHE C 281 39.42 -48.50 14.16
C PHE C 281 39.87 -49.86 14.62
N MET C 282 39.37 -50.23 15.80
CA MET C 282 39.61 -51.54 16.36
C MET C 282 38.71 -52.61 15.74
N LYS C 283 39.05 -53.86 16.03
CA LYS C 283 38.29 -55.03 15.60
C LYS C 283 36.91 -55.11 16.23
N THR C 284 36.77 -54.47 17.40
CA THR C 284 35.48 -54.29 18.09
C THR C 284 34.59 -53.25 17.39
N GLY C 285 35.19 -52.44 16.53
CA GLY C 285 34.49 -51.35 15.88
C GLY C 285 34.58 -50.01 16.60
N THR C 286 35.34 -49.93 17.71
CA THR C 286 35.67 -48.66 18.36
C THR C 286 36.62 -47.88 17.47
N ILE C 287 36.27 -46.62 17.18
CA ILE C 287 37.04 -45.71 16.31
C ILE C 287 38.17 -45.09 17.11
N VAL C 288 39.35 -45.00 16.48
CA VAL C 288 40.55 -44.54 17.19
C VAL C 288 41.21 -43.31 16.53
N ALA C 289 41.17 -43.26 15.20
CA ALA C 289 41.56 -42.07 14.45
C ALA C 289 40.44 -41.73 13.48
N LEU C 290 40.49 -40.55 12.86
CA LEU C 290 39.61 -40.17 11.74
C LEU C 290 40.12 -38.94 11.05
N GLU C 291 40.25 -38.98 9.74
CA GLU C 291 40.55 -37.78 9.01
C GLU C 291 39.67 -37.56 7.79
N VAL C 292 39.05 -36.37 7.68
CA VAL C 292 38.13 -36.05 6.56
C VAL C 292 38.43 -34.67 5.97
N ASP C 293 38.70 -34.62 4.67
CA ASP C 293 38.83 -33.35 3.94
C ASP C 293 37.52 -33.08 3.20
N HIS C 294 36.84 -31.97 3.53
CA HIS C 294 35.58 -31.61 2.91
C HIS C 294 35.79 -30.55 1.84
N TYR C 295 35.17 -30.73 0.67
CA TYR C 295 35.08 -29.68 -0.34
C TYR C 295 33.60 -29.37 -0.65
N SER C 296 33.21 -28.10 -0.48
CA SER C 296 31.88 -27.63 -0.91
C SER C 296 31.92 -27.00 -2.29
N ASN C 297 30.88 -27.20 -3.11
CA ASN C 297 30.73 -26.42 -4.34
C ASN C 297 29.98 -25.13 -4.04
N ALA C 298 30.72 -24.03 -3.95
CA ALA C 298 30.19 -22.74 -3.51
C ALA C 298 29.44 -21.95 -4.62
N GLY C 299 29.94 -21.99 -5.84
CA GLY C 299 29.32 -21.25 -6.94
C GLY C 299 30.05 -19.93 -7.07
N ASN C 300 29.45 -18.95 -7.73
CA ASN C 300 30.15 -17.70 -8.12
C ASN C 300 30.18 -16.51 -7.13
N SER C 301 29.93 -16.76 -5.86
CA SER C 301 30.01 -15.73 -4.86
C SER C 301 30.15 -16.47 -3.53
N ARG C 302 30.76 -15.79 -2.57
CA ARG C 302 30.92 -16.33 -1.24
C ARG C 302 29.59 -16.66 -0.56
N ASP C 303 28.64 -15.71 -0.58
CA ASP C 303 27.37 -15.84 0.15
C ASP C 303 27.61 -16.45 1.54
N LEU C 304 26.87 -17.48 1.96
CA LEU C 304 26.99 -18.03 3.33
C LEU C 304 27.91 -19.25 3.35
N SER C 305 28.67 -19.42 2.26
CA SER C 305 29.50 -20.61 1.99
C SER C 305 30.48 -20.95 3.12
N HIS C 306 31.20 -19.96 3.64
CA HIS C 306 32.22 -20.17 4.67
C HIS C 306 31.64 -20.70 5.96
N SER C 307 30.47 -20.16 6.29
CA SER C 307 29.70 -20.45 7.52
C SER C 307 29.03 -21.84 7.48
N ILE C 308 28.65 -22.26 6.27
CA ILE C 308 28.11 -23.61 6.02
C ILE C 308 29.21 -24.66 6.28
N MET C 309 30.43 -24.34 5.85
CA MET C 309 31.62 -25.17 6.15
C MET C 309 32.02 -25.22 7.62
N GLU C 310 31.91 -24.12 8.37
CA GLU C 310 32.13 -24.22 9.80
C GLU C 310 31.14 -25.17 10.43
N ARG C 311 29.87 -25.05 10.04
CA ARG C 311 28.80 -25.93 10.59
C ARG C 311 29.01 -27.40 10.17
N ALA C 312 29.49 -27.60 8.93
CA ALA C 312 29.95 -28.93 8.44
C ALA C 312 30.95 -29.55 9.41
N LEU C 313 32.08 -28.87 9.61
CA LEU C 313 33.16 -29.31 10.50
C LEU C 313 32.76 -29.51 11.93
N PHE C 314 31.79 -28.72 12.42
CA PHE C 314 31.22 -28.91 13.76
C PHE C 314 30.39 -30.18 13.90
N HIS C 315 30.08 -30.85 12.79
CA HIS C 315 29.12 -32.01 12.77
C HIS C 315 29.70 -33.29 12.22
N MET C 316 30.99 -33.25 11.92
CA MET C 316 31.71 -34.40 11.32
C MET C 316 31.85 -35.62 12.26
N ASP C 317 31.51 -35.45 13.54
CA ASP C 317 31.45 -36.50 14.56
C ASP C 317 30.07 -37.16 14.73
N ASN C 318 29.02 -36.54 14.17
CA ASN C 318 27.66 -36.88 14.51
C ASN C 318 27.60 -37.14 16.00
N CYS C 319 27.26 -38.34 16.46
CA CYS C 319 27.12 -38.62 17.90
C CYS C 319 28.23 -39.55 18.47
N TYR C 320 29.45 -39.41 17.96
CA TYR C 320 30.52 -40.42 18.14
C TYR C 320 31.79 -39.84 18.67
N LYS C 321 32.26 -40.42 19.77
CA LYS C 321 33.49 -40.03 20.49
C LYS C 321 34.70 -40.56 19.71
N ILE C 322 35.42 -39.64 19.08
CA ILE C 322 36.63 -39.93 18.29
C ILE C 322 37.84 -39.28 18.98
N PRO C 323 38.70 -40.09 19.64
CA PRO C 323 39.74 -39.45 20.48
C PRO C 323 40.80 -38.65 19.70
N ASN C 324 40.98 -39.01 18.42
CA ASN C 324 41.98 -38.43 17.53
C ASN C 324 41.29 -38.18 16.19
N ILE C 325 41.42 -36.97 15.64
CA ILE C 325 40.41 -36.46 14.66
C ILE C 325 40.82 -35.15 14.03
N ARG C 326 40.87 -35.16 12.71
CA ARG C 326 41.17 -33.99 11.92
C ARG C 326 40.10 -33.88 10.83
N GLY C 327 39.54 -32.68 10.68
CA GLY C 327 38.55 -32.38 9.66
C GLY C 327 39.03 -31.11 9.04
N THR C 328 38.90 -31.00 7.74
CA THR C 328 39.27 -29.78 7.09
C THR C 328 38.16 -29.46 6.09
N GLY C 329 38.21 -28.29 5.51
CA GLY C 329 37.22 -27.88 4.54
C GLY C 329 37.68 -26.81 3.60
N ARG C 330 37.26 -26.91 2.36
CA ARG C 330 37.61 -25.95 1.36
C ARG C 330 36.32 -25.57 0.61
N LEU C 331 36.26 -24.32 0.19
CA LEU C 331 35.14 -23.80 -0.58
C LEU C 331 35.63 -23.57 -1.97
N CYS C 332 34.96 -24.19 -2.94
CA CYS C 332 35.36 -24.14 -4.32
C CYS C 332 34.59 -23.07 -5.00
N LYS C 333 35.28 -22.33 -5.84
CA LYS C 333 34.80 -21.14 -6.50
C LYS C 333 34.57 -21.60 -7.93
N THR C 334 33.31 -21.63 -8.34
CA THR C 334 32.94 -22.27 -9.59
C THR C 334 32.01 -21.36 -10.34
N ASN C 335 31.87 -21.63 -11.62
CA ASN C 335 30.98 -20.89 -12.50
C ASN C 335 29.56 -21.46 -12.51
N LEU C 336 29.01 -21.64 -11.31
CA LEU C 336 27.62 -22.01 -11.08
C LEU C 336 26.97 -20.95 -10.16
N SER C 337 25.64 -20.80 -10.25
CA SER C 337 24.87 -19.93 -9.34
C SER C 337 25.36 -20.16 -7.93
N SER C 338 25.49 -19.08 -7.16
CA SER C 338 25.97 -19.16 -5.80
C SER C 338 25.03 -20.01 -4.92
N ASN C 339 25.61 -20.94 -4.17
CA ASN C 339 24.84 -21.77 -3.24
C ASN C 339 24.72 -21.06 -1.91
N THR C 340 23.72 -21.44 -1.13
CA THR C 340 23.34 -20.66 0.00
C THR C 340 22.86 -21.56 1.12
N ALA C 341 22.20 -20.93 2.11
CA ALA C 341 21.54 -21.63 3.18
C ALA C 341 20.44 -22.54 2.63
N PHE C 342 20.32 -23.71 3.27
CA PHE C 342 19.26 -24.66 3.04
C PHE C 342 19.15 -25.39 4.36
N ARG C 343 17.93 -25.51 4.83
CA ARG C 343 17.64 -26.14 6.10
C ARG C 343 18.69 -27.18 6.54
N GLY C 344 19.57 -26.88 7.46
CA GLY C 344 20.62 -27.83 7.90
C GLY C 344 21.99 -27.20 7.89
N PHE C 345 22.29 -26.51 6.78
CA PHE C 345 23.38 -25.53 6.70
C PHE C 345 24.75 -26.19 6.91
N GLY C 346 24.98 -27.28 6.19
CA GLY C 346 26.27 -27.94 6.16
C GLY C 346 26.29 -29.14 7.09
N GLY C 347 25.37 -29.19 8.04
CA GLY C 347 25.19 -30.28 8.97
C GLY C 347 24.78 -31.58 8.29
N PRO C 348 23.69 -31.55 7.46
CA PRO C 348 23.32 -32.78 6.74
C PRO C 348 24.43 -33.39 5.94
N GLN C 349 25.20 -32.60 5.21
CA GLN C 349 26.32 -33.11 4.37
C GLN C 349 27.41 -33.83 5.19
N ALA C 350 27.97 -33.15 6.21
CA ALA C 350 29.03 -33.73 7.07
C ALA C 350 28.52 -34.86 7.97
N LEU C 351 27.25 -34.86 8.29
CA LEU C 351 26.65 -35.94 9.08
C LEU C 351 26.46 -37.19 8.22
N PHE C 352 26.20 -36.98 6.93
CA PHE C 352 26.08 -38.05 5.95
C PHE C 352 27.47 -38.68 5.63
N ILE C 353 28.50 -37.87 5.44
CA ILE C 353 29.87 -38.36 5.49
C ILE C 353 30.19 -39.20 6.80
N ALA C 354 29.90 -38.68 7.98
CA ALA C 354 30.01 -39.46 9.22
C ALA C 354 29.36 -40.84 9.15
N GLU C 355 28.13 -40.89 8.65
CA GLU C 355 27.36 -42.12 8.82
C GLU C 355 27.73 -43.15 7.80
N ASN C 356 28.22 -42.67 6.66
CA ASN C 356 28.81 -43.50 5.67
C ASN C 356 30.07 -44.28 6.13
N TRP C 357 31.11 -43.62 6.66
CA TRP C 357 32.26 -44.38 7.22
C TRP C 357 31.86 -45.17 8.44
N MET C 358 30.95 -44.68 9.24
CA MET C 358 30.48 -45.49 10.37
C MET C 358 29.91 -46.82 9.83
N SER C 359 29.14 -46.76 8.74
CA SER C 359 28.56 -47.96 8.10
C SER C 359 29.66 -48.88 7.57
N GLU C 360 30.75 -48.31 7.07
CA GLU C 360 31.88 -49.08 6.57
C GLU C 360 32.64 -49.79 7.68
N VAL C 361 32.91 -49.09 8.77
CA VAL C 361 33.49 -49.69 9.98
C VAL C 361 32.74 -50.93 10.39
N ALA C 362 31.41 -50.84 10.51
CA ALA C 362 30.55 -51.96 10.97
C ALA C 362 30.65 -53.19 10.06
N VAL C 363 30.66 -52.93 8.75
CA VAL C 363 30.75 -53.96 7.73
C VAL C 363 32.16 -54.59 7.71
N THR C 364 33.19 -53.76 7.86
CA THR C 364 34.55 -54.22 7.88
C THR C 364 34.78 -55.14 9.06
N CYS C 365 34.17 -54.83 10.20
CA CYS C 365 34.29 -55.63 11.41
C CYS C 365 33.34 -56.81 11.45
N GLY C 366 32.41 -56.87 10.50
CA GLY C 366 31.38 -57.90 10.51
C GLY C 366 30.50 -57.86 11.75
N LEU C 367 30.25 -56.67 12.28
CA LEU C 367 29.41 -56.54 13.49
C LEU C 367 28.07 -55.92 13.12
N PRO C 368 27.03 -56.17 13.94
CA PRO C 368 25.74 -55.48 13.78
C PRO C 368 25.91 -53.96 13.93
N ALA C 369 25.35 -53.21 12.99
CA ALA C 369 25.60 -51.76 12.91
C ALA C 369 25.08 -50.97 14.11
N GLU C 370 23.95 -51.38 14.72
CA GLU C 370 23.48 -50.72 15.96
C GLU C 370 24.54 -50.77 17.03
N GLU C 371 25.18 -51.94 17.20
CA GLU C 371 26.15 -52.14 18.28
C GLU C 371 27.44 -51.31 18.07
N VAL C 372 27.92 -51.24 16.83
CA VAL C 372 29.11 -50.45 16.52
C VAL C 372 28.86 -48.96 16.75
N ARG C 373 27.61 -48.52 16.54
CA ARG C 373 27.24 -47.10 16.64
C ARG C 373 27.06 -46.77 18.10
N TRP C 374 26.28 -47.61 18.79
CA TRP C 374 26.06 -47.49 20.24
C TRP C 374 27.34 -47.47 21.08
N LYS C 375 28.23 -48.41 20.76
CA LYS C 375 29.58 -48.57 21.32
C LYS C 375 30.41 -47.32 21.20
N ASN C 376 30.24 -46.61 20.09
CA ASN C 376 31.02 -45.40 19.78
C ASN C 376 30.41 -44.05 20.24
N MET C 377 29.19 -44.11 20.78
CA MET C 377 28.39 -42.93 21.14
C MET C 377 28.97 -42.21 22.37
N TYR C 378 28.92 -40.87 22.34
CA TYR C 378 29.25 -40.06 23.49
C TYR C 378 28.37 -40.49 24.68
N LYS C 379 28.87 -40.26 25.87
CA LYS C 379 28.07 -40.38 27.09
C LYS C 379 27.91 -38.93 27.61
N GLU C 380 26.89 -38.74 28.45
CA GLU C 380 26.69 -37.51 29.20
C GLU C 380 28.05 -36.90 29.63
N GLY C 381 28.23 -35.63 29.32
CA GLY C 381 29.35 -34.90 29.86
C GLY C 381 30.56 -34.86 28.98
N ASP C 382 30.62 -35.77 28.00
CA ASP C 382 31.75 -35.80 27.07
C ASP C 382 31.94 -34.45 26.38
N LEU C 383 33.18 -34.18 26.00
CA LEU C 383 33.51 -33.07 25.12
C LEU C 383 33.48 -33.60 23.69
N THR C 384 33.25 -32.70 22.74
CA THR C 384 33.18 -33.00 21.33
C THR C 384 34.53 -32.66 20.80
N HIS C 385 34.75 -32.85 19.50
CA HIS C 385 36.05 -32.54 18.83
C HIS C 385 36.53 -31.07 18.84
N PHE C 386 35.60 -30.16 19.14
CA PHE C 386 35.83 -28.71 19.21
C PHE C 386 35.67 -28.18 20.66
N ASN C 387 35.50 -29.14 21.57
CA ASN C 387 35.80 -29.03 22.99
C ASN C 387 34.65 -28.57 23.86
N GLN C 388 33.42 -28.77 23.35
CA GLN C 388 32.22 -28.35 24.04
C GLN C 388 31.55 -29.57 24.63
N ARG C 389 31.11 -29.42 25.87
CA ARG C 389 30.57 -30.52 26.63
C ARG C 389 29.05 -30.74 26.42
N LEU C 390 28.66 -31.98 26.60
CA LEU C 390 27.32 -32.40 26.29
C LEU C 390 26.57 -32.61 27.58
N GLU C 391 25.84 -31.58 28.03
CA GLU C 391 24.92 -31.74 29.16
C GLU C 391 23.51 -31.95 28.66
N GLY C 392 22.78 -32.84 29.32
CA GLY C 392 21.46 -33.24 28.84
C GLY C 392 21.57 -33.97 27.50
N PHE C 393 22.62 -34.78 27.35
CA PHE C 393 22.85 -35.52 26.12
C PHE C 393 21.89 -36.69 26.11
N SER C 394 20.80 -36.59 25.35
CA SER C 394 19.69 -37.53 25.47
C SER C 394 19.54 -38.56 24.34
N VAL C 395 20.56 -38.69 23.49
CA VAL C 395 20.51 -39.65 22.38
C VAL C 395 20.33 -41.13 22.79
N PRO C 396 20.98 -41.58 23.89
CA PRO C 396 20.72 -42.90 24.51
C PRO C 396 19.28 -43.21 24.95
N ARG C 397 18.57 -42.26 25.56
CA ARG C 397 17.12 -42.41 25.75
C ARG C 397 16.40 -42.52 24.40
N CYS C 398 16.77 -41.67 23.43
CA CYS C 398 16.12 -41.68 22.11
C CYS C 398 16.30 -43.02 21.44
N TRP C 399 17.56 -43.48 21.39
CA TRP C 399 17.97 -44.78 20.87
C TRP C 399 17.14 -45.90 21.50
N ASP C 400 17.29 -46.11 22.82
CA ASP C 400 16.48 -47.04 23.62
C ASP C 400 15.01 -47.13 23.25
N GLU C 401 14.38 -45.95 23.32
CA GLU C 401 12.95 -45.78 23.15
C GLU C 401 12.61 -46.02 21.69
N CYS C 402 13.49 -45.62 20.77
CA CYS C 402 13.28 -45.89 19.34
C CYS C 402 13.50 -47.36 18.98
N LEU C 403 14.63 -47.94 19.41
CA LEU C 403 14.83 -49.40 19.33
C LEU C 403 13.57 -50.16 19.76
N LYS C 404 13.03 -49.80 20.91
CA LYS C 404 11.88 -50.48 21.48
C LYS C 404 10.56 -50.16 20.78
N SER C 405 10.26 -48.88 20.58
CA SER C 405 8.97 -48.49 19.99
C SER C 405 8.89 -49.01 18.56
N SER C 406 10.01 -49.01 17.84
CA SER C 406 10.02 -49.50 16.44
C SER C 406 10.14 -51.02 16.28
N GLN C 407 10.34 -51.76 17.38
CA GLN C 407 10.47 -53.21 17.33
C GLN C 407 11.62 -53.62 16.38
N TYR C 408 12.72 -52.88 16.47
CA TYR C 408 13.87 -53.04 15.60
C TYR C 408 14.41 -54.45 15.50
N TYR C 409 14.61 -55.11 16.65
CA TYR C 409 15.27 -56.42 16.70
C TYR C 409 14.41 -57.51 16.00
N ALA C 410 13.10 -57.50 16.24
CA ALA C 410 12.19 -58.43 15.57
C ALA C 410 12.10 -58.16 14.07
N ARG C 411 12.09 -56.87 13.70
CA ARG C 411 12.02 -56.49 12.29
C ARG C 411 13.33 -56.76 11.59
N LYS C 412 14.44 -56.73 12.30
CA LYS C 412 15.72 -57.20 11.78
C LYS C 412 15.61 -58.65 11.16
N SER C 413 15.00 -59.59 11.90
CA SER C 413 14.88 -61.00 11.48
C SER C 413 13.94 -61.19 10.30
N GLU C 414 12.84 -60.43 10.32
CA GLU C 414 11.87 -60.48 9.25
C GLU C 414 12.51 -59.95 7.95
N VAL C 415 13.44 -59.02 8.08
CA VAL C 415 14.16 -58.49 6.92
C VAL C 415 15.14 -59.52 6.37
N ASP C 416 15.95 -60.13 7.24
CA ASP C 416 16.78 -61.31 6.91
C ASP C 416 15.99 -62.45 6.25
N LYS C 417 14.88 -62.82 6.88
CA LYS C 417 14.04 -63.89 6.36
C LYS C 417 13.58 -63.55 4.94
N PHE C 418 13.11 -62.32 4.75
CA PHE C 418 12.62 -61.85 3.45
C PHE C 418 13.71 -61.97 2.39
N ASN C 419 14.96 -61.66 2.74
CA ASN C 419 16.08 -61.70 1.80
C ASN C 419 16.55 -63.13 1.46
N LYS C 420 16.42 -64.06 2.40
CA LYS C 420 16.65 -65.50 2.16
C LYS C 420 15.60 -66.13 1.25
N GLU C 421 14.43 -65.51 1.17
CA GLU C 421 13.31 -66.06 0.42
C GLU C 421 12.98 -65.33 -0.89
N ASN C 422 13.67 -64.21 -1.11
CA ASN C 422 13.40 -63.30 -2.22
C ASN C 422 14.70 -63.01 -2.93
N CYS C 423 14.59 -62.93 -4.23
CA CYS C 423 15.69 -63.08 -5.14
C CYS C 423 16.02 -61.78 -5.88
N TRP C 424 14.95 -61.09 -6.30
CA TRP C 424 14.99 -59.91 -7.12
C TRP C 424 14.34 -58.70 -6.41
N LYS C 425 13.96 -58.88 -5.16
CA LYS C 425 13.59 -57.79 -4.22
C LYS C 425 14.29 -57.97 -2.87
N LYS C 426 14.78 -56.90 -2.27
CA LYS C 426 15.43 -56.98 -0.94
C LYS C 426 14.92 -55.90 0.00
N ARG C 427 15.06 -56.13 1.30
CA ARG C 427 14.72 -55.15 2.28
C ARG C 427 15.93 -54.76 3.09
N GLY C 428 15.86 -53.55 3.65
CA GLY C 428 16.92 -52.93 4.47
C GLY C 428 16.29 -52.26 5.69
N LEU C 429 17.05 -52.21 6.78
CA LEU C 429 16.56 -51.65 8.02
C LEU C 429 17.76 -50.96 8.69
N CYS C 430 17.55 -49.75 9.22
CA CYS C 430 18.64 -48.98 9.74
C CYS C 430 18.19 -47.92 10.74
N ILE C 431 18.87 -47.90 11.88
CA ILE C 431 18.60 -46.97 12.96
C ILE C 431 19.78 -46.01 13.06
N ILE C 432 19.48 -44.72 13.13
CA ILE C 432 20.51 -43.70 12.96
C ILE C 432 20.25 -42.55 13.95
N PRO C 433 21.32 -42.03 14.55
CA PRO C 433 21.16 -40.94 15.46
C PRO C 433 21.49 -39.63 14.81
N THR C 434 21.17 -38.55 15.52
CA THR C 434 21.71 -37.24 15.18
C THR C 434 21.75 -36.31 16.39
N LYS C 435 22.69 -35.39 16.32
CA LYS C 435 22.72 -34.27 17.24
C LYS C 435 23.03 -33.11 16.34
N PHE C 436 22.39 -31.98 16.62
CA PHE C 436 22.55 -30.75 15.83
C PHE C 436 22.73 -29.56 16.80
N GLY C 437 23.80 -28.79 16.62
CA GLY C 437 24.16 -27.69 17.52
C GLY C 437 23.33 -26.42 17.30
N ILE C 438 22.74 -25.93 18.38
CA ILE C 438 21.83 -24.78 18.33
C ILE C 438 22.51 -23.43 18.65
N SER C 439 22.66 -22.62 17.59
CA SER C 439 23.00 -21.20 17.60
C SER C 439 23.57 -20.85 16.23
N PHE C 440 23.48 -19.60 15.78
CA PHE C 440 24.21 -19.19 14.59
C PHE C 440 25.67 -19.39 14.90
N THR C 441 26.46 -19.81 13.91
CA THR C 441 27.92 -19.91 14.04
C THR C 441 28.63 -18.54 14.15
N VAL C 442 28.10 -17.52 13.47
CA VAL C 442 28.61 -16.15 13.66
C VAL C 442 27.93 -15.58 14.93
N PRO C 443 28.67 -15.44 16.07
CA PRO C 443 27.99 -15.12 17.35
C PRO C 443 27.10 -13.87 17.40
N PHE C 444 27.44 -12.85 16.62
CA PHE C 444 26.71 -11.61 16.72
C PHE C 444 25.25 -11.67 16.21
N LEU C 445 24.89 -12.73 15.48
CA LEU C 445 23.55 -12.97 15.03
C LEU C 445 22.60 -13.48 16.11
N ASN C 446 23.14 -13.98 17.22
CA ASN C 446 22.29 -14.48 18.32
C ASN C 446 21.75 -13.30 19.15
N GLN C 447 21.00 -12.46 18.44
CA GLN C 447 20.37 -11.30 19.02
C GLN C 447 18.96 -11.16 18.48
N ALA C 448 18.03 -10.73 19.33
CA ALA C 448 16.61 -10.65 18.97
C ALA C 448 15.95 -9.48 19.66
N GLY C 449 15.16 -8.69 18.88
CA GLY C 449 14.25 -7.66 19.41
C GLY C 449 12.76 -7.94 19.25
N ALA C 450 11.96 -7.28 20.09
CA ALA C 450 10.49 -7.26 20.03
C ALA C 450 9.98 -5.84 20.39
N LEU C 451 8.78 -5.51 19.91
CA LEU C 451 8.03 -4.32 20.29
C LEU C 451 6.64 -4.81 20.58
N ILE C 452 6.13 -4.50 21.77
CA ILE C 452 4.78 -4.81 22.16
C ILE C 452 4.06 -3.51 22.54
N HIS C 453 2.80 -3.35 22.07
CA HIS C 453 1.90 -2.22 22.39
C HIS C 453 0.68 -2.84 23.01
N VAL C 454 0.20 -2.30 24.13
CA VAL C 454 -1.14 -2.60 24.58
C VAL C 454 -2.02 -1.38 24.38
N TYR C 455 -3.14 -1.60 23.66
CA TYR C 455 -4.12 -0.58 23.35
C TYR C 455 -5.18 -0.51 24.43
N THR C 456 -6.02 0.53 24.37
CA THR C 456 -6.76 0.97 25.57
C THR C 456 -7.98 0.09 25.78
N ASP C 457 -8.30 -0.72 24.77
CA ASP C 457 -9.24 -1.82 24.89
C ASP C 457 -8.57 -3.10 25.45
N GLY C 458 -7.29 -3.04 25.77
CA GLY C 458 -6.57 -4.19 26.31
C GLY C 458 -6.04 -5.17 25.27
N SER C 459 -6.28 -4.88 23.98
CA SER C 459 -5.76 -5.67 22.86
C SER C 459 -4.27 -5.38 22.68
N VAL C 460 -3.52 -6.42 22.34
CA VAL C 460 -2.04 -6.42 22.34
C VAL C 460 -1.56 -6.67 20.93
N LEU C 461 -0.66 -5.83 20.44
CA LEU C 461 0.01 -6.04 19.17
C LEU C 461 1.48 -6.35 19.47
N VAL C 462 1.90 -7.57 19.14
CA VAL C 462 3.30 -8.01 19.29
C VAL C 462 3.95 -7.89 17.94
N SER C 463 5.10 -7.28 17.88
CA SER C 463 5.96 -7.34 16.69
C SER C 463 7.31 -7.87 17.15
N HIS C 464 7.93 -8.71 16.33
CA HIS C 464 9.32 -9.17 16.58
C HIS C 464 10.07 -9.25 15.23
N GLY C 465 11.38 -9.52 15.31
CA GLY C 465 12.25 -9.50 14.15
C GLY C 465 12.23 -10.74 13.29
N GLY C 466 11.56 -11.79 13.77
CA GLY C 466 11.34 -13.01 13.04
C GLY C 466 10.17 -12.96 12.09
N THR C 467 10.35 -13.68 10.98
CA THR C 467 9.36 -13.85 9.92
C THR C 467 8.68 -15.23 9.99
N GLU C 468 7.45 -15.28 9.50
CA GLU C 468 6.69 -16.51 9.36
C GLU C 468 6.84 -17.04 7.93
N MET C 469 7.33 -18.28 7.79
CA MET C 469 7.48 -18.97 6.49
C MET C 469 6.75 -20.32 6.48
N GLY C 470 5.90 -20.54 7.49
CA GLY C 470 5.14 -21.75 7.66
C GLY C 470 5.47 -22.53 8.91
N GLN C 471 6.44 -22.06 9.71
CA GLN C 471 6.96 -22.87 10.79
C GLN C 471 6.26 -22.63 12.14
N GLY C 472 5.24 -21.76 12.16
CA GLY C 472 4.47 -21.49 13.38
C GLY C 472 5.12 -20.58 14.42
N LEU C 473 6.10 -19.79 14.00
CA LEU C 473 6.74 -18.81 14.87
C LEU C 473 5.72 -17.85 15.56
N HIS C 474 4.95 -17.14 14.73
CA HIS C 474 3.93 -16.21 15.23
C HIS C 474 2.94 -16.93 16.12
N THR C 475 2.52 -18.13 15.78
CA THR C 475 1.69 -18.88 16.72
C THR C 475 2.42 -19.06 18.07
N LYS C 476 3.72 -19.38 18.05
CA LYS C 476 4.44 -19.72 19.28
C LYS C 476 4.76 -18.49 20.13
N MET C 477 5.00 -17.36 19.44
CA MET C 477 5.17 -16.06 20.11
C MET C 477 3.92 -15.52 20.79
N VAL C 478 2.78 -15.78 20.17
CA VAL C 478 1.48 -15.47 20.74
C VAL C 478 1.22 -16.39 21.97
N GLN C 479 1.67 -17.65 21.90
CA GLN C 479 1.45 -18.57 22.99
C GLN C 479 2.26 -18.13 24.20
N VAL C 480 3.46 -17.64 23.93
CA VAL C 480 4.36 -17.14 24.93
C VAL C 480 3.86 -15.81 25.55
N ALA C 481 3.63 -14.80 24.73
CA ALA C 481 3.01 -13.54 25.19
C ALA C 481 1.81 -13.83 26.10
N SER C 482 0.88 -14.63 25.60
CA SER C 482 -0.29 -15.01 26.38
C SER C 482 0.06 -15.65 27.73
N LYS C 483 1.10 -16.49 27.77
CA LYS C 483 1.55 -17.10 29.05
C LYS C 483 2.24 -16.07 29.95
N ALA C 484 3.13 -15.25 29.36
CA ALA C 484 3.88 -14.22 30.07
C ALA C 484 3.01 -13.10 30.62
N LEU C 485 2.03 -12.64 29.82
CA LEU C 485 1.06 -11.61 30.23
C LEU C 485 -0.13 -12.14 31.04
N LYS C 486 -0.41 -13.44 30.94
CA LYS C 486 -1.58 -14.07 31.57
C LYS C 486 -2.92 -13.59 31.03
N ILE C 487 -2.95 -13.45 29.70
CA ILE C 487 -4.19 -13.12 28.98
C ILE C 487 -4.43 -14.20 27.90
N PRO C 488 -5.70 -14.38 27.48
CA PRO C 488 -6.07 -15.20 26.34
C PRO C 488 -5.31 -14.83 25.06
N ILE C 489 -5.04 -15.87 24.26
CA ILE C 489 -4.38 -15.71 23.00
C ILE C 489 -5.24 -14.84 22.13
N SER C 490 -6.56 -14.96 22.28
CA SER C 490 -7.51 -14.13 21.52
C SER C 490 -7.27 -12.58 21.69
N LYS C 491 -6.62 -12.13 22.74
CA LYS C 491 -6.33 -10.69 22.96
C LYS C 491 -5.03 -10.18 22.27
N ILE C 492 -4.27 -11.12 21.69
CA ILE C 492 -2.92 -10.88 21.16
C ILE C 492 -2.98 -11.07 19.67
N TYR C 493 -2.37 -10.15 18.94
CA TYR C 493 -2.26 -10.29 17.49
C TYR C 493 -0.84 -9.94 17.04
N ILE C 494 -0.30 -10.72 16.10
CA ILE C 494 0.86 -10.30 15.26
C ILE C 494 0.43 -10.22 13.82
N SER C 495 0.77 -9.10 13.20
CA SER C 495 0.36 -8.70 11.88
C SER C 495 1.46 -9.05 10.82
N GLU C 496 2.67 -8.58 11.07
CA GLU C 496 3.77 -8.74 10.16
C GLU C 496 5.11 -8.34 10.78
N THR C 497 6.18 -8.45 10.00
CA THR C 497 7.55 -8.13 10.40
C THR C 497 7.95 -6.91 9.58
N SER C 498 8.57 -5.93 10.22
CA SER C 498 8.91 -4.69 9.52
C SER C 498 10.08 -3.97 10.16
N THR C 499 10.90 -3.33 9.35
CA THR C 499 12.19 -2.81 9.80
C THR C 499 12.04 -1.51 10.59
N ASN C 500 10.83 -0.97 10.55
CA ASN C 500 10.44 0.21 11.30
C ASN C 500 9.81 -0.09 12.65
N THR C 501 9.48 -1.36 12.93
CA THR C 501 9.08 -1.79 14.28
C THR C 501 10.26 -2.45 15.00
N VAL C 502 11.05 -3.26 14.29
CA VAL C 502 12.28 -3.85 14.88
C VAL C 502 13.43 -3.78 13.90
N PRO C 503 14.45 -2.91 14.18
CA PRO C 503 15.53 -2.69 13.26
C PRO C 503 16.64 -3.75 13.44
N ASN C 504 17.60 -3.81 12.51
CA ASN C 504 18.81 -4.65 12.64
C ASN C 504 18.60 -6.11 13.09
N SER C 505 17.58 -6.75 12.56
CA SER C 505 17.30 -8.12 12.90
C SER C 505 18.15 -9.08 12.05
N SER C 506 18.50 -10.21 12.66
CA SER C 506 19.17 -11.30 11.99
C SER C 506 18.11 -12.04 11.17
N PRO C 507 18.54 -12.77 10.12
CA PRO C 507 17.61 -13.63 9.42
C PRO C 507 16.87 -14.60 10.33
N THR C 508 15.62 -14.89 9.96
CA THR C 508 14.88 -15.96 10.59
C THR C 508 15.54 -17.22 10.04
N ALA C 509 16.51 -17.70 10.84
CA ALA C 509 17.35 -18.82 10.47
C ALA C 509 17.90 -19.59 11.69
N ALA C 510 18.68 -20.64 11.41
CA ALA C 510 19.49 -21.42 12.38
C ALA C 510 18.67 -22.04 13.47
N SER C 511 17.37 -22.18 13.21
CA SER C 511 16.42 -22.86 14.10
C SER C 511 16.14 -22.15 15.41
N VAL C 512 16.73 -20.99 15.62
CA VAL C 512 16.77 -20.37 16.97
C VAL C 512 15.70 -19.29 17.19
N SER C 513 14.99 -18.94 16.14
CA SER C 513 13.99 -17.88 16.18
C SER C 513 13.05 -17.94 17.36
N THR C 514 12.47 -19.11 17.60
CA THR C 514 11.56 -19.33 18.73
C THR C 514 12.22 -19.11 20.10
N ASP C 515 13.49 -19.52 20.19
CA ASP C 515 14.29 -19.26 21.36
C ASP C 515 14.51 -17.74 21.54
N ILE C 516 15.08 -17.09 20.55
CA ILE C 516 15.58 -15.74 20.77
C ILE C 516 14.46 -14.67 20.72
N TYR C 517 13.54 -14.77 19.74
CA TYR C 517 12.38 -13.85 19.66
C TYR C 517 11.41 -14.15 20.79
N GLY C 518 11.31 -15.41 21.20
CA GLY C 518 10.46 -15.78 22.35
C GLY C 518 10.97 -15.15 23.63
N GLN C 519 12.29 -15.10 23.76
CA GLN C 519 12.97 -14.47 24.89
C GLN C 519 12.80 -12.92 24.90
N ALA C 520 12.90 -12.27 23.74
CA ALA C 520 12.67 -10.82 23.57
C ALA C 520 11.21 -10.40 23.86
N VAL C 521 10.30 -11.15 23.26
CA VAL C 521 8.86 -11.02 23.48
C VAL C 521 8.52 -11.17 24.96
N TYR C 522 9.09 -12.20 25.60
CA TYR C 522 8.94 -12.47 27.07
C TYR C 522 9.39 -11.29 27.97
N GLU C 523 10.52 -10.68 27.62
CA GLU C 523 11.00 -9.51 28.36
C GLU C 523 10.13 -8.24 28.17
N ALA C 524 9.50 -8.07 27.01
CA ALA C 524 8.59 -6.94 26.80
C ALA C 524 7.41 -7.16 27.71
N CYS C 525 6.85 -8.35 27.68
CA CYS C 525 5.78 -8.71 28.59
C CYS C 525 6.05 -8.48 30.04
N GLN C 526 7.30 -8.67 30.47
CA GLN C 526 7.65 -8.55 31.87
C GLN C 526 7.69 -7.10 32.30
N THR C 527 8.24 -6.24 31.44
CA THR C 527 8.21 -4.77 31.61
C THR C 527 6.80 -4.17 31.60
N ILE C 528 5.94 -4.69 30.75
CA ILE C 528 4.53 -4.33 30.79
C ILE C 528 3.83 -4.78 32.07
N LEU C 529 4.15 -5.96 32.58
CA LEU C 529 3.56 -6.42 33.84
C LEU C 529 4.01 -5.59 35.05
N LYS C 530 5.27 -5.13 35.05
CA LYS C 530 5.84 -4.31 36.12
C LYS C 530 5.11 -2.94 36.13
N ARG C 531 4.89 -2.39 34.93
CA ARG C 531 4.22 -1.11 34.77
C ARG C 531 2.75 -1.15 35.13
N LEU C 532 2.16 -2.33 35.06
CA LEU C 532 0.77 -2.52 35.42
C LEU C 532 0.56 -2.90 36.88
N GLU C 533 1.58 -3.43 37.54
CA GLU C 533 1.43 -3.95 38.92
C GLU C 533 0.79 -2.98 39.96
N PRO C 534 1.15 -1.69 39.93
CA PRO C 534 0.42 -0.82 40.88
C PRO C 534 -1.12 -0.88 40.75
N PHE C 535 -1.62 -1.01 39.54
CA PHE C 535 -3.05 -0.99 39.25
C PHE C 535 -3.67 -2.34 39.58
N LYS C 536 -2.92 -3.42 39.33
CA LYS C 536 -3.30 -4.73 39.79
C LYS C 536 -3.40 -4.73 41.31
N LYS C 537 -2.42 -4.13 41.99
CA LYS C 537 -2.43 -3.98 43.44
C LYS C 537 -3.67 -3.24 43.93
N LYS C 538 -3.95 -2.06 43.34
CA LYS C 538 -5.17 -1.28 43.65
C LYS C 538 -6.50 -2.02 43.37
N ASN C 539 -6.53 -2.94 42.38
CA ASN C 539 -7.76 -3.60 41.87
C ASN C 539 -7.50 -5.10 41.56
N PRO C 540 -7.15 -5.90 42.60
CA PRO C 540 -6.69 -7.28 42.41
C PRO C 540 -7.73 -8.21 41.82
N ASP C 541 -9.01 -7.99 42.19
CA ASP C 541 -10.14 -8.80 41.68
C ASP C 541 -10.73 -8.21 40.39
N GLY C 542 -9.96 -7.35 39.71
CA GLY C 542 -10.44 -6.63 38.55
C GLY C 542 -9.88 -7.31 37.33
N SER C 543 -10.12 -6.72 36.15
CA SER C 543 -9.70 -7.31 34.89
C SER C 543 -8.59 -6.56 34.23
N TRP C 544 -7.96 -7.26 33.28
CA TRP C 544 -6.82 -6.78 32.46
C TRP C 544 -7.19 -5.46 31.79
N GLU C 545 -8.42 -5.39 31.30
CA GLU C 545 -9.01 -4.23 30.61
C GLU C 545 -9.18 -3.02 31.55
N ASP C 546 -9.61 -3.31 32.80
CA ASP C 546 -9.67 -2.34 33.90
C ASP C 546 -8.29 -1.74 34.17
N TRP C 547 -7.29 -2.62 34.34
CA TRP C 547 -5.95 -2.21 34.71
C TRP C 547 -5.25 -1.45 33.61
N VAL C 548 -5.41 -1.93 32.39
CA VAL C 548 -4.84 -1.27 31.23
C VAL C 548 -5.35 0.17 31.08
N MET C 549 -6.68 0.34 31.18
CA MET C 549 -7.29 1.68 31.23
C MET C 549 -6.81 2.53 32.43
N ALA C 550 -6.80 1.96 33.63
CA ALA C 550 -6.23 2.71 34.77
C ALA C 550 -4.78 3.15 34.49
N ALA C 551 -4.00 2.34 33.79
CA ALA C 551 -2.59 2.70 33.51
C ALA C 551 -2.52 3.80 32.46
N TYR C 552 -3.40 3.71 31.45
CA TYR C 552 -3.48 4.77 30.44
C TYR C 552 -3.92 6.12 31.08
N GLN C 553 -5.02 6.11 31.84
CA GLN C 553 -5.48 7.34 32.50
C GLN C 553 -4.53 7.89 33.58
N ASP C 554 -3.57 7.09 34.03
CA ASP C 554 -2.54 7.53 34.96
C ASP C 554 -1.26 7.87 34.23
N ARG C 555 -1.35 7.90 32.91
CA ARG C 555 -0.23 8.22 31.99
C ARG C 555 0.99 7.35 32.19
N VAL C 556 0.76 6.05 32.32
CA VAL C 556 1.80 5.02 32.31
C VAL C 556 1.84 4.46 30.89
N SER C 557 3.02 4.42 30.28
CA SER C 557 3.18 3.86 28.91
C SER C 557 2.85 2.36 28.80
N LEU C 558 2.18 1.98 27.71
CA LEU C 558 1.79 0.59 27.45
C LEU C 558 2.47 0.07 26.18
N SER C 559 3.67 0.60 25.93
CA SER C 559 4.50 0.26 24.80
C SER C 559 5.90 0.04 25.31
N THR C 560 6.56 -1.03 24.86
CA THR C 560 7.90 -1.35 25.34
C THR C 560 8.62 -2.27 24.34
N THR C 561 9.94 -2.07 24.24
CA THR C 561 10.85 -2.97 23.56
C THR C 561 11.28 -4.12 24.50
N GLY C 562 11.69 -5.22 23.87
CA GLY C 562 12.44 -6.28 24.53
C GLY C 562 13.63 -6.64 23.66
N PHE C 563 14.60 -7.30 24.27
CA PHE C 563 15.81 -7.69 23.53
C PHE C 563 16.44 -8.90 24.24
N TYR C 564 17.21 -9.64 23.47
CA TYR C 564 17.86 -10.83 23.97
C TYR C 564 19.12 -11.11 23.17
N ARG C 565 20.08 -11.65 23.91
CA ARG C 565 21.48 -11.86 23.53
C ARG C 565 21.79 -13.25 24.09
N THR C 566 22.11 -14.20 23.22
CA THR C 566 22.49 -15.57 23.66
C THR C 566 23.85 -15.48 24.36
N PRO C 567 23.90 -15.87 25.64
CA PRO C 567 25.08 -15.71 26.44
C PRO C 567 26.10 -16.83 26.24
N ASN C 568 27.36 -16.51 26.57
CA ASN C 568 28.45 -17.47 26.67
C ASN C 568 28.78 -18.15 25.36
N LEU C 569 28.74 -17.42 24.25
CA LEU C 569 29.09 -17.94 22.92
C LEU C 569 30.35 -17.28 22.39
N GLY C 570 31.20 -18.06 21.71
CA GLY C 570 32.48 -17.56 21.20
C GLY C 570 33.53 -18.64 20.96
N TYR C 571 33.20 -19.61 20.13
CA TYR C 571 34.18 -20.61 19.70
C TYR C 571 35.29 -19.98 18.81
N SER C 572 36.55 -20.30 19.16
CA SER C 572 37.73 -19.89 18.43
C SER C 572 38.36 -21.04 17.66
N PHE C 573 38.71 -20.83 16.40
CA PHE C 573 39.31 -21.90 15.59
C PHE C 573 40.80 -22.14 15.94
N GLU C 574 41.61 -21.07 15.97
CA GLU C 574 42.88 -21.12 16.71
C GLU C 574 42.47 -21.36 18.15
N THR C 575 43.35 -21.83 18.98
CA THR C 575 42.94 -22.25 20.33
C THR C 575 41.89 -23.40 20.37
N ASN C 576 41.04 -23.55 19.33
CA ASN C 576 39.98 -24.58 19.30
C ASN C 576 39.19 -24.67 20.59
N SER C 577 38.70 -23.55 21.08
CA SER C 577 37.94 -23.57 22.35
C SER C 577 36.84 -22.51 22.42
N GLY C 578 36.02 -22.59 23.47
CA GLY C 578 34.88 -21.69 23.65
C GLY C 578 33.65 -22.28 22.96
N ASN C 579 32.49 -22.01 23.54
CA ASN C 579 31.24 -22.60 23.08
C ASN C 579 30.81 -22.14 21.70
N ALA C 580 30.61 -23.08 20.79
CA ALA C 580 30.06 -22.76 19.47
C ALA C 580 28.54 -22.71 19.51
N PHE C 581 27.91 -23.48 20.41
CA PHE C 581 26.46 -23.65 20.42
C PHE C 581 25.89 -23.45 21.86
N HIS C 582 24.63 -23.11 21.97
CA HIS C 582 24.05 -22.86 23.27
C HIS C 582 23.61 -24.20 23.88
N TYR C 583 23.25 -25.11 22.99
CA TYR C 583 22.89 -26.46 23.36
C TYR C 583 22.77 -27.32 22.08
N PHE C 584 22.29 -28.56 22.24
CA PHE C 584 22.15 -29.51 21.11
C PHE C 584 20.74 -30.11 21.11
N THR C 585 20.18 -30.27 19.92
CA THR C 585 18.94 -31.03 19.76
C THR C 585 19.32 -32.41 19.21
N TYR C 586 18.62 -33.44 19.67
CA TYR C 586 19.00 -34.81 19.43
C TYR C 586 17.80 -35.57 18.93
N GLY C 587 18.05 -36.60 18.12
CA GLY C 587 16.99 -37.55 17.77
C GLY C 587 17.56 -38.83 17.18
N VAL C 588 16.66 -39.77 16.89
CA VAL C 588 17.02 -41.09 16.36
C VAL C 588 15.88 -41.50 15.41
N ALA C 589 16.21 -41.92 14.19
CA ALA C 589 15.22 -42.44 13.22
C ALA C 589 15.62 -43.85 12.86
N CYS C 590 14.63 -44.73 12.81
CA CYS C 590 14.79 -46.07 12.26
C CYS C 590 13.89 -46.20 11.04
N SER C 591 14.48 -46.51 9.87
CA SER C 591 13.74 -46.72 8.63
C SER C 591 13.92 -48.10 7.95
N GLU C 592 12.80 -48.66 7.47
CA GLU C 592 12.79 -49.84 6.63
C GLU C 592 12.36 -49.57 5.18
N VAL C 593 13.07 -50.16 4.22
CA VAL C 593 12.72 -50.01 2.83
C VAL C 593 12.64 -51.36 2.11
N GLU C 594 12.05 -51.37 0.93
CA GLU C 594 12.16 -52.52 0.03
C GLU C 594 12.57 -51.98 -1.31
N ILE C 595 13.68 -52.51 -1.82
CA ILE C 595 14.12 -52.18 -3.16
C ILE C 595 13.69 -53.23 -4.20
N ASP C 596 13.58 -52.77 -5.44
CA ASP C 596 13.38 -53.64 -6.57
C ASP C 596 14.72 -53.72 -7.24
N CYS C 597 15.39 -54.87 -7.05
CA CYS C 597 16.72 -55.08 -7.56
C CYS C 597 16.76 -55.09 -9.09
N LEU C 598 15.63 -55.31 -9.74
CA LEU C 598 15.60 -55.23 -11.24
C LEU C 598 15.33 -53.83 -11.82
N THR C 599 14.79 -52.89 -11.05
CA THR C 599 14.36 -51.57 -11.60
C THR C 599 15.09 -50.36 -10.99
N GLY C 600 15.48 -50.43 -9.73
CA GLY C 600 15.98 -49.29 -9.01
C GLY C 600 14.98 -48.63 -8.08
N ASP C 601 13.69 -48.90 -8.25
CA ASP C 601 12.66 -48.41 -7.34
C ASP C 601 12.74 -48.99 -5.94
N HIS C 602 12.19 -48.24 -4.99
CA HIS C 602 12.04 -48.67 -3.61
C HIS C 602 10.74 -48.14 -3.00
N LYS C 603 10.26 -48.83 -1.97
CA LYS C 603 9.20 -48.33 -1.14
C LYS C 603 9.74 -48.08 0.25
N ASN C 604 9.32 -46.94 0.79
CA ASN C 604 9.60 -46.56 2.14
C ASN C 604 8.49 -47.23 2.91
N LEU C 605 8.84 -48.23 3.73
CA LEU C 605 7.84 -49.15 4.28
C LEU C 605 7.37 -48.66 5.66
N ARG C 606 8.32 -48.21 6.46
CA ARG C 606 8.05 -47.81 7.83
C ARG C 606 9.21 -46.99 8.41
N THR C 607 8.89 -45.89 9.11
CA THR C 607 9.88 -45.05 9.80
C THR C 607 9.34 -44.67 11.15
N ASP C 608 10.20 -44.76 12.15
CA ASP C 608 9.91 -44.37 13.52
C ASP C 608 10.98 -43.38 13.90
N ILE C 609 10.56 -42.27 14.52
CA ILE C 609 11.44 -41.21 14.94
C ILE C 609 11.12 -40.87 16.39
N VAL C 610 12.17 -40.75 17.20
CA VAL C 610 12.08 -40.21 18.55
C VAL C 610 13.02 -39.02 18.59
N MET C 611 12.44 -37.82 18.78
CA MET C 611 13.15 -36.54 18.80
C MET C 611 13.09 -35.86 20.17
N ASP C 612 14.22 -35.37 20.63
CA ASP C 612 14.28 -34.58 21.86
C ASP C 612 14.19 -33.08 21.50
N VAL C 613 13.03 -32.50 21.84
CA VAL C 613 12.75 -31.06 21.63
C VAL C 613 12.45 -30.34 22.95
N GLY C 614 12.93 -30.91 24.06
CA GLY C 614 12.69 -30.32 25.34
C GLY C 614 11.22 -30.38 25.70
N SER C 615 10.73 -29.37 26.41
CA SER C 615 9.31 -29.25 26.63
C SER C 615 8.75 -28.40 25.48
N SER C 616 7.96 -29.04 24.63
CA SER C 616 7.41 -28.40 23.43
C SER C 616 6.45 -27.28 23.79
N LEU C 617 6.64 -26.13 23.12
CA LEU C 617 5.70 -25.01 23.18
C LEU C 617 4.38 -25.35 22.52
N ASN C 618 4.49 -26.03 21.38
CA ASN C 618 3.37 -26.54 20.58
C ASN C 618 3.77 -27.89 19.99
N PRO C 619 3.31 -28.99 20.63
CA PRO C 619 3.69 -30.32 20.13
C PRO C 619 3.09 -30.66 18.76
N ALA C 620 2.03 -29.98 18.31
CA ALA C 620 1.53 -30.13 16.90
C ALA C 620 2.43 -29.46 15.83
N ILE C 621 2.95 -28.28 16.16
CA ILE C 621 3.86 -27.53 15.28
C ILE C 621 5.20 -28.25 15.23
N ASP C 622 5.59 -28.80 16.37
CA ASP C 622 6.88 -29.46 16.53
C ASP C 622 6.96 -30.83 15.84
N ILE C 623 5.95 -31.68 16.02
CA ILE C 623 5.83 -32.91 15.26
C ILE C 623 5.75 -32.63 13.75
N GLY C 624 5.05 -31.58 13.37
CA GLY C 624 5.03 -31.08 11.97
C GLY C 624 6.35 -30.61 11.42
N GLN C 625 7.19 -30.07 12.27
CA GLN C 625 8.56 -29.76 11.89
C GLN C 625 9.44 -31.00 11.76
N VAL C 626 9.28 -31.95 12.68
CA VAL C 626 9.98 -33.24 12.57
C VAL C 626 9.60 -33.85 11.22
N GLU C 627 8.30 -33.98 10.98
CA GLU C 627 7.79 -34.60 9.74
C GLU C 627 8.26 -33.97 8.43
N GLY C 628 8.12 -32.65 8.27
CA GLY C 628 8.54 -31.95 7.04
C GLY C 628 10.03 -31.94 6.84
N ALA C 629 10.75 -31.82 7.94
CA ALA C 629 12.21 -31.86 7.94
C ALA C 629 12.68 -33.25 7.52
N PHE C 630 12.11 -34.31 8.09
CA PHE C 630 12.47 -35.65 7.69
C PHE C 630 12.23 -35.91 6.17
N VAL C 631 11.11 -35.42 5.64
CA VAL C 631 10.71 -35.68 4.26
C VAL C 631 11.56 -34.85 3.26
N GLN C 632 11.96 -33.64 3.61
CA GLN C 632 12.98 -32.93 2.81
C GLN C 632 14.36 -33.59 2.83
N GLY C 633 14.66 -34.32 3.93
CA GLY C 633 15.89 -35.13 4.07
C GLY C 633 15.84 -36.38 3.18
N LEU C 634 14.72 -37.06 3.25
CA LEU C 634 14.44 -38.16 2.35
C LEU C 634 14.49 -37.75 0.89
N GLY C 635 14.01 -36.55 0.57
CA GLY C 635 14.16 -36.00 -0.77
C GLY C 635 15.61 -35.79 -1.14
N LEU C 636 16.36 -35.15 -0.25
CA LEU C 636 17.81 -34.91 -0.45
C LEU C 636 18.66 -36.16 -0.72
N PHE C 637 18.46 -37.18 0.13
CA PHE C 637 19.21 -38.41 0.12
C PHE C 637 18.72 -39.47 -0.88
N THR C 638 17.52 -39.34 -1.41
CA THR C 638 16.98 -40.37 -2.30
C THR C 638 16.24 -39.95 -3.57
N LEU C 639 15.70 -38.75 -3.66
CA LEU C 639 14.82 -38.44 -4.81
C LEU C 639 15.37 -37.27 -5.64
N GLU C 640 15.78 -36.23 -4.94
CA GLU C 640 16.03 -34.95 -5.58
C GLU C 640 17.40 -34.88 -6.21
N GLU C 641 17.42 -34.68 -7.52
CA GLU C 641 18.65 -34.72 -8.29
C GLU C 641 18.68 -33.57 -9.28
N LEU C 642 19.63 -32.68 -9.08
CA LEU C 642 19.83 -31.56 -9.98
C LEU C 642 20.89 -32.03 -11.00
N HIS C 643 20.70 -31.71 -12.26
CA HIS C 643 21.53 -32.24 -13.35
C HIS C 643 21.84 -31.10 -14.34
N TYR C 644 23.11 -30.97 -14.73
CA TYR C 644 23.60 -29.86 -15.52
C TYR C 644 24.19 -30.39 -16.80
N SER C 645 24.28 -29.54 -17.82
CA SER C 645 25.00 -29.84 -19.03
C SER C 645 26.50 -29.78 -18.76
N PRO C 646 27.31 -30.42 -19.59
CA PRO C 646 28.78 -30.29 -19.46
C PRO C 646 29.31 -28.82 -19.40
N GLU C 647 28.70 -27.94 -20.20
CA GLU C 647 28.94 -26.49 -20.19
C GLU C 647 28.26 -25.68 -19.04
N GLY C 648 27.92 -26.31 -17.91
CA GLY C 648 27.40 -25.57 -16.74
C GLY C 648 25.92 -25.17 -16.61
N SER C 649 25.09 -25.52 -17.59
CA SER C 649 23.66 -25.15 -17.60
C SER C 649 22.70 -26.16 -16.95
N LEU C 650 21.90 -25.72 -15.97
CA LEU C 650 20.95 -26.61 -15.30
C LEU C 650 19.92 -27.18 -16.25
N HIS C 651 19.67 -28.49 -16.18
CA HIS C 651 18.67 -29.13 -17.00
C HIS C 651 17.35 -29.20 -16.25
N THR C 652 17.46 -29.44 -14.95
CA THR C 652 16.32 -29.74 -14.11
C THR C 652 15.72 -28.42 -13.50
N ARG C 653 14.69 -27.86 -14.15
CA ARG C 653 14.19 -26.52 -13.81
C ARG C 653 12.71 -26.47 -13.56
N GLY C 654 12.14 -27.54 -13.03
CA GLY C 654 10.70 -27.66 -12.86
C GLY C 654 10.40 -28.96 -12.17
N PRO C 655 9.14 -29.16 -11.77
CA PRO C 655 8.71 -30.42 -11.12
C PRO C 655 8.66 -31.66 -12.02
N SER C 656 8.72 -31.48 -13.34
CA SER C 656 8.59 -32.59 -14.30
C SER C 656 9.92 -33.31 -14.48
N THR C 657 11.02 -32.57 -14.27
CA THR C 657 12.39 -33.09 -14.29
C THR C 657 13.09 -33.09 -12.90
N TYR C 658 12.45 -32.63 -11.84
CA TYR C 658 13.05 -32.53 -10.50
C TYR C 658 12.01 -32.92 -9.45
N LYS C 659 12.34 -33.94 -8.65
CA LYS C 659 11.34 -34.74 -7.94
C LYS C 659 11.48 -34.57 -6.48
N ILE C 660 10.65 -33.70 -5.93
CA ILE C 660 10.57 -33.58 -4.51
C ILE C 660 9.57 -34.66 -4.15
N PRO C 661 9.66 -35.16 -2.89
CA PRO C 661 8.70 -36.12 -2.37
C PRO C 661 7.25 -35.70 -2.59
N ALA C 662 6.43 -36.73 -2.90
CA ALA C 662 5.06 -36.62 -3.24
C ALA C 662 4.28 -37.33 -2.17
N PHE C 663 2.96 -37.14 -2.20
CA PHE C 663 2.08 -37.77 -1.25
C PHE C 663 2.41 -39.26 -1.03
N GLY C 664 2.64 -39.98 -2.14
CA GLY C 664 2.91 -41.43 -2.12
C GLY C 664 4.37 -41.83 -1.89
N SER C 665 5.25 -40.86 -1.69
CA SER C 665 6.66 -41.09 -1.37
C SER C 665 6.93 -41.47 0.08
N ILE C 666 6.02 -41.10 0.97
CA ILE C 666 6.32 -41.14 2.40
C ILE C 666 6.13 -42.58 2.94
N PRO C 667 6.83 -42.91 4.06
CA PRO C 667 6.68 -44.25 4.68
C PRO C 667 5.23 -44.64 4.89
N THR C 668 4.88 -45.86 4.51
CA THR C 668 3.53 -46.33 4.70
C THR C 668 3.15 -46.21 6.18
N GLU C 669 4.08 -46.59 7.06
CA GLU C 669 3.95 -46.38 8.50
C GLU C 669 4.93 -45.32 8.95
N PHE C 670 4.42 -44.19 9.44
CA PHE C 670 5.23 -42.99 9.70
C PHE C 670 4.97 -42.50 11.15
N ARG C 671 5.90 -42.78 12.07
CA ARG C 671 5.70 -42.45 13.49
C ARG C 671 6.77 -41.52 13.99
N VAL C 672 6.32 -40.43 14.60
CA VAL C 672 7.16 -39.44 15.24
C VAL C 672 6.71 -39.40 16.69
N SER C 673 7.68 -39.42 17.58
CA SER C 673 7.41 -39.28 18.98
C SER C 673 8.34 -38.24 19.52
N LEU C 674 7.81 -37.36 20.34
CA LEU C 674 8.58 -36.40 21.10
C LEU C 674 8.93 -37.05 22.45
N LEU C 675 10.23 -37.07 22.76
CA LEU C 675 10.76 -37.64 24.00
C LEU C 675 10.12 -36.93 25.19
N ARG C 676 9.68 -37.70 26.19
CA ARG C 676 9.02 -37.15 27.40
C ARG C 676 9.99 -36.80 28.54
N ASP C 677 9.61 -35.87 29.42
CA ASP C 677 10.39 -35.56 30.65
C ASP C 677 11.83 -35.11 30.39
N CYS C 678 12.02 -34.18 29.45
CA CYS C 678 13.38 -33.76 29.05
C CYS C 678 13.52 -32.24 28.84
N PRO C 679 13.10 -31.44 29.85
CA PRO C 679 13.17 -29.98 29.79
C PRO C 679 14.58 -29.38 29.58
N ASN C 680 14.64 -28.34 28.76
CA ASN C 680 15.86 -27.62 28.40
C ASN C 680 15.96 -26.28 29.16
N LYS C 681 16.94 -26.16 30.05
CA LYS C 681 17.06 -24.95 30.90
C LYS C 681 17.62 -23.77 30.08
N LYS C 682 18.20 -24.09 28.92
CA LYS C 682 18.92 -23.12 28.11
C LYS C 682 18.02 -22.24 27.18
N ALA C 683 16.77 -22.66 26.90
CA ALA C 683 15.83 -21.91 25.99
C ALA C 683 14.40 -21.69 26.57
N ILE C 684 13.59 -20.87 25.89
CA ILE C 684 12.30 -20.34 26.41
C ILE C 684 11.26 -21.42 26.82
N TYR C 685 10.85 -21.37 28.09
CA TYR C 685 9.91 -22.34 28.70
C TYR C 685 10.30 -23.81 28.56
N ALA C 686 11.62 -24.08 28.57
CA ALA C 686 12.16 -25.43 28.67
C ALA C 686 12.04 -26.18 27.35
N SER C 687 11.99 -25.40 26.26
CA SER C 687 11.78 -25.88 24.91
C SER C 687 13.12 -25.92 24.20
N LYS C 688 13.17 -26.60 23.04
CA LYS C 688 14.35 -26.68 22.15
C LYS C 688 13.98 -26.31 20.69
N ALA C 689 14.99 -25.83 19.98
CA ALA C 689 14.95 -25.68 18.53
C ALA C 689 14.72 -27.03 17.84
N VAL C 690 13.93 -26.99 16.77
CA VAL C 690 13.37 -28.20 16.12
C VAL C 690 13.37 -28.18 14.60
N GLY C 691 13.71 -27.04 14.00
CA GLY C 691 13.58 -26.85 12.55
C GLY C 691 14.45 -27.64 11.58
N GLU C 692 15.75 -27.37 11.65
CA GLU C 692 16.75 -28.08 10.89
C GLU C 692 17.23 -29.43 11.49
N PRO C 693 17.27 -29.54 12.84
CA PRO C 693 17.72 -30.84 13.43
C PRO C 693 17.16 -32.16 12.88
N PRO C 694 15.84 -32.28 12.67
CA PRO C 694 15.40 -33.60 12.19
C PRO C 694 15.61 -33.92 10.71
N LEU C 695 16.15 -32.99 9.91
CA LEU C 695 16.32 -33.22 8.47
C LEU C 695 17.32 -34.35 8.21
N PHE C 696 18.45 -34.40 8.94
CA PHE C 696 19.44 -35.42 8.65
C PHE C 696 18.88 -36.80 8.92
N LEU C 697 17.91 -36.92 9.82
CA LEU C 697 17.30 -38.21 10.07
C LEU C 697 16.70 -38.87 8.80
N GLY C 698 16.62 -38.13 7.70
CA GLY C 698 16.13 -38.67 6.44
C GLY C 698 17.12 -39.63 5.82
N ALA C 699 18.39 -39.54 6.23
CA ALA C 699 19.48 -40.44 5.83
C ALA C 699 19.23 -41.87 6.27
N SER C 700 18.33 -42.08 7.24
CA SER C 700 18.02 -43.43 7.72
C SER C 700 17.37 -44.30 6.64
N VAL C 701 16.78 -43.64 5.63
CA VAL C 701 16.19 -44.27 4.44
C VAL C 701 17.33 -44.60 3.47
N PHE C 702 18.29 -43.70 3.36
CA PHE C 702 19.47 -43.93 2.53
C PHE C 702 20.30 -45.14 2.97
N PHE C 703 20.57 -45.25 4.27
CA PHE C 703 21.37 -46.35 4.79
C PHE C 703 20.60 -47.69 4.84
N ALA C 704 19.29 -47.58 4.91
CA ALA C 704 18.37 -48.70 4.69
C ALA C 704 18.41 -49.18 3.23
N ILE C 705 18.44 -48.29 2.25
CA ILE C 705 18.60 -48.66 0.84
C ILE C 705 19.95 -49.34 0.56
N LYS C 706 21.05 -48.78 1.07
CA LYS C 706 22.40 -49.38 1.04
C LYS C 706 22.46 -50.77 1.58
N ASP C 707 21.83 -50.98 2.74
CA ASP C 707 21.72 -52.31 3.29
C ASP C 707 20.94 -53.29 2.41
N ALA C 708 19.87 -52.80 1.77
CA ALA C 708 19.13 -53.60 0.82
C ALA C 708 19.94 -53.89 -0.47
N ILE C 709 20.86 -52.99 -0.87
CA ILE C 709 21.82 -53.25 -1.96
C ILE C 709 22.87 -54.31 -1.54
N ARG C 710 23.40 -54.19 -0.33
CA ARG C 710 24.34 -55.19 0.22
C ARG C 710 23.76 -56.60 0.09
N ALA C 711 22.47 -56.72 0.37
CA ALA C 711 21.76 -57.99 0.36
C ALA C 711 21.56 -58.50 -1.08
N ALA C 712 21.28 -57.59 -1.99
CA ALA C 712 21.20 -57.90 -3.40
C ALA C 712 22.58 -58.29 -3.94
N ARG C 713 23.64 -57.66 -3.46
CA ARG C 713 24.98 -57.98 -3.96
C ARG C 713 25.53 -59.30 -3.35
N ALA C 714 25.00 -59.73 -2.19
CA ALA C 714 25.35 -61.02 -1.59
C ALA C 714 24.71 -62.15 -2.42
N GLN C 715 23.55 -61.84 -2.98
CA GLN C 715 22.76 -62.78 -3.72
C GLN C 715 23.37 -63.02 -5.08
N HIS C 716 23.65 -61.97 -5.83
CA HIS C 716 24.01 -62.10 -7.21
C HIS C 716 25.38 -61.59 -7.64
N THR C 717 26.15 -60.90 -6.80
CA THR C 717 27.38 -60.30 -7.38
C THR C 717 28.69 -60.96 -6.97
N ASN C 718 28.77 -61.37 -5.71
CA ASN C 718 29.97 -61.97 -5.12
C ASN C 718 29.61 -62.57 -3.75
N ASN C 719 30.63 -63.14 -3.08
CA ASN C 719 30.46 -63.80 -1.78
C ASN C 719 31.13 -63.10 -0.57
N ASN C 720 31.78 -61.95 -0.76
CA ASN C 720 32.40 -61.32 0.42
C ASN C 720 31.54 -60.28 1.11
N THR C 721 31.21 -60.63 2.36
CA THR C 721 30.29 -59.89 3.20
C THR C 721 30.98 -58.73 3.93
N LYS C 722 32.27 -58.53 3.66
CA LYS C 722 33.02 -57.37 4.16
C LYS C 722 33.30 -56.36 3.04
N GLU C 723 32.66 -56.55 1.90
CA GLU C 723 32.79 -55.63 0.76
C GLU C 723 32.28 -54.19 1.05
N LEU C 724 33.05 -53.22 0.57
CA LEU C 724 32.70 -51.80 0.65
C LEU C 724 32.51 -51.25 -0.75
N PHE C 725 31.28 -50.91 -1.09
CA PHE C 725 30.98 -50.27 -2.37
C PHE C 725 30.48 -48.84 -2.08
N ARG C 726 30.86 -47.94 -2.96
CA ARG C 726 30.59 -46.55 -2.83
C ARG C 726 29.19 -46.29 -3.33
N LEU C 727 28.33 -45.74 -2.47
CA LEU C 727 27.02 -45.20 -2.87
C LEU C 727 27.00 -43.73 -2.49
N ASP C 728 27.07 -42.87 -3.51
CA ASP C 728 26.88 -41.43 -3.34
C ASP C 728 25.39 -41.04 -3.15
N SER C 729 25.16 -39.80 -2.71
CA SER C 729 23.83 -39.23 -2.54
C SER C 729 23.59 -38.28 -3.71
N PRO C 730 22.35 -38.24 -4.26
CA PRO C 730 21.15 -39.03 -3.91
C PRO C 730 21.21 -40.45 -4.49
N ALA C 731 20.72 -41.41 -3.73
CA ALA C 731 20.64 -42.78 -4.21
C ALA C 731 19.36 -42.84 -5.00
N THR C 732 19.47 -42.49 -6.27
CA THR C 732 18.40 -42.56 -7.25
C THR C 732 18.19 -44.02 -7.74
N PRO C 733 17.12 -44.26 -8.55
CA PRO C 733 17.01 -45.55 -9.20
C PRO C 733 18.25 -45.96 -10.05
N GLU C 734 18.86 -45.01 -10.77
CA GLU C 734 20.10 -45.26 -11.55
C GLU C 734 21.20 -45.87 -10.68
N LYS C 735 21.51 -45.19 -9.59
CA LYS C 735 22.54 -45.61 -8.65
C LYS C 735 22.16 -46.92 -7.93
N ILE C 736 20.93 -47.04 -7.52
CA ILE C 736 20.44 -48.24 -6.87
C ILE C 736 20.56 -49.47 -7.81
N ARG C 737 20.15 -49.33 -9.08
CA ARG C 737 20.11 -50.41 -10.05
C ARG C 737 21.52 -50.84 -10.52
N ASN C 738 22.36 -49.87 -10.78
CA ASN C 738 23.71 -50.16 -11.25
C ASN C 738 24.59 -50.86 -10.21
N ALA C 739 24.31 -50.61 -8.94
CA ALA C 739 24.95 -51.25 -7.77
C ALA C 739 24.45 -52.68 -7.52
N CYS C 740 23.26 -52.98 -8.02
CA CYS C 740 22.72 -54.31 -7.94
C CYS C 740 23.28 -55.14 -9.12
N VAL C 741 24.58 -55.45 -9.04
CA VAL C 741 25.30 -56.15 -10.10
C VAL C 741 24.89 -57.64 -10.15
N ASP C 742 24.53 -58.06 -11.35
CA ASP C 742 23.80 -59.32 -11.61
C ASP C 742 24.02 -59.71 -13.07
N LYS C 743 23.29 -60.71 -13.58
CA LYS C 743 23.40 -61.11 -15.01
C LYS C 743 22.99 -60.05 -16.04
N PHE C 744 22.23 -59.05 -15.61
CA PHE C 744 21.76 -57.98 -16.51
C PHE C 744 22.77 -56.88 -16.67
N THR C 745 23.36 -56.48 -15.56
CA THR C 745 24.35 -55.43 -15.60
C THR C 745 25.75 -55.66 -16.26
N THR C 746 26.50 -56.75 -15.99
CA THR C 746 26.54 -58.01 -16.65
C THR C 746 26.89 -57.92 -18.03
N LEU C 747 25.97 -57.89 -18.96
CA LEU C 747 25.32 -59.00 -19.61
C LEU C 747 26.01 -60.37 -19.84
N CYS C 748 26.47 -61.22 -18.93
CA CYS C 748 25.84 -62.49 -18.49
C CYS C 748 24.37 -62.72 -18.46
N VAL C 749 23.51 -62.18 -19.29
CA VAL C 749 22.71 -63.01 -20.15
C VAL C 749 22.54 -63.03 -21.65
N THR C 750 23.22 -62.24 -22.48
CA THR C 750 24.40 -62.63 -23.09
C THR C 750 24.42 -64.02 -23.63
N GLY C 751 25.37 -64.92 -23.39
CA GLY C 751 26.29 -64.86 -22.32
C GLY C 751 27.65 -65.13 -22.91
N ALA C 752 28.69 -64.74 -22.20
CA ALA C 752 28.59 -63.65 -21.27
C ALA C 752 29.79 -62.87 -21.71
N PRO C 753 31.01 -63.32 -21.31
CA PRO C 753 31.24 -64.22 -20.22
C PRO C 753 31.09 -63.35 -19.02
N GLY C 754 31.29 -63.94 -17.86
CA GLY C 754 31.28 -63.13 -16.66
C GLY C 754 31.78 -61.73 -16.92
N ASN C 755 31.67 -60.87 -15.91
CA ASN C 755 30.96 -61.18 -14.72
C ASN C 755 31.46 -60.42 -13.52
N CYS C 756 31.54 -61.16 -12.44
CA CYS C 756 31.24 -60.63 -11.15
C CYS C 756 30.14 -59.77 -11.61
N LYS C 757 28.93 -60.28 -11.82
CA LYS C 757 28.39 -61.65 -11.59
C LYS C 757 28.96 -63.00 -11.09
N PRO C 758 28.47 -63.41 -9.91
CA PRO C 758 28.48 -64.83 -9.53
C PRO C 758 27.48 -65.60 -10.40
N TRP C 759 27.44 -66.93 -10.30
CA TRP C 759 26.57 -67.74 -11.17
C TRP C 759 25.26 -68.13 -10.52
N ALA D 3 -15.46 10.47 -31.76
CA ALA D 3 -15.62 11.86 -32.26
C ALA D 3 -14.22 12.38 -32.61
N ASP D 4 -13.95 13.65 -32.37
CA ASP D 4 -12.63 14.21 -32.64
C ASP D 4 -11.70 13.95 -31.49
N GLU D 5 -10.40 14.05 -31.76
CA GLU D 5 -9.37 13.93 -30.75
C GLU D 5 -9.11 15.26 -30.11
N LEU D 6 -8.78 15.23 -28.84
CA LEU D 6 -8.37 16.43 -28.11
C LEU D 6 -6.88 16.31 -27.91
N VAL D 7 -6.14 17.25 -28.49
CA VAL D 7 -4.69 17.25 -28.40
C VAL D 7 -4.16 18.49 -27.69
N PHE D 8 -3.47 18.27 -26.57
CA PHE D 8 -2.79 19.31 -25.85
C PHE D 8 -1.47 18.80 -25.29
N PHE D 9 -0.76 19.68 -24.60
CA PHE D 9 0.52 19.41 -24.01
C PHE D 9 0.44 19.72 -22.53
N VAL D 10 1.02 18.82 -21.72
CA VAL D 10 1.21 19.05 -20.30
C VAL D 10 2.70 18.89 -20.03
N ASN D 11 3.31 19.95 -19.50
CA ASN D 11 4.73 19.94 -19.24
C ASN D 11 5.56 19.47 -20.41
N GLY D 12 5.24 19.95 -21.61
CA GLY D 12 6.01 19.64 -22.83
C GLY D 12 5.57 18.40 -23.60
N LYS D 13 4.79 17.56 -22.93
CA LYS D 13 4.48 16.22 -23.38
C LYS D 13 3.10 16.21 -23.95
N LYS D 14 2.95 15.62 -25.14
CA LYS D 14 1.69 15.63 -25.89
C LYS D 14 0.73 14.63 -25.29
N VAL D 15 -0.49 15.11 -25.02
CA VAL D 15 -1.59 14.29 -24.57
C VAL D 15 -2.55 14.20 -25.73
N VAL D 16 -2.86 12.99 -26.20
CA VAL D 16 -3.97 12.79 -27.16
C VAL D 16 -5.10 12.07 -26.46
N GLU D 17 -6.24 12.75 -26.28
CA GLU D 17 -7.41 12.18 -25.65
C GLU D 17 -8.44 11.87 -26.73
N LYS D 18 -8.62 10.59 -27.02
CA LYS D 18 -9.48 10.16 -28.12
C LYS D 18 -10.96 10.24 -27.79
N ASN D 19 -11.29 10.20 -26.49
CA ASN D 19 -12.67 10.25 -26.02
C ASN D 19 -13.00 11.33 -24.96
N ALA D 20 -12.57 12.57 -25.14
CA ALA D 20 -12.84 13.62 -24.16
C ALA D 20 -14.32 13.69 -23.75
N ASP D 21 -14.57 13.64 -22.45
CA ASP D 21 -15.86 14.05 -21.87
C ASP D 21 -15.83 15.58 -21.68
N PRO D 22 -16.81 16.30 -22.28
CA PRO D 22 -17.04 17.71 -22.05
C PRO D 22 -17.04 18.12 -20.57
N GLU D 23 -17.42 17.20 -19.68
CA GLU D 23 -17.58 17.53 -18.28
C GLU D 23 -16.26 17.50 -17.49
N THR D 24 -15.18 16.99 -18.09
CA THR D 24 -13.92 16.77 -17.38
C THR D 24 -13.14 18.05 -17.19
N THR D 25 -12.74 18.32 -15.93
CA THR D 25 -11.91 19.46 -15.60
C THR D 25 -10.40 19.07 -15.74
N LEU D 26 -9.55 20.07 -15.91
CA LEU D 26 -8.12 19.84 -16.04
C LEU D 26 -7.52 19.29 -14.76
N LEU D 27 -8.09 19.70 -13.64
CA LEU D 27 -7.63 19.25 -12.34
C LEU D 27 -7.85 17.75 -12.20
N ALA D 28 -9.09 17.32 -12.43
CA ALA D 28 -9.43 15.89 -12.46
C ALA D 28 -8.52 15.14 -13.46
N TYR D 29 -8.34 15.68 -14.65
CA TYR D 29 -7.53 15.06 -15.69
C TYR D 29 -6.07 14.94 -15.31
N LEU D 30 -5.48 16.02 -14.83
CA LEU D 30 -4.09 15.96 -14.35
C LEU D 30 -3.93 14.94 -13.22
N ARG D 31 -4.82 14.97 -12.22
CA ARG D 31 -4.59 14.20 -10.99
C ARG D 31 -4.90 12.70 -11.17
N ARG D 32 -5.94 12.40 -11.94
CA ARG D 32 -6.54 11.07 -11.99
C ARG D 32 -6.38 10.36 -13.31
N LYS D 33 -6.10 11.11 -14.37
CA LYS D 33 -5.74 10.54 -15.65
C LYS D 33 -4.22 10.58 -15.86
N LEU D 34 -3.57 11.73 -15.63
CA LEU D 34 -2.12 11.86 -15.87
C LEU D 34 -1.24 11.55 -14.68
N GLY D 35 -1.82 11.30 -13.50
CA GLY D 35 -0.98 10.96 -12.33
C GLY D 35 -0.12 12.10 -11.75
N LEU D 36 -0.58 13.32 -11.92
CA LEU D 36 0.21 14.52 -11.61
C LEU D 36 -0.41 15.32 -10.45
N ARG D 37 -0.04 14.99 -9.22
CA ARG D 37 -0.81 15.33 -8.02
C ARG D 37 -0.33 16.55 -7.24
N GLY D 38 0.65 17.27 -7.77
CA GLY D 38 1.12 18.54 -7.17
C GLY D 38 0.15 19.70 -7.34
N THR D 39 -0.63 19.66 -8.39
CA THR D 39 -1.76 20.55 -8.53
C THR D 39 -2.87 20.01 -7.63
N LYS D 40 -3.38 20.85 -6.71
CA LYS D 40 -4.29 20.44 -5.62
C LYS D 40 -5.75 20.89 -5.76
N LEU D 41 -6.63 20.24 -4.98
CA LEU D 41 -8.03 20.66 -4.83
C LEU D 41 -8.24 21.29 -3.45
N GLY D 42 -8.68 22.55 -3.49
CA GLY D 42 -8.96 23.30 -2.28
C GLY D 42 -10.42 23.71 -2.11
N CYS D 43 -11.15 23.89 -3.22
CA CYS D 43 -12.50 24.42 -3.19
C CYS D 43 -13.41 23.99 -4.34
N GLY D 44 -12.84 23.72 -5.52
CA GLY D 44 -13.61 23.44 -6.72
C GLY D 44 -14.46 24.58 -7.31
N GLU D 45 -14.31 25.82 -6.82
CA GLU D 45 -15.08 27.01 -7.27
C GLU D 45 -14.28 28.26 -7.63
N GLY D 46 -12.95 28.19 -7.73
CA GLY D 46 -12.18 29.34 -8.23
C GLY D 46 -11.66 30.34 -7.19
N GLY D 47 -11.90 30.08 -5.91
CA GLY D 47 -11.57 31.06 -4.85
C GLY D 47 -10.24 30.93 -4.13
N CYS D 48 -9.64 29.73 -4.13
CA CYS D 48 -8.42 29.49 -3.33
C CYS D 48 -7.15 29.40 -4.15
N GLY D 49 -7.27 29.14 -5.46
CA GLY D 49 -6.10 28.94 -6.35
C GLY D 49 -5.14 27.79 -6.01
N ALA D 50 -5.61 26.73 -5.35
CA ALA D 50 -4.73 25.63 -4.94
C ALA D 50 -4.37 24.84 -6.19
N CYS D 51 -5.28 24.92 -7.14
CA CYS D 51 -5.20 24.28 -8.46
C CYS D 51 -4.59 25.11 -9.59
N THR D 52 -3.90 26.19 -9.27
CA THR D 52 -3.39 27.08 -10.28
C THR D 52 -2.33 26.42 -11.21
N VAL D 53 -2.58 26.48 -12.52
CA VAL D 53 -1.62 26.02 -13.50
C VAL D 53 -1.36 27.19 -14.44
N MET D 54 -0.28 27.11 -15.24
CA MET D 54 -0.07 28.11 -16.28
C MET D 54 -0.47 27.49 -17.62
N LEU D 55 -1.16 28.28 -18.45
CA LEU D 55 -1.56 27.90 -19.78
C LEU D 55 -0.81 28.76 -20.80
N SER D 56 -0.42 28.14 -21.91
CA SER D 56 0.28 28.84 -22.98
C SER D 56 -0.38 28.57 -24.28
N LYS D 57 -0.45 29.58 -25.13
CA LYS D 57 -1.06 29.39 -26.46
C LYS D 57 -0.57 30.40 -27.48
N TYR D 58 -0.59 30.00 -28.75
CA TYR D 58 -0.18 30.90 -29.80
C TYR D 58 -1.34 31.83 -30.12
N ASP D 59 -1.08 33.13 -29.98
CA ASP D 59 -2.04 34.13 -30.41
C ASP D 59 -2.02 34.26 -31.94
N ARG D 60 -3.08 33.81 -32.62
CA ARG D 60 -3.20 34.05 -34.06
C ARG D 60 -3.66 35.51 -34.21
N LEU D 61 -2.70 36.44 -34.15
CA LEU D 61 -2.96 37.90 -34.09
C LEU D 61 -1.73 38.65 -33.55
N GLN D 62 -1.46 38.59 -32.25
CA GLN D 62 -0.23 39.19 -31.73
C GLN D 62 1.02 38.53 -32.30
N ASP D 63 0.86 37.64 -33.28
CA ASP D 63 1.75 36.50 -33.45
C ASP D 63 1.98 35.85 -32.05
N LYS D 64 3.03 36.26 -31.32
CA LYS D 64 3.15 36.02 -29.85
C LYS D 64 2.51 34.75 -29.23
N ILE D 65 3.32 33.99 -28.51
CA ILE D 65 2.82 32.97 -27.58
C ILE D 65 2.53 33.67 -26.25
N ILE D 66 1.36 33.39 -25.67
CA ILE D 66 0.91 34.11 -24.47
C ILE D 66 0.79 33.16 -23.26
N HIS D 67 1.12 33.68 -22.07
CA HIS D 67 1.14 32.89 -20.84
C HIS D 67 0.28 33.52 -19.75
N PHE D 68 -0.68 32.76 -19.24
CA PHE D 68 -1.55 33.28 -18.20
C PHE D 68 -1.81 32.17 -17.20
N SER D 69 -2.20 32.54 -15.99
CA SER D 69 -2.69 31.56 -15.04
C SER D 69 -4.18 31.19 -15.25
N ALA D 70 -4.55 30.00 -14.79
CA ALA D 70 -5.92 29.56 -14.77
C ALA D 70 -6.10 28.61 -13.61
N ASN D 71 -7.35 28.43 -13.23
CA ASN D 71 -7.73 27.55 -12.13
C ASN D 71 -8.12 26.26 -12.79
N ALA D 72 -7.32 25.22 -12.59
CA ALA D 72 -7.53 23.94 -13.26
C ALA D 72 -8.84 23.30 -12.82
N CYS D 73 -9.33 23.62 -11.63
CA CYS D 73 -10.66 23.12 -11.18
C CYS D 73 -11.84 23.60 -12.02
N LEU D 74 -11.69 24.70 -12.77
CA LEU D 74 -12.81 25.23 -13.54
C LEU D 74 -12.62 25.17 -15.06
N ALA D 75 -11.45 24.68 -15.50
CA ALA D 75 -11.06 24.71 -16.88
C ALA D 75 -11.49 23.43 -17.56
N PRO D 76 -12.46 23.52 -18.51
CA PRO D 76 -12.80 22.27 -19.17
C PRO D 76 -11.61 21.84 -20.05
N ILE D 77 -11.27 20.54 -20.05
CA ILE D 77 -10.15 20.07 -20.87
C ILE D 77 -10.48 20.31 -22.33
N CYS D 78 -11.77 20.45 -22.60
CA CYS D 78 -12.29 20.61 -23.94
C CYS D 78 -12.04 21.98 -24.52
N THR D 79 -11.66 22.94 -23.68
CA THR D 79 -11.17 24.25 -24.09
C THR D 79 -9.66 24.26 -24.41
N LEU D 80 -8.97 23.15 -24.14
CA LEU D 80 -7.52 23.13 -24.17
C LEU D 80 -6.92 22.58 -25.46
N HIS D 81 -7.72 22.40 -26.49
CA HIS D 81 -7.19 21.95 -27.75
C HIS D 81 -6.10 22.93 -28.22
N HIS D 82 -4.87 22.41 -28.33
CA HIS D 82 -3.68 23.13 -28.80
C HIS D 82 -3.12 24.15 -27.83
N VAL D 83 -3.40 23.90 -26.55
CA VAL D 83 -2.97 24.74 -25.44
C VAL D 83 -1.91 23.92 -24.74
N ALA D 84 -0.90 24.60 -24.18
CA ALA D 84 0.17 23.96 -23.46
C ALA D 84 -0.01 24.25 -21.98
N VAL D 85 -0.26 23.21 -21.18
CA VAL D 85 -0.27 23.32 -19.72
C VAL D 85 1.13 23.16 -19.09
N THR D 86 1.38 23.95 -18.05
CA THR D 86 2.54 23.85 -17.18
C THR D 86 2.07 23.79 -15.73
N THR D 87 2.52 22.77 -15.03
CA THR D 87 2.19 22.56 -13.65
C THR D 87 3.49 22.69 -12.87
N VAL D 88 3.38 22.63 -11.57
CA VAL D 88 4.49 22.85 -10.67
C VAL D 88 5.66 21.88 -10.94
N GLU D 89 5.32 20.66 -11.37
CA GLU D 89 6.31 19.64 -11.75
C GLU D 89 6.96 19.97 -13.11
N GLY D 90 6.33 20.83 -13.90
CA GLY D 90 6.92 21.29 -15.14
C GLY D 90 8.10 22.21 -14.96
N ILE D 91 8.25 22.81 -13.76
CA ILE D 91 9.19 23.92 -13.55
C ILE D 91 10.42 23.53 -12.76
N GLY D 92 10.36 22.41 -12.04
CA GLY D 92 11.50 21.95 -11.22
C GLY D 92 11.11 20.95 -10.15
N SER D 93 12.11 20.32 -9.56
CA SER D 93 11.89 19.33 -8.53
C SER D 93 13.19 19.08 -7.76
N THR D 94 13.04 18.59 -6.54
CA THR D 94 14.17 18.19 -5.70
C THR D 94 15.02 17.00 -6.28
N LYS D 95 14.55 16.41 -7.40
CA LYS D 95 15.21 15.27 -8.05
C LYS D 95 16.12 15.74 -9.18
N THR D 96 15.91 16.96 -9.64
CA THR D 96 16.75 17.55 -10.66
C THR D 96 17.29 18.89 -10.10
N ARG D 97 16.64 20.02 -10.44
CA ARG D 97 16.88 21.28 -9.73
C ARG D 97 15.56 22.05 -9.54
N LEU D 98 15.41 22.65 -8.35
CA LEU D 98 14.23 23.51 -8.10
C LEU D 98 14.33 24.74 -9.01
N HIS D 99 13.20 25.22 -9.50
CA HIS D 99 13.15 26.57 -10.13
C HIS D 99 13.31 27.64 -9.00
N PRO D 100 13.98 28.79 -9.27
CA PRO D 100 14.19 29.91 -8.30
C PRO D 100 12.99 30.29 -7.39
N VAL D 101 11.80 30.26 -7.97
CA VAL D 101 10.53 30.47 -7.24
C VAL D 101 10.31 29.43 -6.14
N GLN D 102 10.53 28.16 -6.49
CA GLN D 102 10.38 27.05 -5.55
C GLN D 102 11.41 27.13 -4.44
N GLU D 103 12.62 27.54 -4.78
CA GLU D 103 13.70 27.66 -3.82
C GLU D 103 13.54 28.85 -2.85
N ARG D 104 13.08 29.99 -3.39
CA ARG D 104 12.84 31.20 -2.61
C ARG D 104 11.75 30.99 -1.57
N ILE D 105 10.58 30.49 -2.01
CA ILE D 105 9.44 30.30 -1.10
C ILE D 105 9.79 29.26 -0.03
N ALA D 106 10.56 28.24 -0.41
CA ALA D 106 11.07 27.27 0.55
C ALA D 106 12.05 27.87 1.61
N LYS D 107 13.10 28.57 1.15
CA LYS D 107 14.12 29.14 2.10
C LYS D 107 13.59 30.31 2.93
N SER D 108 12.57 31.02 2.40
CA SER D 108 11.89 32.17 3.07
C SER D 108 10.96 31.83 4.22
N HIS D 109 10.62 30.56 4.37
CA HIS D 109 9.61 30.14 5.34
C HIS D 109 8.19 30.51 4.87
N GLY D 110 8.00 30.53 3.55
CA GLY D 110 6.69 30.75 2.89
C GLY D 110 5.79 29.52 2.69
N SER D 111 6.22 28.37 3.21
CA SER D 111 5.44 27.12 3.19
C SER D 111 5.43 26.52 4.58
N GLN D 112 4.22 26.34 5.14
CA GLN D 112 4.05 25.65 6.40
C GLN D 112 3.50 24.23 6.14
N CYS D 113 2.20 24.09 5.96
CA CYS D 113 1.57 22.77 5.73
C CYS D 113 1.84 22.35 4.30
N GLY D 114 2.03 23.36 3.45
CA GLY D 114 2.49 23.21 2.09
C GLY D 114 1.44 23.16 1.03
N PHE D 115 0.16 23.13 1.44
CA PHE D 115 -0.92 22.74 0.55
C PHE D 115 -1.24 23.81 -0.50
N CYS D 116 -0.91 25.06 -0.21
CA CYS D 116 -1.14 26.16 -1.14
C CYS D 116 0.07 26.49 -2.01
N THR D 117 1.24 25.96 -1.63
CA THR D 117 2.50 26.37 -2.23
C THR D 117 2.65 26.12 -3.73
N PRO D 118 2.20 24.97 -4.24
CA PRO D 118 2.20 24.77 -5.68
C PRO D 118 1.50 25.85 -6.51
N GLY D 119 0.29 26.24 -6.12
CA GLY D 119 -0.44 27.22 -6.87
C GLY D 119 0.14 28.59 -6.70
N ILE D 120 0.60 28.91 -5.49
CA ILE D 120 1.26 30.20 -5.27
C ILE D 120 2.51 30.23 -6.14
N VAL D 121 3.34 29.17 -6.06
CA VAL D 121 4.45 28.99 -7.03
C VAL D 121 4.03 29.21 -8.50
N MET D 122 2.91 28.66 -8.95
CA MET D 122 2.53 28.84 -10.36
C MET D 122 2.05 30.25 -10.71
N SER D 123 1.47 30.93 -9.72
CA SER D 123 1.10 32.35 -9.82
C SER D 123 2.33 33.27 -9.99
N MET D 124 3.37 33.06 -9.17
CA MET D 124 4.65 33.73 -9.33
C MET D 124 5.35 33.37 -10.66
N TYR D 125 5.36 32.07 -11.02
CA TYR D 125 5.96 31.62 -12.29
C TYR D 125 5.31 32.29 -13.52
N THR D 126 4.01 32.42 -13.45
CA THR D 126 3.25 33.04 -14.51
C THR D 126 3.58 34.54 -14.60
N LEU D 127 3.86 35.18 -13.47
CA LEU D 127 4.21 36.60 -13.46
C LEU D 127 5.57 36.77 -14.16
N LEU D 128 6.56 36.02 -13.68
CA LEU D 128 7.92 36.06 -14.22
C LEU D 128 8.05 35.63 -15.69
N ARG D 129 7.13 34.82 -16.20
CA ARG D 129 7.13 34.49 -17.65
C ARG D 129 6.61 35.63 -18.53
N ASN D 130 5.86 36.55 -17.92
CA ASN D 130 5.41 37.78 -18.58
C ASN D 130 6.25 39.00 -18.19
N GLN D 131 6.66 39.10 -16.93
CA GLN D 131 7.44 40.22 -16.45
C GLN D 131 8.65 39.76 -15.67
N PRO D 132 9.76 39.48 -16.38
CA PRO D 132 11.00 39.02 -15.74
C PRO D 132 11.54 39.90 -14.62
N GLU D 133 11.19 41.19 -14.60
CA GLU D 133 11.57 42.11 -13.53
C GLU D 133 10.32 42.83 -13.00
N PRO D 134 9.54 42.15 -12.15
CA PRO D 134 8.31 42.78 -11.63
C PRO D 134 8.58 43.88 -10.60
N THR D 135 7.51 44.62 -10.28
CA THR D 135 7.55 45.60 -9.22
C THR D 135 6.95 44.91 -8.02
N VAL D 136 7.17 45.46 -6.83
CA VAL D 136 6.57 44.94 -5.59
C VAL D 136 5.03 45.00 -5.67
N GLU D 137 4.56 45.90 -6.55
CA GLU D 137 3.15 46.14 -6.80
C GLU D 137 2.54 44.99 -7.60
N GLU D 138 3.23 44.58 -8.67
CA GLU D 138 2.78 43.47 -9.54
C GLU D 138 2.81 42.11 -8.82
N ILE D 139 3.88 41.87 -8.07
CA ILE D 139 4.06 40.64 -7.31
C ILE D 139 2.84 40.36 -6.43
N GLU D 140 2.47 41.29 -5.55
CA GLU D 140 1.29 41.09 -4.70
C GLU D 140 -0.01 40.88 -5.48
N ASP D 141 -0.19 41.58 -6.60
CA ASP D 141 -1.40 41.38 -7.44
C ASP D 141 -1.53 39.97 -8.01
N ALA D 142 -0.37 39.31 -8.18
CA ALA D 142 -0.28 37.93 -8.64
C ALA D 142 -1.10 37.00 -7.77
N PHE D 143 -1.19 37.34 -6.47
CA PHE D 143 -1.72 36.43 -5.47
C PHE D 143 -3.13 36.72 -4.98
N GLN D 144 -3.90 37.50 -5.74
CA GLN D 144 -5.32 37.78 -5.42
C GLN D 144 -6.19 36.53 -5.52
N GLY D 145 -5.79 35.56 -6.35
CA GLY D 145 -6.58 34.33 -6.44
C GLY D 145 -6.13 33.14 -5.61
N ASN D 146 -5.29 33.38 -4.60
CA ASN D 146 -4.56 32.34 -3.85
C ASN D 146 -4.66 32.53 -2.36
N LEU D 147 -5.28 31.58 -1.67
CA LEU D 147 -5.39 31.62 -0.20
C LEU D 147 -4.38 30.73 0.57
N CYS D 148 -3.99 31.18 1.74
CA CYS D 148 -3.09 30.42 2.56
C CYS D 148 -3.50 30.64 3.98
N ARG D 149 -3.73 29.56 4.68
CA ARG D 149 -4.31 29.61 6.02
C ARG D 149 -3.24 29.58 7.07
N CYS D 150 -2.04 29.19 6.68
CA CYS D 150 -0.99 28.89 7.66
C CYS D 150 -0.09 30.06 7.96
N THR D 151 0.40 30.70 6.91
CA THR D 151 1.58 31.54 6.98
C THR D 151 1.29 32.98 7.44
N GLY D 152 0.11 33.51 7.08
CA GLY D 152 -0.11 34.95 7.22
C GLY D 152 0.53 35.81 6.12
N TYR D 153 0.99 35.16 5.03
CA TYR D 153 1.39 35.78 3.76
C TYR D 153 2.69 36.61 3.69
N ARG D 154 3.03 37.30 4.80
CA ARG D 154 4.26 38.15 4.94
C ARG D 154 5.56 37.48 4.44
N PRO D 155 5.81 36.21 4.84
CA PRO D 155 7.06 35.58 4.43
C PRO D 155 7.11 35.22 2.97
N ILE D 156 5.95 34.94 2.37
CA ILE D 156 5.89 34.65 0.94
C ILE D 156 6.26 35.89 0.12
N LEU D 157 5.60 37.01 0.38
CA LEU D 157 5.92 38.28 -0.31
C LEU D 157 7.34 38.74 0.00
N GLN D 158 7.80 38.57 1.24
CA GLN D 158 9.18 38.94 1.51
C GLN D 158 10.11 38.13 0.61
N GLY D 159 10.07 36.79 0.70
CA GLY D 159 10.87 35.93 -0.13
C GLY D 159 10.87 36.33 -1.59
N PHE D 160 9.69 36.64 -2.14
CA PHE D 160 9.54 37.01 -3.55
C PHE D 160 9.83 38.48 -3.87
N ARG D 161 9.98 39.35 -2.86
CA ARG D 161 10.34 40.78 -3.09
C ARG D 161 11.63 40.85 -3.86
N THR D 162 12.51 39.95 -3.46
CA THR D 162 13.81 39.79 -4.02
C THR D 162 13.84 39.60 -5.55
N PHE D 163 12.66 39.44 -6.19
CA PHE D 163 12.54 39.40 -7.66
C PHE D 163 12.33 40.78 -8.30
N ALA D 164 12.02 41.80 -7.49
CA ALA D 164 11.84 43.18 -8.00
C ALA D 164 13.14 44.00 -8.06
N PRO E 5 -8.04 26.27 -38.15
CA PRO E 5 -9.01 25.80 -37.16
C PRO E 5 -10.24 25.18 -37.82
N LYS E 6 -10.66 24.03 -37.31
CA LYS E 6 -11.88 23.36 -37.78
C LYS E 6 -12.72 22.94 -36.59
N GLN E 7 -14.01 22.76 -36.82
CA GLN E 7 -14.96 22.40 -35.80
C GLN E 7 -14.64 21.00 -35.24
N LEU E 8 -14.35 20.97 -33.94
CA LEU E 8 -14.22 19.76 -33.13
C LEU E 8 -15.51 19.49 -32.37
N ARG E 9 -15.81 18.21 -32.17
CA ARG E 9 -16.99 17.77 -31.39
C ARG E 9 -16.54 16.70 -30.42
N PHE E 10 -16.86 16.87 -29.14
CA PHE E 10 -16.51 15.89 -28.12
C PHE E 10 -17.82 15.37 -27.52
N GLU E 11 -17.87 14.07 -27.26
CA GLU E 11 -19.10 13.43 -26.74
C GLU E 11 -18.86 12.77 -25.39
N GLY E 12 -19.78 13.01 -24.46
CA GLY E 12 -19.64 12.53 -23.08
C GLY E 12 -20.81 11.67 -22.66
N GLU E 13 -20.92 11.43 -21.36
CA GLU E 13 -21.98 10.58 -20.80
C GLU E 13 -23.32 11.26 -20.87
N ARG E 14 -23.30 12.58 -20.69
CA ARG E 14 -24.51 13.38 -20.65
C ARG E 14 -24.48 14.61 -21.58
N VAL E 15 -23.31 14.98 -22.08
CA VAL E 15 -23.08 16.32 -22.61
C VAL E 15 -22.38 16.26 -23.97
N THR E 16 -22.86 17.03 -24.93
CA THR E 16 -22.13 17.22 -26.20
C THR E 16 -21.54 18.63 -26.28
N TRP E 17 -20.25 18.70 -26.55
CA TRP E 17 -19.51 19.96 -26.68
C TRP E 17 -19.08 20.12 -28.13
N ILE E 18 -19.40 21.27 -28.75
CA ILE E 18 -18.95 21.59 -30.09
C ILE E 18 -18.05 22.83 -30.04
N GLN E 19 -16.79 22.71 -30.41
CA GLN E 19 -15.88 23.86 -30.51
C GLN E 19 -16.10 24.57 -31.85
N ALA E 20 -16.86 25.68 -31.85
CA ALA E 20 -17.10 26.51 -33.05
C ALA E 20 -15.83 27.26 -33.53
N SER E 21 -15.45 27.04 -34.79
CA SER E 21 -14.26 27.68 -35.41
C SER E 21 -14.53 29.01 -36.17
N THR E 22 -15.81 29.23 -36.46
CA THR E 22 -16.29 30.29 -37.32
C THR E 22 -17.61 30.88 -36.77
N LEU E 23 -17.89 32.15 -37.03
CA LEU E 23 -19.13 32.82 -36.56
C LEU E 23 -20.41 32.26 -37.21
N LYS E 24 -20.33 31.84 -38.47
CA LYS E 24 -21.52 31.36 -39.20
C LYS E 24 -21.95 30.04 -38.62
N GLU E 25 -20.97 29.17 -38.39
CA GLU E 25 -21.13 27.93 -37.63
C GLU E 25 -21.89 28.15 -36.31
N LEU E 26 -21.45 29.12 -35.51
CA LEU E 26 -22.04 29.37 -34.16
C LEU E 26 -23.47 29.84 -34.26
N LEU E 27 -23.69 30.82 -35.14
CA LEU E 27 -25.01 31.27 -35.50
C LEU E 27 -25.90 30.14 -36.04
N ASP E 28 -25.33 29.22 -36.81
CA ASP E 28 -26.11 28.09 -37.31
C ASP E 28 -26.46 27.11 -36.24
N LEU E 29 -25.43 26.64 -35.54
CA LEU E 29 -25.61 25.83 -34.33
C LEU E 29 -26.67 26.40 -33.39
N LYS E 30 -26.62 27.71 -33.16
CA LYS E 30 -27.57 28.37 -32.23
C LYS E 30 -29.02 28.33 -32.72
N ALA E 31 -29.20 28.39 -34.04
CA ALA E 31 -30.50 28.15 -34.65
C ALA E 31 -30.86 26.65 -34.62
N GLN E 32 -29.89 25.75 -34.84
CA GLN E 32 -30.13 24.31 -34.70
C GLN E 32 -30.50 23.94 -33.23
N HIS E 33 -29.90 24.65 -32.28
CA HIS E 33 -29.91 24.27 -30.85
C HIS E 33 -29.99 25.54 -30.01
N PRO E 34 -31.19 26.13 -29.92
CA PRO E 34 -31.32 27.42 -29.23
C PRO E 34 -31.05 27.32 -27.74
N GLU E 35 -31.12 26.10 -27.22
CA GLU E 35 -30.91 25.77 -25.80
C GLU E 35 -29.41 25.71 -25.43
N ALA E 36 -28.58 25.43 -26.43
CA ALA E 36 -27.13 25.32 -26.28
C ALA E 36 -26.56 26.40 -25.38
N LYS E 37 -25.84 25.96 -24.34
CA LYS E 37 -25.13 26.86 -23.46
C LYS E 37 -23.81 27.17 -24.13
N LEU E 38 -23.50 28.46 -24.26
CA LEU E 38 -22.26 28.92 -24.83
C LEU E 38 -21.28 28.98 -23.71
N VAL E 39 -20.18 28.23 -23.78
CA VAL E 39 -19.21 28.22 -22.71
C VAL E 39 -17.95 28.83 -23.22
N VAL E 40 -17.36 29.75 -22.44
CA VAL E 40 -16.09 30.36 -22.76
C VAL E 40 -15.11 30.02 -21.65
N GLY E 41 -15.20 30.72 -20.53
CA GLY E 41 -14.27 30.59 -19.44
C GLY E 41 -14.69 29.54 -18.44
N ASN E 42 -16.00 29.23 -18.42
CA ASN E 42 -16.62 28.19 -17.56
C ASN E 42 -16.79 28.57 -16.09
N THR E 43 -16.49 29.83 -15.78
CA THR E 43 -16.47 30.30 -14.41
C THR E 43 -17.88 30.53 -13.82
N GLU E 44 -18.86 30.61 -14.71
CA GLU E 44 -20.27 30.61 -14.32
C GLU E 44 -20.85 29.20 -14.43
N ILE E 45 -20.70 28.57 -15.58
CA ILE E 45 -21.34 27.30 -15.89
C ILE E 45 -20.76 26.09 -15.14
N GLY E 46 -19.45 26.07 -14.93
CA GLY E 46 -18.81 25.07 -14.04
C GLY E 46 -19.37 25.02 -12.61
N ILE E 47 -19.77 26.19 -12.10
CA ILE E 47 -20.41 26.32 -10.79
C ILE E 47 -21.87 25.85 -10.82
N GLU E 48 -22.58 26.14 -11.92
CA GLU E 48 -23.99 25.73 -12.11
C GLU E 48 -24.12 24.20 -12.31
N MET E 49 -23.18 23.60 -13.03
CA MET E 49 -23.12 22.14 -13.15
C MET E 49 -22.79 21.40 -11.83
N LYS E 50 -21.81 21.87 -11.08
CA LYS E 50 -21.38 21.17 -9.87
C LYS E 50 -22.24 21.47 -8.66
N PHE E 51 -22.51 22.74 -8.44
CA PHE E 51 -23.08 23.19 -7.18
C PHE E 51 -24.60 23.40 -7.24
N LYS E 52 -25.12 23.70 -8.43
CA LYS E 52 -26.57 23.88 -8.63
C LYS E 52 -27.17 22.63 -9.36
N ASN E 53 -26.30 21.74 -9.81
CA ASN E 53 -26.69 20.50 -10.51
C ASN E 53 -27.60 20.66 -11.74
N GLN E 54 -27.19 21.60 -12.58
CA GLN E 54 -27.81 21.81 -13.85
C GLN E 54 -27.01 20.95 -14.78
N LEU E 55 -27.70 20.16 -15.60
CA LEU E 55 -27.10 19.48 -16.72
C LEU E 55 -27.54 20.23 -17.97
N PHE E 56 -26.58 20.70 -18.77
CA PHE E 56 -26.89 21.30 -20.08
C PHE E 56 -26.36 20.35 -21.14
N PRO E 57 -27.25 19.65 -21.85
CA PRO E 57 -26.79 18.53 -22.72
C PRO E 57 -26.11 18.91 -24.03
N MET E 58 -26.01 20.20 -24.30
CA MET E 58 -25.41 20.71 -25.52
C MET E 58 -24.68 22.01 -25.16
N ILE E 59 -23.35 21.98 -25.34
CA ILE E 59 -22.49 23.15 -25.16
C ILE E 59 -21.84 23.51 -26.52
N ILE E 60 -21.73 24.80 -26.84
CA ILE E 60 -20.92 25.29 -27.96
C ILE E 60 -19.87 26.22 -27.37
N CYS E 61 -18.59 26.00 -27.64
CA CYS E 61 -17.56 26.94 -27.20
C CYS E 61 -17.04 27.83 -28.35
N PRO E 62 -17.40 29.14 -28.32
CA PRO E 62 -17.10 30.10 -29.38
C PRO E 62 -15.74 30.78 -29.32
N ALA E 63 -14.87 30.36 -28.41
CA ALA E 63 -13.66 31.09 -28.06
C ALA E 63 -12.57 31.22 -29.17
N TRP E 64 -12.62 30.36 -30.18
CA TRP E 64 -11.70 30.47 -31.32
C TRP E 64 -12.09 31.50 -32.37
N ILE E 65 -13.35 31.93 -32.32
CA ILE E 65 -13.94 32.75 -33.36
C ILE E 65 -13.32 34.12 -33.35
N PRO E 66 -12.62 34.50 -34.43
CA PRO E 66 -12.15 35.89 -34.53
C PRO E 66 -13.39 36.72 -34.79
N GLU E 67 -13.62 37.76 -33.99
CA GLU E 67 -14.91 38.50 -33.92
C GLU E 67 -15.33 38.58 -32.49
N LEU E 68 -15.44 37.43 -31.83
CA LEU E 68 -15.75 37.39 -30.42
C LEU E 68 -14.51 37.76 -29.64
N ASN E 69 -13.35 37.86 -30.30
CA ASN E 69 -12.09 38.29 -29.69
C ASN E 69 -11.50 39.61 -30.23
N ALA E 70 -12.18 40.21 -31.20
CA ALA E 70 -11.70 41.43 -31.83
C ALA E 70 -11.71 42.59 -30.84
N VAL E 71 -10.69 43.44 -30.88
CA VAL E 71 -10.68 44.69 -30.10
C VAL E 71 -10.46 45.89 -31.00
N GLU E 72 -11.45 46.75 -31.08
CA GLU E 72 -11.45 47.89 -32.00
C GLU E 72 -11.68 49.24 -31.30
N HIS E 73 -10.81 50.20 -31.59
CA HIS E 73 -10.88 51.55 -31.01
C HIS E 73 -11.59 52.47 -31.99
N GLY E 74 -12.80 52.91 -31.66
CA GLY E 74 -13.61 53.71 -32.58
C GLY E 74 -13.69 55.19 -32.22
N PRO E 75 -14.53 55.96 -32.92
CA PRO E 75 -14.79 57.37 -32.58
C PRO E 75 -15.59 57.59 -31.27
N GLU E 76 -16.45 56.64 -30.90
CA GLU E 76 -17.32 56.74 -29.72
C GLU E 76 -16.74 56.04 -28.49
N GLY E 77 -15.83 55.09 -28.71
CA GLY E 77 -15.36 54.20 -27.62
C GLY E 77 -14.48 53.09 -28.12
N ILE E 78 -14.06 52.21 -27.20
CA ILE E 78 -13.34 50.96 -27.54
C ILE E 78 -14.24 49.72 -27.38
N SER E 79 -14.30 48.94 -28.45
CA SER E 79 -15.20 47.80 -28.55
C SER E 79 -14.48 46.45 -28.37
N PHE E 80 -15.06 45.59 -27.52
CA PHE E 80 -14.53 44.24 -27.27
C PHE E 80 -15.45 43.13 -27.77
N GLY E 81 -14.88 42.16 -28.49
CA GLY E 81 -15.60 40.91 -28.77
C GLY E 81 -16.03 40.25 -27.46
N ALA E 82 -17.13 39.51 -27.49
CA ALA E 82 -17.77 39.09 -26.23
C ALA E 82 -16.99 37.98 -25.48
N ALA E 83 -16.06 37.32 -26.19
CA ALA E 83 -15.25 36.25 -25.63
C ALA E 83 -13.99 36.78 -25.01
N CYS E 84 -13.68 38.06 -25.20
CA CYS E 84 -12.45 38.68 -24.61
C CYS E 84 -12.39 38.50 -23.10
N ALA E 85 -11.20 38.14 -22.63
CA ALA E 85 -10.96 37.82 -21.23
C ALA E 85 -10.98 39.08 -20.40
N LEU E 86 -11.51 39.00 -19.19
CA LEU E 86 -11.63 40.20 -18.39
C LEU E 86 -10.27 40.88 -18.14
N SER E 87 -9.20 40.10 -18.15
CA SER E 87 -7.85 40.63 -17.99
C SER E 87 -7.30 41.37 -19.23
N SER E 88 -7.71 40.95 -20.43
CA SER E 88 -7.52 41.73 -21.66
C SER E 88 -8.26 43.04 -21.67
N VAL E 89 -9.54 42.99 -21.33
CA VAL E 89 -10.29 44.22 -21.08
C VAL E 89 -9.51 45.09 -20.09
N GLU E 90 -9.23 44.59 -18.89
CA GLU E 90 -8.43 45.35 -17.93
C GLU E 90 -7.19 46.03 -18.58
N LYS E 91 -6.39 45.27 -19.32
CA LYS E 91 -5.13 45.71 -19.99
C LYS E 91 -5.31 46.78 -21.06
N THR E 92 -6.28 46.57 -21.95
CA THR E 92 -6.62 47.59 -22.95
C THR E 92 -6.99 48.91 -22.25
N LEU E 93 -7.92 48.82 -21.29
CA LEU E 93 -8.40 49.99 -20.57
C LEU E 93 -7.35 50.67 -19.67
N LEU E 94 -6.40 49.93 -19.12
CA LEU E 94 -5.26 50.55 -18.46
C LEU E 94 -4.33 51.30 -19.47
N GLU E 95 -4.25 50.81 -20.71
CA GLU E 95 -3.55 51.52 -21.79
C GLU E 95 -4.29 52.84 -22.10
N ALA E 96 -5.60 52.75 -22.35
CA ALA E 96 -6.42 53.93 -22.64
C ALA E 96 -6.31 55.00 -21.54
N VAL E 97 -6.46 54.60 -20.27
CA VAL E 97 -6.39 55.57 -19.18
C VAL E 97 -5.03 56.30 -19.11
N ALA E 98 -3.95 55.55 -19.31
CA ALA E 98 -2.59 56.06 -19.16
C ALA E 98 -2.12 56.92 -20.35
N LYS E 99 -2.82 56.81 -21.49
CA LYS E 99 -2.44 57.52 -22.71
C LYS E 99 -3.46 58.55 -23.18
N LEU E 100 -4.70 58.43 -22.71
CA LEU E 100 -5.79 59.33 -23.11
C LEU E 100 -6.06 60.39 -22.02
N PRO E 101 -6.75 61.50 -22.41
CA PRO E 101 -7.07 62.58 -21.47
C PRO E 101 -8.11 62.18 -20.44
N THR E 102 -7.86 62.50 -19.16
CA THR E 102 -8.79 62.21 -18.06
C THR E 102 -10.26 62.42 -18.35
N GLN E 103 -10.59 63.46 -19.11
CA GLN E 103 -11.98 63.78 -19.48
C GLN E 103 -12.62 62.70 -20.32
N LYS E 104 -11.80 61.99 -21.10
CA LYS E 104 -12.25 60.86 -21.95
C LYS E 104 -12.41 59.45 -21.28
N THR E 105 -11.70 59.20 -20.19
CA THR E 105 -11.57 57.86 -19.67
C THR E 105 -12.40 57.61 -18.38
N GLU E 106 -13.47 58.37 -18.19
CA GLU E 106 -14.23 58.32 -16.95
C GLU E 106 -14.98 57.00 -16.77
N VAL E 107 -15.60 56.50 -17.83
CA VAL E 107 -16.27 55.21 -17.79
C VAL E 107 -15.23 54.06 -17.72
N PHE E 108 -14.17 54.17 -18.52
CA PHE E 108 -13.03 53.26 -18.49
C PHE E 108 -12.43 53.15 -17.11
N ARG E 109 -12.38 54.25 -16.38
CA ARG E 109 -11.84 54.21 -15.00
C ARG E 109 -12.84 53.67 -13.98
N GLY E 110 -14.13 53.74 -14.32
CA GLY E 110 -15.18 53.07 -13.54
C GLY E 110 -15.21 51.56 -13.72
N VAL E 111 -15.06 51.09 -14.97
CA VAL E 111 -14.87 49.66 -15.26
C VAL E 111 -13.63 49.12 -14.53
N LEU E 112 -12.54 49.88 -14.57
CA LEU E 112 -11.28 49.46 -13.95
C LEU E 112 -11.35 49.34 -12.44
N GLU E 113 -12.24 50.12 -11.79
CA GLU E 113 -12.35 50.06 -10.33
C GLU E 113 -13.12 48.83 -9.85
N GLN E 114 -14.12 48.42 -10.64
CA GLN E 114 -14.91 47.21 -10.39
C GLN E 114 -14.06 45.97 -10.64
N LEU E 115 -13.22 46.00 -11.66
CA LEU E 115 -12.26 44.90 -11.93
C LEU E 115 -11.09 44.85 -10.93
N ARG E 116 -10.82 45.95 -10.21
CA ARG E 116 -9.68 45.97 -9.26
C ARG E 116 -9.75 44.73 -8.38
N TRP E 117 -10.74 44.68 -7.49
CA TRP E 117 -10.84 43.62 -6.48
C TRP E 117 -11.91 42.60 -6.90
N PHE E 118 -11.65 41.97 -8.05
CA PHE E 118 -12.57 41.06 -8.74
C PHE E 118 -11.77 39.76 -8.88
N ALA E 119 -12.29 38.66 -8.33
CA ALA E 119 -11.61 37.36 -8.41
C ALA E 119 -10.12 37.55 -8.12
N GLY E 120 -9.27 36.87 -8.92
CA GLY E 120 -7.87 37.21 -9.09
C GLY E 120 -7.48 37.05 -10.54
N LYS E 121 -6.18 36.94 -10.82
CA LYS E 121 -5.72 36.76 -12.19
C LYS E 121 -6.18 35.48 -12.89
N GLN E 122 -6.33 34.40 -12.13
CA GLN E 122 -6.73 33.13 -12.69
C GLN E 122 -8.10 33.27 -13.28
N VAL E 123 -9.03 33.80 -12.52
CA VAL E 123 -10.39 33.94 -13.02
C VAL E 123 -10.48 34.98 -14.13
N LYS E 124 -9.81 36.12 -13.95
CA LYS E 124 -9.86 37.19 -14.93
C LYS E 124 -9.24 36.80 -16.25
N SER E 125 -8.24 35.91 -16.23
CA SER E 125 -7.60 35.41 -17.45
C SER E 125 -8.50 34.55 -18.33
N VAL E 126 -9.58 34.00 -17.76
CA VAL E 126 -10.49 33.12 -18.47
C VAL E 126 -11.94 33.61 -18.56
N ALA E 127 -12.42 34.32 -17.54
CA ALA E 127 -13.77 34.88 -17.56
C ALA E 127 -13.93 35.82 -18.76
N SER E 128 -14.98 35.59 -19.55
CA SER E 128 -15.30 36.46 -20.68
C SER E 128 -16.16 37.66 -20.25
N LEU E 129 -16.04 38.74 -21.03
CA LEU E 129 -16.90 39.94 -20.90
C LEU E 129 -18.38 39.58 -21.10
N GLY E 130 -18.70 38.93 -22.20
CA GLY E 130 -20.09 38.51 -22.51
C GLY E 130 -20.66 37.45 -21.59
N GLY E 131 -19.77 36.70 -20.93
CA GLY E 131 -20.19 35.66 -19.98
C GLY E 131 -20.73 36.27 -18.72
N ASN E 132 -20.10 37.36 -18.29
CA ASN E 132 -20.54 38.13 -17.14
C ASN E 132 -21.83 38.87 -17.45
N ILE E 133 -21.89 39.47 -18.66
CA ILE E 133 -23.06 40.25 -19.04
C ILE E 133 -24.29 39.36 -19.06
N ILE E 134 -24.19 38.23 -19.74
CA ILE E 134 -25.36 37.41 -20.08
C ILE E 134 -25.77 36.45 -18.96
N THR E 135 -24.85 36.13 -18.06
CA THR E 135 -25.23 35.49 -16.79
C THR E 135 -26.30 36.33 -16.06
N ALA E 136 -26.19 37.66 -16.11
CA ALA E 136 -27.25 38.53 -15.59
C ALA E 136 -27.40 38.38 -14.09
N SER E 137 -26.30 38.16 -13.38
CA SER E 137 -26.38 38.03 -11.93
C SER E 137 -26.89 39.36 -11.33
N PRO E 138 -27.73 39.29 -10.26
CA PRO E 138 -28.09 40.53 -9.57
C PRO E 138 -26.89 41.28 -8.97
N ILE E 139 -25.75 40.60 -8.84
CA ILE E 139 -24.58 41.16 -8.18
C ILE E 139 -23.39 41.23 -9.14
N SER E 140 -23.68 41.28 -10.44
CA SER E 140 -22.69 41.57 -11.45
C SER E 140 -22.08 42.93 -11.16
N ASP E 141 -20.75 42.98 -11.04
CA ASP E 141 -20.03 44.23 -10.77
C ASP E 141 -19.95 45.10 -12.01
N LEU E 142 -20.13 44.50 -13.18
CA LEU E 142 -19.90 45.17 -14.48
C LEU E 142 -21.18 45.63 -15.16
N ASN E 143 -22.34 45.01 -14.88
CA ASN E 143 -23.58 45.37 -15.57
C ASN E 143 -24.18 46.71 -15.10
N PRO E 144 -24.07 47.02 -13.79
CA PRO E 144 -24.42 48.40 -13.38
C PRO E 144 -23.60 49.49 -14.08
N VAL E 145 -22.31 49.26 -14.28
CA VAL E 145 -21.43 50.19 -15.00
C VAL E 145 -21.75 50.28 -16.51
N PHE E 146 -22.13 49.17 -17.10
CA PHE E 146 -22.49 49.12 -18.50
C PHE E 146 -23.86 49.77 -18.78
N MET E 147 -24.80 49.63 -17.84
CA MET E 147 -26.11 50.30 -17.90
C MET E 147 -25.95 51.81 -17.62
N ALA E 148 -25.39 52.16 -16.48
CA ALA E 148 -25.15 53.55 -16.11
C ALA E 148 -24.58 54.36 -17.28
N SER E 149 -23.59 53.79 -17.96
CA SER E 149 -22.88 54.46 -19.06
C SER E 149 -23.52 54.28 -20.46
N GLY E 150 -24.62 53.55 -20.52
CA GLY E 150 -25.23 53.17 -21.77
C GLY E 150 -24.36 52.37 -22.75
N THR E 151 -23.44 51.54 -22.26
CA THR E 151 -22.55 50.73 -23.13
C THR E 151 -23.33 49.99 -24.22
N LYS E 152 -22.83 50.09 -25.46
CA LYS E 152 -23.56 49.58 -26.62
C LYS E 152 -23.20 48.14 -26.84
N LEU E 153 -24.24 47.30 -26.94
CA LEU E 153 -24.17 45.85 -27.17
C LEU E 153 -24.53 45.52 -28.59
N THR E 154 -23.74 44.67 -29.23
CA THR E 154 -24.02 44.19 -30.61
C THR E 154 -24.38 42.72 -30.59
N ILE E 155 -25.64 42.47 -30.99
CA ILE E 155 -26.34 41.22 -30.88
C ILE E 155 -26.64 40.69 -32.28
N VAL E 156 -26.23 39.45 -32.54
CA VAL E 156 -26.34 38.82 -33.86
C VAL E 156 -27.19 37.55 -33.77
N SER E 157 -27.96 37.27 -34.82
CA SER E 157 -28.54 35.93 -35.05
C SER E 157 -28.22 35.56 -36.47
N ARG E 158 -28.63 34.39 -36.93
CA ARG E 158 -28.43 34.06 -38.35
C ARG E 158 -29.16 35.10 -39.20
N GLY E 159 -28.41 35.86 -39.99
CA GLY E 159 -28.99 36.91 -40.84
C GLY E 159 -29.01 38.27 -40.16
N THR E 160 -29.77 38.36 -39.06
CA THR E 160 -30.00 39.64 -38.34
C THR E 160 -28.80 40.17 -37.51
N ARG E 161 -28.71 41.49 -37.43
CA ARG E 161 -27.76 42.18 -36.56
C ARG E 161 -28.43 43.45 -36.02
N ARG E 162 -28.05 43.84 -34.79
CA ARG E 162 -28.57 45.05 -34.15
C ARG E 162 -27.68 45.46 -32.96
N THR E 163 -27.56 46.77 -32.74
CA THR E 163 -26.81 47.35 -31.63
C THR E 163 -27.79 48.16 -30.78
N VAL E 164 -27.83 47.84 -29.47
CA VAL E 164 -28.64 48.53 -28.47
C VAL E 164 -27.74 48.98 -27.32
N PRO E 165 -27.95 50.22 -26.80
CA PRO E 165 -27.31 50.57 -25.55
C PRO E 165 -27.94 49.81 -24.40
N MET E 166 -27.14 49.44 -23.41
CA MET E 166 -27.73 48.86 -22.23
C MET E 166 -28.63 49.82 -21.48
N ASP E 167 -29.84 49.38 -21.19
CA ASP E 167 -30.72 50.06 -20.24
C ASP E 167 -31.52 49.06 -19.39
N HIS E 168 -32.45 49.58 -18.61
CA HIS E 168 -33.16 48.78 -17.59
C HIS E 168 -33.98 47.62 -18.23
N THR E 169 -34.29 47.76 -19.51
CA THR E 169 -35.04 46.78 -20.28
C THR E 169 -34.17 45.61 -20.82
N PHE E 170 -32.86 45.66 -20.65
CA PHE E 170 -32.04 44.52 -21.06
C PHE E 170 -32.24 43.32 -20.11
N PHE E 171 -32.59 43.62 -18.85
CA PHE E 171 -32.72 42.64 -17.80
C PHE E 171 -34.17 42.58 -17.33
N PRO E 172 -35.04 41.81 -18.04
CA PRO E 172 -36.46 41.73 -17.67
C PRO E 172 -36.78 41.06 -16.32
N SER E 173 -36.01 40.04 -15.96
CA SER E 173 -36.27 39.32 -14.73
C SER E 173 -35.05 38.51 -14.35
N TYR E 174 -35.17 37.71 -13.30
CA TYR E 174 -34.05 37.00 -12.71
C TYR E 174 -33.27 36.15 -13.75
N ARG E 175 -32.02 36.54 -14.00
CA ARG E 175 -31.05 35.79 -14.84
C ARG E 175 -31.37 35.80 -16.35
N LYS E 176 -32.26 36.70 -16.73
CA LYS E 176 -32.75 36.82 -18.07
C LYS E 176 -32.22 38.10 -18.65
N THR E 177 -31.87 38.03 -19.92
CA THR E 177 -31.53 39.20 -20.71
C THR E 177 -32.54 39.26 -21.87
N LEU E 178 -32.45 40.32 -22.63
CA LEU E 178 -33.38 40.59 -23.71
C LEU E 178 -32.93 40.03 -25.08
N LEU E 179 -31.95 39.11 -25.14
CA LEU E 179 -31.59 38.43 -26.40
C LEU E 179 -32.61 37.35 -26.79
N GLY E 180 -32.89 37.24 -28.09
CA GLY E 180 -33.73 36.18 -28.65
C GLY E 180 -33.08 34.78 -28.59
N PRO E 181 -33.89 33.71 -28.72
CA PRO E 181 -33.34 32.35 -28.51
C PRO E 181 -32.24 31.96 -29.49
N GLU E 182 -32.28 32.56 -30.68
CA GLU E 182 -31.34 32.28 -31.77
C GLU E 182 -30.16 33.27 -31.77
N GLU E 183 -30.19 34.24 -30.87
CA GLU E 183 -29.21 35.35 -30.80
C GLU E 183 -28.03 35.15 -29.85
N ILE E 184 -26.85 35.61 -30.26
CA ILE E 184 -25.68 35.73 -29.38
C ILE E 184 -25.17 37.19 -29.31
N LEU E 185 -24.52 37.52 -28.19
CA LEU E 185 -23.77 38.76 -28.03
C LEU E 185 -22.40 38.66 -28.76
N LEU E 186 -22.20 39.54 -29.74
CA LEU E 186 -21.00 39.54 -30.54
C LEU E 186 -19.98 40.50 -29.92
N SER E 187 -20.40 41.73 -29.60
CA SER E 187 -19.46 42.74 -29.07
C SER E 187 -20.03 43.82 -28.17
N ILE E 188 -19.13 44.48 -27.46
CA ILE E 188 -19.46 45.49 -26.46
C ILE E 188 -18.55 46.70 -26.62
N GLU E 189 -19.14 47.87 -26.90
CA GLU E 189 -18.39 49.13 -26.93
C GLU E 189 -18.51 49.94 -25.64
N ILE E 190 -17.40 50.04 -24.92
CA ILE E 190 -17.32 50.83 -23.72
C ILE E 190 -16.98 52.26 -24.16
N PRO E 191 -17.80 53.24 -23.76
CA PRO E 191 -17.77 54.53 -24.44
C PRO E 191 -16.75 55.50 -23.88
N TYR E 192 -16.25 56.38 -24.75
CA TYR E 192 -15.52 57.53 -24.28
C TYR E 192 -16.49 58.47 -23.50
N SER E 193 -15.91 59.07 -22.46
CA SER E 193 -16.57 60.01 -21.58
C SER E 193 -16.52 61.37 -22.28
N ARG E 194 -17.64 62.10 -22.31
CA ARG E 194 -17.65 63.40 -22.97
C ARG E 194 -17.29 64.54 -22.01
N GLU E 195 -17.22 65.76 -22.55
CA GLU E 195 -17.03 66.94 -21.73
C GLU E 195 -18.28 67.09 -20.90
N ASP E 196 -18.09 67.55 -19.67
CA ASP E 196 -19.18 67.77 -18.70
C ASP E 196 -19.84 66.46 -18.26
N GLU E 197 -19.14 65.34 -18.51
CA GLU E 197 -19.65 63.98 -18.21
C GLU E 197 -18.73 63.31 -17.22
N PHE E 198 -19.26 62.86 -16.09
CA PHE E 198 -18.45 62.31 -14.98
C PHE E 198 -19.02 60.95 -14.58
N PHE E 199 -18.12 60.03 -14.17
CA PHE E 199 -18.50 58.62 -13.86
C PHE E 199 -17.81 58.09 -12.61
N SER E 200 -18.54 57.30 -11.80
CA SER E 200 -17.99 56.62 -10.61
C SER E 200 -18.62 55.23 -10.49
N ALA E 201 -17.87 54.29 -9.93
CA ALA E 201 -18.46 53.00 -9.57
C ALA E 201 -17.97 52.55 -8.20
N PHE E 202 -18.81 51.78 -7.52
CA PHE E 202 -18.55 51.34 -6.16
C PHE E 202 -19.09 49.94 -5.97
N LYS E 203 -18.56 49.21 -5.00
CA LYS E 203 -18.95 47.84 -4.72
C LYS E 203 -18.92 47.65 -3.22
N GLN E 204 -19.98 47.01 -2.72
CA GLN E 204 -20.07 46.57 -1.32
C GLN E 204 -18.85 45.78 -0.90
N ALA E 205 -18.37 46.17 0.26
CA ALA E 205 -17.36 45.46 1.01
C ALA E 205 -17.49 43.96 0.86
N SER E 206 -18.53 43.41 1.52
CA SER E 206 -18.71 41.99 1.74
C SER E 206 -19.28 41.23 0.51
N ARG E 207 -19.91 40.06 0.78
CA ARG E 207 -20.54 39.11 -0.21
C ARG E 207 -20.73 37.77 0.57
N ARG E 208 -21.97 37.25 0.64
CA ARG E 208 -22.26 36.17 1.64
C ARG E 208 -23.41 35.20 1.35
N GLU E 209 -24.31 35.57 0.44
CA GLU E 209 -25.25 34.65 -0.22
C GLU E 209 -24.83 34.60 -1.68
N ASP E 210 -25.27 33.59 -2.41
CA ASP E 210 -24.58 33.28 -3.68
C ASP E 210 -24.77 34.26 -4.87
N ASP E 211 -25.87 35.01 -4.94
CA ASP E 211 -25.97 36.03 -6.01
C ASP E 211 -26.94 37.16 -5.67
N ILE E 212 -27.02 37.46 -4.38
CA ILE E 212 -27.95 38.48 -3.91
C ILE E 212 -27.34 39.32 -2.79
N ALA E 213 -28.00 40.45 -2.51
CA ALA E 213 -27.72 41.30 -1.36
C ALA E 213 -26.28 41.77 -1.29
N LYS E 214 -25.72 42.16 -2.44
CA LYS E 214 -24.36 42.69 -2.49
C LYS E 214 -24.30 43.93 -3.35
N VAL E 215 -24.24 45.10 -2.72
CA VAL E 215 -24.55 46.37 -3.43
C VAL E 215 -23.39 46.74 -4.32
N THR E 216 -23.67 46.86 -5.60
CA THR E 216 -22.67 47.28 -6.55
C THR E 216 -23.33 48.30 -7.50
N CYS E 217 -22.64 49.38 -7.82
CA CYS E 217 -23.26 50.40 -8.65
C CYS E 217 -22.33 51.06 -9.64
N GLY E 218 -22.96 51.74 -10.61
CA GLY E 218 -22.32 52.64 -11.56
C GLY E 218 -23.15 53.91 -11.59
N MET E 219 -22.46 55.04 -11.63
CA MET E 219 -23.11 56.34 -11.62
C MET E 219 -22.57 57.31 -12.68
N ARG E 220 -23.47 57.90 -13.47
CA ARG E 220 -23.11 58.83 -14.56
C ARG E 220 -23.90 60.17 -14.49
N VAL E 221 -23.18 61.31 -14.54
CA VAL E 221 -23.80 62.64 -14.71
C VAL E 221 -23.28 63.35 -15.97
N LEU E 222 -24.20 63.88 -16.80
CA LEU E 222 -23.88 64.86 -17.85
C LEU E 222 -24.49 66.23 -17.51
N PHE E 223 -23.64 67.21 -17.28
CA PHE E 223 -24.08 68.60 -17.17
C PHE E 223 -24.28 69.29 -18.59
N GLN E 224 -25.10 70.34 -18.64
CA GLN E 224 -25.09 71.25 -19.81
C GLN E 224 -23.67 71.86 -19.84
N PRO E 225 -23.16 72.19 -21.05
CA PRO E 225 -21.77 72.67 -21.21
C PRO E 225 -21.35 73.72 -20.18
N GLY E 226 -20.13 73.60 -19.65
CA GLY E 226 -19.63 74.56 -18.67
C GLY E 226 -20.45 74.79 -17.39
N SER E 227 -21.64 74.16 -17.30
CA SER E 227 -22.57 74.39 -16.19
C SER E 227 -22.41 73.38 -15.03
N MET E 228 -23.13 73.63 -13.95
CA MET E 228 -23.34 72.66 -12.87
C MET E 228 -24.77 72.15 -12.92
N GLN E 229 -25.34 72.19 -14.12
CA GLN E 229 -26.73 71.86 -14.36
C GLN E 229 -26.90 70.52 -15.08
N VAL E 230 -27.73 69.66 -14.51
CA VAL E 230 -27.83 68.26 -14.90
C VAL E 230 -28.66 68.10 -16.17
N LYS E 231 -28.05 67.51 -17.21
CA LYS E 231 -28.74 67.18 -18.46
C LYS E 231 -29.12 65.70 -18.52
N GLU E 232 -28.24 64.84 -18.02
CA GLU E 232 -28.50 63.38 -17.84
C GLU E 232 -27.91 62.93 -16.50
N LEU E 233 -28.64 62.06 -15.79
CA LEU E 233 -28.15 61.40 -14.57
C LEU E 233 -28.57 59.93 -14.63
N ALA E 234 -27.64 58.99 -14.41
CA ALA E 234 -27.99 57.54 -14.31
C ALA E 234 -27.48 56.93 -13.00
N LEU E 235 -28.34 56.23 -12.26
CA LEU E 235 -27.90 55.51 -11.08
C LEU E 235 -28.38 54.09 -11.17
N CYS E 236 -27.47 53.15 -11.48
CA CYS E 236 -27.85 51.73 -11.61
C CYS E 236 -27.16 50.87 -10.55
N TYR E 237 -27.93 49.92 -10.01
CA TYR E 237 -27.53 49.14 -8.86
C TYR E 237 -27.67 47.62 -9.04
N GLY E 238 -26.73 46.89 -8.44
CA GLY E 238 -26.87 45.48 -8.19
C GLY E 238 -27.04 45.21 -6.69
N GLY E 239 -27.49 44.00 -6.37
CA GLY E 239 -27.66 43.58 -4.99
C GLY E 239 -28.76 44.31 -4.26
N MET E 240 -29.76 44.81 -5.01
CA MET E 240 -30.91 45.60 -4.49
C MET E 240 -32.24 45.03 -4.93
N ALA E 241 -32.22 44.11 -5.90
CA ALA E 241 -33.40 43.39 -6.34
C ALA E 241 -32.89 42.09 -6.98
N ASP E 242 -33.75 41.33 -7.67
CA ASP E 242 -33.30 40.10 -8.34
C ASP E 242 -32.69 40.36 -9.71
N ARG E 243 -32.32 41.62 -9.98
CA ARG E 243 -31.50 41.92 -11.15
C ARG E 243 -30.92 43.31 -11.05
N THR E 244 -30.13 43.69 -12.06
CA THR E 244 -29.65 45.06 -12.15
C THR E 244 -30.85 45.99 -12.45
N ILE E 245 -30.85 47.15 -11.81
CA ILE E 245 -31.94 48.08 -11.90
C ILE E 245 -31.37 49.50 -12.01
N SER E 246 -32.18 50.42 -12.52
CA SER E 246 -31.88 51.88 -12.53
C SER E 246 -32.82 52.65 -11.61
N ALA E 247 -32.29 53.65 -10.91
CA ALA E 247 -33.11 54.53 -10.08
C ALA E 247 -33.71 55.63 -10.97
N LEU E 248 -34.67 55.23 -11.83
CA LEU E 248 -35.15 56.04 -12.95
C LEU E 248 -36.03 57.22 -12.54
N LYS E 249 -36.92 56.97 -11.59
CA LYS E 249 -37.84 57.97 -11.10
C LYS E 249 -37.08 59.06 -10.37
N THR E 250 -36.18 58.65 -9.48
CA THR E 250 -35.35 59.58 -8.73
C THR E 250 -34.50 60.50 -9.59
N THR E 251 -33.84 59.93 -10.59
CA THR E 251 -32.91 60.71 -11.42
C THR E 251 -33.61 61.59 -12.45
N GLN E 252 -34.80 61.19 -12.91
CA GLN E 252 -35.60 61.98 -13.84
C GLN E 252 -36.21 63.22 -13.17
N LYS E 253 -36.33 63.23 -11.84
CA LYS E 253 -36.75 64.43 -11.11
C LYS E 253 -35.64 65.47 -11.08
N GLN E 254 -34.42 65.06 -11.42
CA GLN E 254 -33.24 65.91 -11.21
C GLN E 254 -32.73 66.53 -12.48
N LEU E 255 -33.41 66.27 -13.59
CA LEU E 255 -33.04 66.91 -14.86
C LEU E 255 -33.43 68.39 -14.79
N SER E 256 -32.49 69.27 -15.15
CA SER E 256 -32.62 70.75 -15.07
C SER E 256 -32.15 71.33 -13.73
N LYS E 257 -32.14 70.52 -12.66
CA LYS E 257 -31.68 70.94 -11.34
C LYS E 257 -30.17 71.15 -11.31
N PHE E 258 -29.71 71.84 -10.26
CA PHE E 258 -28.31 72.14 -10.05
C PHE E 258 -27.66 71.26 -8.94
N TRP E 259 -26.35 71.05 -9.07
CA TRP E 259 -25.59 70.11 -8.25
C TRP E 259 -25.15 70.75 -6.93
N ASN E 260 -26.07 70.71 -5.98
CA ASN E 260 -25.84 71.29 -4.68
C ASN E 260 -26.53 70.45 -3.63
N GLU E 261 -26.41 70.91 -2.39
CA GLU E 261 -26.90 70.25 -1.19
C GLU E 261 -28.38 69.83 -1.28
N LYS E 262 -29.15 70.51 -2.14
CA LYS E 262 -30.59 70.25 -2.27
C LYS E 262 -30.84 69.09 -3.25
N LEU E 263 -29.94 68.93 -4.23
CA LEU E 263 -29.99 67.77 -5.13
C LEU E 263 -29.61 66.50 -4.35
N LEU E 264 -28.62 66.63 -3.46
CA LEU E 264 -28.18 65.51 -2.62
C LEU E 264 -29.31 65.00 -1.74
N GLN E 265 -29.91 65.89 -0.95
CA GLN E 265 -31.09 65.57 -0.14
C GLN E 265 -32.19 64.82 -0.92
N ASP E 266 -32.48 65.33 -2.12
CA ASP E 266 -33.63 64.83 -2.92
C ASP E 266 -33.33 63.54 -3.67
N VAL E 267 -32.07 63.34 -4.06
CA VAL E 267 -31.69 62.04 -4.60
C VAL E 267 -31.78 61.03 -3.44
N CYS E 268 -31.18 61.35 -2.30
CA CYS E 268 -31.21 60.44 -1.15
C CYS E 268 -32.62 60.04 -0.78
N ALA E 269 -33.52 61.02 -0.68
CA ALA E 269 -34.92 60.75 -0.39
C ALA E 269 -35.53 59.83 -1.45
N GLY E 270 -35.23 60.11 -2.73
CA GLY E 270 -35.63 59.30 -3.89
C GLY E 270 -35.13 57.85 -3.89
N LEU E 271 -33.80 57.68 -3.71
CA LEU E 271 -33.16 56.34 -3.49
C LEU E 271 -33.81 55.53 -2.35
N ALA E 272 -34.00 56.17 -1.18
CA ALA E 272 -34.61 55.50 -0.02
C ALA E 272 -36.01 54.99 -0.36
N GLU E 273 -36.80 55.83 -1.02
CA GLU E 273 -38.17 55.50 -1.43
C GLU E 273 -38.20 54.48 -2.59
N GLU E 274 -37.50 54.82 -3.67
CA GLU E 274 -37.54 54.01 -4.89
C GLU E 274 -36.93 52.60 -4.76
N LEU E 275 -35.80 52.47 -4.07
CA LEU E 275 -35.13 51.18 -3.98
C LEU E 275 -35.46 50.43 -2.65
N SER E 276 -36.52 50.89 -1.98
CA SER E 276 -36.86 50.46 -0.63
C SER E 276 -36.86 48.94 -0.52
N LEU E 277 -36.42 48.43 0.63
CA LEU E 277 -36.29 47.00 0.82
C LEU E 277 -37.34 46.57 1.84
N SER E 278 -38.02 45.45 1.57
CA SER E 278 -39.04 44.96 2.49
C SER E 278 -38.25 44.29 3.57
N PRO E 279 -38.85 44.07 4.76
CA PRO E 279 -38.01 43.61 5.87
C PRO E 279 -37.58 42.17 5.67
N ASP E 280 -38.42 41.38 4.99
CA ASP E 280 -38.06 40.00 4.64
C ASP E 280 -37.38 39.88 3.22
N ALA E 281 -36.84 40.99 2.70
CA ALA E 281 -36.12 40.98 1.41
C ALA E 281 -35.07 39.89 1.41
N PRO E 282 -34.96 39.12 0.32
CA PRO E 282 -33.95 38.07 0.21
C PRO E 282 -32.52 38.60 0.37
N GLY E 283 -31.76 38.06 1.31
CA GLY E 283 -30.39 38.48 1.53
C GLY E 283 -30.14 39.22 2.83
N GLY E 284 -31.21 39.71 3.48
CA GLY E 284 -31.05 40.47 4.69
C GLY E 284 -30.18 41.69 4.48
N MET E 285 -29.53 42.16 5.55
CA MET E 285 -28.69 43.38 5.55
C MET E 285 -29.42 44.58 4.98
N ILE E 286 -30.64 44.77 5.45
CA ILE E 286 -31.58 45.76 4.91
C ILE E 286 -31.20 47.21 5.25
N GLU E 287 -30.66 47.47 6.44
CA GLU E 287 -30.26 48.84 6.78
C GLU E 287 -29.04 49.17 5.96
N PHE E 288 -28.04 48.31 6.04
CA PHE E 288 -26.73 48.45 5.39
C PHE E 288 -26.87 48.69 3.89
N ARG E 289 -27.64 47.82 3.24
CA ARG E 289 -27.83 47.97 1.82
C ARG E 289 -28.47 49.32 1.55
N ARG E 290 -29.54 49.66 2.28
CA ARG E 290 -30.14 51.00 2.12
C ARG E 290 -29.10 52.14 2.26
N THR E 291 -28.32 52.05 3.34
CA THR E 291 -27.28 52.99 3.70
C THR E 291 -26.12 53.10 2.72
N LEU E 292 -25.83 52.01 2.00
CA LEU E 292 -24.84 51.99 0.90
C LEU E 292 -25.35 52.59 -0.38
N THR E 293 -26.62 52.41 -0.72
CA THR E 293 -27.12 53.13 -1.91
C THR E 293 -26.94 54.69 -1.75
N LEU E 294 -27.25 55.21 -0.54
CA LEU E 294 -27.08 56.65 -0.23
C LEU E 294 -25.63 57.12 -0.10
N SER E 295 -24.87 56.39 0.71
CA SER E 295 -23.47 56.71 0.97
C SER E 295 -22.60 56.70 -0.29
N PHE E 296 -22.84 55.73 -1.17
CA PHE E 296 -22.22 55.69 -2.50
C PHE E 296 -22.58 56.95 -3.29
N PHE E 297 -23.87 57.25 -3.44
CA PHE E 297 -24.25 58.49 -4.12
C PHE E 297 -23.59 59.73 -3.54
N PHE E 298 -23.49 59.83 -2.22
CA PHE E 298 -22.73 60.91 -1.57
C PHE E 298 -21.28 60.97 -2.05
N LYS E 299 -20.65 59.80 -2.20
CA LYS E 299 -19.28 59.74 -2.74
C LYS E 299 -19.24 60.23 -4.17
N PHE E 300 -20.27 59.91 -4.95
CA PHE E 300 -20.39 60.37 -6.35
C PHE E 300 -20.49 61.88 -6.42
N TYR E 301 -21.50 62.40 -5.72
CA TYR E 301 -21.72 63.84 -5.52
C TYR E 301 -20.43 64.64 -5.15
N LEU E 302 -19.71 64.14 -4.15
CA LEU E 302 -18.50 64.82 -3.66
C LEU E 302 -17.33 64.71 -4.61
N THR E 303 -17.32 63.67 -5.42
CA THR E 303 -16.30 63.51 -6.47
C THR E 303 -16.63 64.38 -7.70
N VAL E 304 -17.91 64.47 -8.04
CA VAL E 304 -18.35 65.31 -9.16
C VAL E 304 -18.06 66.79 -8.87
N LEU E 305 -18.23 67.19 -7.61
CA LEU E 305 -17.82 68.53 -7.14
C LEU E 305 -16.31 68.76 -7.17
N LYS E 306 -15.53 67.76 -6.74
CA LYS E 306 -14.06 67.85 -6.85
C LYS E 306 -13.67 68.05 -8.31
N LYS E 307 -14.36 67.35 -9.21
CA LYS E 307 -14.04 67.38 -10.65
C LYS E 307 -14.45 68.67 -11.35
N LEU E 308 -15.66 69.14 -11.06
CA LEU E 308 -16.11 70.48 -11.45
C LEU E 308 -15.24 71.60 -10.82
N GLY E 309 -15.49 71.94 -9.55
CA GLY E 309 -14.69 72.96 -8.83
C GLY E 309 -13.24 72.52 -8.71
N ASP F 2 24.45 21.02 16.24
CA ASP F 2 23.41 21.64 17.13
C ASP F 2 22.72 22.80 16.41
N THR F 3 21.51 22.57 15.91
CA THR F 3 20.75 23.59 15.16
C THR F 3 19.61 24.15 16.03
N VAL F 4 19.53 23.71 17.30
CA VAL F 4 18.53 24.22 18.19
C VAL F 4 18.78 25.72 18.47
N GLY F 5 17.77 26.54 18.17
CA GLY F 5 17.86 27.97 18.25
C GLY F 5 18.10 28.59 16.91
N ARG F 6 18.24 27.77 15.86
CA ARG F 6 18.57 28.27 14.52
C ARG F 6 17.35 28.25 13.57
N PRO F 7 17.30 29.22 12.62
CA PRO F 7 16.17 29.37 11.70
C PRO F 7 16.14 28.33 10.58
N LEU F 8 16.17 27.05 10.94
CA LEU F 8 16.20 25.97 9.94
C LEU F 8 14.84 25.95 9.20
N PRO F 9 14.83 26.02 7.86
CA PRO F 9 13.55 25.87 7.14
C PRO F 9 12.87 24.52 7.35
N HIS F 10 11.54 24.53 7.32
CA HIS F 10 10.67 23.31 7.44
C HIS F 10 11.29 22.19 6.59
N LEU F 11 11.47 21.01 7.17
CA LEU F 11 12.19 19.91 6.49
C LEU F 11 11.57 19.52 5.16
N ALA F 12 10.22 19.60 5.06
CA ALA F 12 9.51 19.20 3.83
C ALA F 12 9.22 20.34 2.88
N ALA F 13 9.74 21.53 3.19
CA ALA F 13 9.35 22.76 2.46
C ALA F 13 9.66 22.74 0.96
N ALA F 14 10.80 22.18 0.58
CA ALA F 14 11.26 22.17 -0.83
C ALA F 14 10.42 21.22 -1.70
N MET F 15 10.01 20.13 -1.09
CA MET F 15 9.09 19.18 -1.71
C MET F 15 7.64 19.69 -1.76
N GLN F 16 7.24 20.48 -0.79
CA GLN F 16 5.96 21.19 -0.87
C GLN F 16 5.94 22.21 -2.05
N ALA F 17 7.06 22.88 -2.29
CA ALA F 17 7.19 23.89 -3.36
C ALA F 17 7.24 23.25 -4.75
N SER F 18 7.83 22.05 -4.81
CA SER F 18 7.97 21.25 -6.02
C SER F 18 6.74 20.38 -6.33
N GLY F 19 5.84 20.25 -5.38
CA GLY F 19 4.63 19.44 -5.54
C GLY F 19 4.86 17.94 -5.41
N GLU F 20 5.94 17.57 -4.71
CA GLU F 20 6.35 16.20 -4.56
C GLU F 20 5.99 15.66 -3.20
N ALA F 21 5.80 16.54 -2.21
CA ALA F 21 5.27 16.10 -0.90
C ALA F 21 3.87 15.45 -1.11
N VAL F 22 3.63 14.33 -0.45
CA VAL F 22 2.46 13.54 -0.71
C VAL F 22 1.49 13.78 0.42
N TYR F 23 0.32 14.31 0.05
CA TYR F 23 -0.81 14.37 0.91
C TYR F 23 -1.70 13.22 0.57
N CYS F 24 -2.68 13.01 1.42
CA CYS F 24 -3.45 11.81 1.42
C CYS F 24 -4.04 11.44 0.04
N ASP F 25 -4.65 12.38 -0.66
CA ASP F 25 -5.28 12.05 -1.95
C ASP F 25 -4.27 12.04 -3.05
N ASP F 26 -3.03 12.39 -2.74
CA ASP F 26 -1.97 12.22 -3.71
C ASP F 26 -1.45 10.77 -3.76
N ILE F 27 -1.77 9.94 -2.76
CA ILE F 27 -1.38 8.55 -2.73
C ILE F 27 -2.03 7.88 -3.96
N PRO F 28 -1.26 7.18 -4.85
CA PRO F 28 -1.86 6.54 -6.02
C PRO F 28 -2.97 5.55 -5.67
N ARG F 29 -3.87 5.29 -6.61
CA ARG F 29 -5.01 4.42 -6.30
C ARG F 29 -4.71 2.97 -6.67
N TYR F 30 -5.32 2.05 -5.93
CA TYR F 30 -5.25 0.64 -6.26
C TYR F 30 -6.16 0.44 -7.45
N GLU F 31 -5.87 -0.59 -8.22
CA GLU F 31 -6.59 -0.71 -9.47
C GLU F 31 -8.11 -0.90 -9.21
N ASN F 32 -8.45 -1.54 -8.10
CA ASN F 32 -9.84 -1.81 -7.73
C ASN F 32 -10.48 -0.70 -6.85
N GLU F 33 -9.76 0.41 -6.63
CA GLU F 33 -10.09 1.40 -5.61
C GLU F 33 -11.39 2.12 -5.88
N LEU F 34 -12.23 2.23 -4.85
CA LEU F 34 -13.54 2.87 -4.94
C LEU F 34 -13.60 4.23 -4.19
N PHE F 35 -14.67 4.97 -4.45
CA PHE F 35 -14.84 6.34 -3.97
C PHE F 35 -16.14 6.47 -3.20
N LEU F 36 -16.09 7.09 -2.01
CA LEU F 36 -17.27 7.25 -1.20
C LEU F 36 -17.66 8.75 -1.14
N ARG F 37 -18.98 9.02 -1.07
CA ARG F 37 -19.54 10.37 -0.94
C ARG F 37 -20.63 10.30 0.09
N LEU F 38 -20.57 11.13 1.14
CA LEU F 38 -21.60 11.12 2.18
C LEU F 38 -22.96 11.66 1.66
N VAL F 39 -24.03 11.09 2.22
CA VAL F 39 -25.40 11.52 2.00
C VAL F 39 -25.87 12.11 3.32
N THR F 40 -26.32 13.34 3.29
CA THR F 40 -26.38 14.18 4.49
C THR F 40 -27.79 14.79 4.59
N SER F 41 -28.28 15.03 5.81
CA SER F 41 -29.60 15.63 6.01
C SER F 41 -29.75 17.00 5.40
N THR F 42 -30.98 17.33 4.97
CA THR F 42 -31.27 18.71 4.55
C THR F 42 -32.25 19.36 5.50
N ARG F 43 -32.49 18.68 6.61
CA ARG F 43 -33.35 19.15 7.68
C ARG F 43 -32.56 19.21 8.95
N ALA F 44 -32.76 20.29 9.69
CA ALA F 44 -32.23 20.51 11.01
C ALA F 44 -32.71 19.53 12.05
N HIS F 45 -33.93 19.03 11.94
CA HIS F 45 -34.48 18.06 12.91
C HIS F 45 -35.73 17.37 12.36
N ALA F 46 -35.79 16.05 12.39
CA ALA F 46 -36.84 15.37 11.63
C ALA F 46 -36.66 13.88 11.62
N LYS F 47 -37.76 13.16 11.47
CA LYS F 47 -37.70 11.72 11.30
C LYS F 47 -37.30 11.41 9.88
N ILE F 48 -36.39 10.46 9.69
CA ILE F 48 -36.16 9.92 8.34
C ILE F 48 -37.27 8.90 8.18
N LYS F 49 -38.13 9.12 7.19
CA LYS F 49 -39.25 8.24 7.04
C LYS F 49 -39.16 7.33 5.81
N SER F 50 -38.22 7.60 4.91
CA SER F 50 -37.95 6.73 3.77
C SER F 50 -36.68 7.18 3.06
N ILE F 51 -35.91 6.22 2.54
CA ILE F 51 -34.74 6.52 1.69
C ILE F 51 -34.84 5.71 0.38
N ASP F 52 -34.67 6.41 -0.72
CA ASP F 52 -34.89 5.89 -2.03
C ASP F 52 -33.60 6.02 -2.87
N VAL F 53 -33.11 4.87 -3.34
CA VAL F 53 -31.79 4.77 -3.95
C VAL F 53 -31.84 4.45 -5.44
N SER F 54 -33.05 4.34 -5.98
CA SER F 54 -33.27 3.76 -7.31
C SER F 54 -32.81 4.60 -8.47
N GLU F 55 -32.75 5.91 -8.27
CA GLU F 55 -32.14 6.75 -9.30
C GLU F 55 -30.61 6.63 -9.26
N ALA F 56 -30.08 6.59 -8.04
CA ALA F 56 -28.66 6.45 -7.79
C ALA F 56 -28.11 5.15 -8.40
N GLN F 57 -28.87 4.04 -8.25
CA GLN F 57 -28.56 2.72 -8.85
C GLN F 57 -28.36 2.71 -10.39
N LYS F 58 -28.89 3.71 -11.06
CA LYS F 58 -28.82 3.88 -12.48
C LYS F 58 -27.63 4.72 -12.95
N VAL F 59 -26.88 5.31 -12.02
CA VAL F 59 -25.74 6.11 -12.37
C VAL F 59 -24.59 5.16 -12.77
N PRO F 60 -23.90 5.48 -13.88
CA PRO F 60 -22.79 4.65 -14.31
C PRO F 60 -21.77 4.50 -13.19
N GLY F 61 -21.35 3.28 -12.87
CA GLY F 61 -20.31 3.02 -11.87
C GLY F 61 -20.78 2.87 -10.44
N PHE F 62 -22.09 3.00 -10.21
CA PHE F 62 -22.67 2.86 -8.87
C PHE F 62 -22.30 1.49 -8.28
N VAL F 63 -21.72 1.46 -7.09
CA VAL F 63 -21.36 0.19 -6.48
C VAL F 63 -22.42 -0.18 -5.42
N CYS F 64 -22.61 0.66 -4.42
CA CYS F 64 -23.67 0.49 -3.42
C CYS F 64 -24.02 1.72 -2.61
N PHE F 65 -25.12 1.64 -1.88
CA PHE F 65 -25.46 2.61 -0.88
C PHE F 65 -25.35 2.01 0.51
N LEU F 66 -24.69 2.72 1.43
CA LEU F 66 -24.47 2.29 2.78
C LEU F 66 -25.29 3.05 3.80
N SER F 67 -25.74 2.36 4.84
CA SER F 67 -26.55 2.97 5.86
C SER F 67 -26.35 2.24 7.17
N ALA F 68 -27.05 2.70 8.22
CA ALA F 68 -26.91 2.16 9.59
C ALA F 68 -26.97 0.62 9.63
N ASP F 69 -27.83 0.03 8.81
CA ASP F 69 -27.99 -1.42 8.83
C ASP F 69 -26.83 -2.21 8.24
N ASP F 70 -25.88 -1.54 7.60
CA ASP F 70 -24.72 -2.23 7.03
C ASP F 70 -23.58 -2.37 8.02
N ILE F 71 -23.70 -1.74 9.20
CA ILE F 71 -22.64 -1.68 10.20
C ILE F 71 -22.53 -3.02 10.96
N PRO F 72 -21.36 -3.68 10.90
CA PRO F 72 -21.19 -4.96 11.61
C PRO F 72 -21.02 -4.88 13.12
N GLY F 73 -20.48 -3.78 13.65
CA GLY F 73 -20.24 -3.64 15.09
C GLY F 73 -21.19 -2.64 15.77
N SER F 74 -20.81 -1.38 15.88
CA SER F 74 -21.64 -0.40 16.56
C SER F 74 -21.86 0.84 15.70
N ASN F 75 -23.10 1.34 15.73
CA ASN F 75 -23.46 2.63 15.19
C ASN F 75 -23.38 3.76 16.21
N GLU F 76 -22.89 3.48 17.41
CA GLU F 76 -22.70 4.45 18.48
C GLU F 76 -21.25 4.87 18.47
N THR F 77 -21.01 6.16 18.24
CA THR F 77 -19.66 6.69 18.08
C THR F 77 -19.53 8.08 18.77
N GLY F 78 -18.40 8.74 18.55
CA GLY F 78 -18.15 10.03 19.18
C GLY F 78 -17.36 9.98 20.49
N LEU F 79 -16.76 11.10 20.83
CA LEU F 79 -15.94 11.21 22.04
C LEU F 79 -16.74 10.71 23.22
N PHE F 80 -18.01 11.12 23.31
CA PHE F 80 -18.89 10.75 24.43
C PHE F 80 -19.99 9.78 24.07
N ASN F 81 -19.82 9.03 23.00
CA ASN F 81 -20.76 7.96 22.60
C ASN F 81 -22.20 8.41 22.33
N ASP F 82 -22.36 9.68 21.93
CA ASP F 82 -23.68 10.30 21.73
C ASP F 82 -23.96 10.61 20.27
N GLU F 83 -23.24 9.92 19.38
CA GLU F 83 -23.42 10.11 17.95
C GLU F 83 -23.72 8.79 17.27
N THR F 84 -24.37 8.86 16.12
CA THR F 84 -24.51 7.73 15.20
C THR F 84 -23.37 7.81 14.21
N VAL F 85 -22.95 6.66 13.68
CA VAL F 85 -22.12 6.68 12.49
C VAL F 85 -22.99 7.13 11.35
N PHE F 86 -24.13 6.48 11.19
CA PHE F 86 -25.13 6.88 10.21
C PHE F 86 -26.43 7.06 10.93
N ALA F 87 -27.04 8.23 10.76
CA ALA F 87 -28.35 8.51 11.35
C ALA F 87 -29.33 7.42 10.96
N LYS F 88 -30.16 6.96 11.89
CA LYS F 88 -31.08 5.84 11.59
C LYS F 88 -32.58 6.19 11.55
N ASP F 89 -33.06 6.82 12.62
CA ASP F 89 -34.51 7.12 12.74
C ASP F 89 -34.76 8.63 12.61
N THR F 90 -33.84 9.42 13.14
CA THR F 90 -33.97 10.88 13.08
C THR F 90 -32.62 11.58 12.75
N VAL F 91 -32.69 12.57 11.85
CA VAL F 91 -31.61 13.53 11.66
C VAL F 91 -31.76 14.70 12.66
N THR F 92 -30.63 15.20 13.18
CA THR F 92 -30.60 16.27 14.16
C THR F 92 -29.76 17.47 13.76
N CYS F 93 -29.41 17.58 12.48
CA CYS F 93 -28.83 18.79 11.95
C CYS F 93 -28.82 18.75 10.44
N VAL F 94 -28.70 19.93 9.83
CA VAL F 94 -28.71 19.94 8.36
C VAL F 94 -27.59 19.01 7.80
N GLY F 95 -26.32 19.15 8.14
CA GLY F 95 -25.32 18.17 7.54
C GLY F 95 -25.12 16.79 8.22
N HIS F 96 -26.17 16.27 8.86
CA HIS F 96 -26.11 15.03 9.64
C HIS F 96 -26.02 13.87 8.68
N ILE F 97 -25.03 13.01 8.88
CA ILE F 97 -24.73 11.91 7.97
C ILE F 97 -25.72 10.76 8.17
N ILE F 98 -26.44 10.48 7.09
CA ILE F 98 -27.45 9.47 7.00
C ILE F 98 -26.92 8.22 6.31
N GLY F 99 -26.05 8.41 5.32
CA GLY F 99 -25.56 7.26 4.56
C GLY F 99 -24.36 7.61 3.72
N ALA F 100 -23.98 6.70 2.84
CA ALA F 100 -22.93 7.00 1.87
C ALA F 100 -23.15 6.16 0.64
N VAL F 101 -22.69 6.71 -0.47
CA VAL F 101 -22.74 6.08 -1.76
C VAL F 101 -21.28 5.73 -2.07
N VAL F 102 -21.08 4.59 -2.73
CA VAL F 102 -19.76 4.16 -3.21
C VAL F 102 -19.93 4.00 -4.70
N ALA F 103 -19.01 4.54 -5.49
CA ALA F 103 -18.97 4.32 -6.91
C ALA F 103 -17.51 4.15 -7.35
N ASP F 104 -17.32 3.94 -8.65
CA ASP F 104 -16.00 3.66 -9.21
C ASP F 104 -15.18 4.92 -9.52
N THR F 105 -15.83 6.07 -9.49
CA THR F 105 -15.09 7.33 -9.54
C THR F 105 -15.73 8.28 -8.54
N PRO F 106 -14.99 9.34 -8.17
CA PRO F 106 -15.54 10.39 -7.37
C PRO F 106 -16.59 11.21 -8.13
N GLU F 107 -16.44 11.35 -9.45
CA GLU F 107 -17.46 12.01 -10.27
C GLU F 107 -18.77 11.25 -10.25
N HIS F 108 -18.69 9.92 -10.38
CA HIS F 108 -19.89 9.07 -10.26
C HIS F 108 -20.52 9.01 -8.86
N ALA F 109 -19.69 9.00 -7.83
CA ALA F 109 -20.16 9.05 -6.43
C ALA F 109 -20.97 10.35 -6.13
N GLU F 110 -20.50 11.46 -6.70
CA GLU F 110 -21.07 12.76 -6.50
C GLU F 110 -22.42 12.78 -7.18
N ARG F 111 -22.44 12.33 -8.43
CA ARG F 111 -23.67 12.30 -9.19
C ARG F 111 -24.74 11.39 -8.57
N ALA F 112 -24.33 10.24 -8.06
CA ALA F 112 -25.24 9.28 -7.39
C ALA F 112 -25.76 9.80 -6.03
N ALA F 113 -24.89 10.39 -5.23
CA ALA F 113 -25.32 10.93 -3.94
C ALA F 113 -26.41 12.00 -4.11
N HIS F 114 -26.33 12.77 -5.18
CA HIS F 114 -27.23 13.92 -5.36
C HIS F 114 -28.65 13.45 -5.64
N VAL F 115 -28.75 12.26 -6.21
CA VAL F 115 -29.99 11.63 -6.61
C VAL F 115 -30.55 10.61 -5.59
N VAL F 116 -29.90 10.38 -4.44
CA VAL F 116 -30.52 9.65 -3.32
C VAL F 116 -31.63 10.53 -2.73
N LYS F 117 -32.84 9.99 -2.66
CA LYS F 117 -34.01 10.74 -2.22
C LYS F 117 -34.43 10.34 -0.81
N VAL F 118 -34.41 11.32 0.09
CA VAL F 118 -34.80 11.12 1.48
C VAL F 118 -36.11 11.86 1.79
N THR F 119 -36.95 11.24 2.61
CA THR F 119 -38.27 11.78 2.90
C THR F 119 -38.34 12.01 4.40
N TYR F 120 -38.80 13.19 4.81
CA TYR F 120 -38.70 13.63 6.21
C TYR F 120 -40.03 14.01 6.82
N GLU F 121 -40.14 13.83 8.14
CA GLU F 121 -41.15 14.48 8.93
C GLU F 121 -40.47 15.40 9.95
N ASP F 122 -40.57 16.71 9.74
CA ASP F 122 -39.96 17.73 10.61
C ASP F 122 -40.46 17.70 12.05
N LEU F 123 -39.50 17.88 12.96
CA LEU F 123 -39.73 18.00 14.38
C LEU F 123 -39.17 19.38 14.78
N PRO F 124 -39.62 19.93 15.93
CA PRO F 124 -39.15 21.22 16.44
C PRO F 124 -37.62 21.31 16.57
N ALA F 125 -37.02 22.36 16.00
CA ALA F 125 -35.59 22.61 16.03
C ALA F 125 -35.19 23.69 17.06
N ILE F 126 -34.01 23.52 17.62
CA ILE F 126 -33.36 24.54 18.40
C ILE F 126 -32.07 24.89 17.64
N ILE F 127 -31.98 26.13 17.15
CA ILE F 127 -30.84 26.59 16.38
C ILE F 127 -29.92 27.56 17.16
N THR F 128 -30.52 28.47 17.93
CA THR F 128 -29.79 29.57 18.57
C THR F 128 -29.48 29.27 20.05
N ILE F 129 -28.47 29.96 20.59
CA ILE F 129 -28.21 29.94 22.02
C ILE F 129 -29.48 30.34 22.84
N GLU F 130 -30.20 31.38 22.40
CA GLU F 130 -31.50 31.80 23.00
C GLU F 130 -32.60 30.74 22.94
N ASP F 131 -32.79 30.09 21.80
CA ASP F 131 -33.67 28.92 21.76
C ASP F 131 -33.29 27.89 22.80
N ALA F 132 -31.99 27.62 22.94
CA ALA F 132 -31.50 26.60 23.88
C ALA F 132 -31.66 27.01 25.33
N ILE F 133 -31.39 28.27 25.69
CA ILE F 133 -31.70 28.75 27.06
C ILE F 133 -33.22 28.67 27.34
N LYS F 134 -34.04 29.18 26.42
CA LYS F 134 -35.51 29.07 26.53
C LYS F 134 -36.01 27.62 26.69
N ASN F 135 -35.39 26.70 25.98
CA ASN F 135 -35.81 25.31 25.99
C ASN F 135 -35.05 24.46 26.98
N ASN F 136 -34.09 25.06 27.68
CA ASN F 136 -33.39 24.37 28.75
C ASN F 136 -32.66 23.18 28.16
N SER F 137 -32.04 23.40 27.01
CA SER F 137 -31.46 22.32 26.25
C SER F 137 -29.94 22.50 26.27
N PHE F 138 -29.32 21.79 27.21
CA PHE F 138 -27.92 21.88 27.47
C PHE F 138 -27.27 20.46 27.50
N TYR F 139 -25.98 20.39 27.17
CA TYR F 139 -25.16 19.20 27.50
C TYR F 139 -24.61 19.38 28.90
N GLY F 140 -24.98 18.49 29.80
CA GLY F 140 -24.48 18.51 31.19
C GLY F 140 -25.04 19.66 32.02
N SER F 141 -24.40 19.92 33.14
CA SER F 141 -24.80 20.98 34.05
C SER F 141 -23.79 22.11 34.07
N GLU F 142 -24.13 23.17 34.76
CA GLU F 142 -23.28 24.38 34.81
C GLU F 142 -21.83 24.15 35.27
N LEU F 143 -20.90 24.75 34.57
CA LEU F 143 -19.49 24.81 34.99
C LEU F 143 -19.26 26.17 35.64
N LYS F 144 -18.40 26.22 36.66
CA LYS F 144 -18.15 27.43 37.44
C LYS F 144 -16.74 27.53 38.03
N ILE F 145 -16.14 28.72 37.96
CA ILE F 145 -15.00 29.08 38.81
C ILE F 145 -15.40 30.32 39.63
N GLU F 146 -15.35 30.23 40.95
CA GLU F 146 -15.70 31.35 41.85
C GLU F 146 -14.56 31.59 42.84
N LYS F 147 -14.30 32.86 43.14
CA LYS F 147 -13.21 33.26 44.03
C LYS F 147 -13.55 34.61 44.66
N GLY F 148 -13.12 34.80 45.89
CA GLY F 148 -13.36 36.04 46.60
C GLY F 148 -14.80 36.11 47.10
N ASP F 149 -15.33 37.33 47.21
CA ASP F 149 -16.70 37.62 47.67
C ASP F 149 -17.40 38.55 46.66
N LEU F 150 -18.38 38.04 45.91
CA LEU F 150 -18.99 38.84 44.82
C LEU F 150 -19.90 39.98 45.32
N LYS F 151 -20.89 39.62 46.12
CA LYS F 151 -21.68 40.59 46.88
C LYS F 151 -20.75 41.10 47.96
N LYS F 152 -20.19 42.28 47.77
CA LYS F 152 -19.14 42.78 48.66
C LYS F 152 -18.07 43.44 47.80
N GLY F 153 -17.79 42.88 46.65
CA GLY F 153 -17.02 43.60 45.64
C GLY F 153 -17.86 44.57 44.84
N PHE F 154 -19.14 44.24 44.66
CA PHE F 154 -20.08 45.14 43.98
C PHE F 154 -20.55 46.27 44.89
N SER F 155 -20.68 45.93 46.17
CA SER F 155 -20.88 46.90 47.26
C SER F 155 -19.78 47.93 47.42
N GLU F 156 -18.58 47.63 46.97
CA GLU F 156 -17.45 48.55 47.10
C GLU F 156 -17.31 49.38 45.82
N ALA F 157 -17.82 48.85 44.70
CA ALA F 157 -17.65 49.45 43.36
C ALA F 157 -18.32 50.82 43.19
N ASP F 158 -17.62 51.76 42.56
CA ASP F 158 -18.21 53.03 42.13
C ASP F 158 -19.22 52.82 41.01
N ASN F 159 -18.83 51.99 40.02
CA ASN F 159 -19.70 51.64 38.88
C ASN F 159 -19.90 50.16 38.65
N VAL F 160 -21.05 49.80 38.09
CA VAL F 160 -21.28 48.47 37.55
C VAL F 160 -21.64 48.61 36.08
N VAL F 161 -20.75 48.27 35.14
CA VAL F 161 -21.15 48.11 33.70
C VAL F 161 -21.62 46.67 33.43
N SER F 162 -22.82 46.57 32.85
CA SER F 162 -23.45 45.32 32.58
C SER F 162 -23.71 45.25 31.07
N GLY F 163 -23.89 44.07 30.53
CA GLY F 163 -24.03 43.97 29.10
C GLY F 163 -24.15 42.55 28.59
N GLU F 164 -24.27 42.43 27.28
CA GLU F 164 -24.28 41.15 26.63
C GLU F 164 -23.45 41.26 25.36
N LEU F 165 -22.76 40.16 25.00
CA LEU F 165 -21.88 40.10 23.86
C LEU F 165 -22.02 38.76 23.12
N TYR F 166 -21.88 38.80 21.81
CA TYR F 166 -21.80 37.58 21.02
C TYR F 166 -20.52 37.55 20.19
N ILE F 167 -19.98 36.35 20.00
CA ILE F 167 -18.87 36.12 19.10
C ILE F 167 -19.26 34.97 18.17
N GLY F 168 -19.20 35.21 16.87
CA GLY F 168 -19.58 34.19 15.92
C GLY F 168 -18.54 33.07 15.91
N GLY F 169 -18.91 31.94 15.30
CA GLY F 169 -18.00 30.80 15.12
C GLY F 169 -16.93 31.03 14.06
N GLN F 170 -16.31 29.96 13.62
CA GLN F 170 -15.23 30.04 12.60
C GLN F 170 -15.13 28.73 11.87
N ASP F 171 -14.86 28.76 10.57
CA ASP F 171 -14.60 27.53 9.83
C ASP F 171 -13.10 27.38 9.69
N HIS F 172 -12.60 26.17 9.96
CA HIS F 172 -11.16 25.93 9.94
C HIS F 172 -10.50 26.35 8.68
N PHE F 173 -11.11 26.07 7.54
CA PHE F 173 -10.55 26.35 6.23
C PHE F 173 -9.09 25.93 5.98
N TYR F 174 -8.71 24.79 6.54
CA TYR F 174 -7.48 24.11 6.15
C TYR F 174 -7.56 23.97 4.63
N LEU F 175 -6.50 24.31 3.93
CA LEU F 175 -6.52 24.17 2.49
C LEU F 175 -6.75 22.71 2.06
N GLU F 176 -6.29 21.74 2.83
CA GLU F 176 -6.63 20.34 2.54
C GLU F 176 -7.80 19.96 3.37
N THR F 177 -8.86 19.52 2.74
CA THR F 177 -10.06 19.10 3.46
C THR F 177 -9.89 17.70 4.07
N HIS F 178 -10.93 17.23 4.73
CA HIS F 178 -10.94 15.87 5.27
C HIS F 178 -10.82 14.78 4.19
N CYS F 179 -10.07 13.75 4.55
CA CYS F 179 -9.58 12.76 3.63
C CYS F 179 -9.10 11.48 4.33
N THR F 180 -9.60 10.32 3.84
CA THR F 180 -9.18 8.98 4.28
C THR F 180 -9.12 8.00 3.07
N ILE F 181 -8.06 7.19 3.06
CA ILE F 181 -7.98 5.94 2.30
C ILE F 181 -8.04 4.80 3.36
N ALA F 182 -8.89 3.83 3.12
CA ALA F 182 -9.09 2.67 3.97
C ALA F 182 -8.71 1.46 3.12
N ILE F 183 -7.78 0.65 3.63
CA ILE F 183 -7.34 -0.58 2.92
C ILE F 183 -7.60 -1.87 3.75
N PRO F 184 -8.60 -2.69 3.33
CA PRO F 184 -8.90 -3.97 3.99
C PRO F 184 -7.95 -5.10 3.54
N LYS F 185 -7.36 -5.80 4.51
CA LYS F 185 -6.36 -6.84 4.25
C LYS F 185 -6.91 -8.25 4.07
N GLY F 186 -8.22 -8.45 4.24
CA GLY F 186 -8.88 -9.75 3.98
C GLY F 186 -8.61 -10.81 5.04
N GLU F 187 -7.77 -10.47 6.01
CA GLU F 187 -7.43 -11.39 7.08
C GLU F 187 -7.77 -10.79 8.43
N GLU F 188 -8.66 -11.42 9.18
CA GLU F 188 -8.79 -11.13 10.61
C GLU F 188 -9.35 -9.74 10.93
N GLY F 189 -10.02 -9.13 9.95
CA GLY F 189 -10.48 -7.77 10.12
C GLY F 189 -9.39 -6.71 10.07
N GLU F 190 -8.14 -7.09 9.84
CA GLU F 190 -7.08 -6.13 9.54
C GLU F 190 -7.44 -5.10 8.45
N MET F 191 -7.22 -3.84 8.78
CA MET F 191 -7.35 -2.71 7.91
C MET F 191 -6.23 -1.69 8.17
N GLU F 192 -5.76 -1.12 7.07
CA GLU F 192 -4.75 -0.12 7.10
C GLU F 192 -5.33 1.17 6.53
N LEU F 193 -5.31 2.21 7.36
CA LEU F 193 -5.89 3.52 6.94
C LEU F 193 -4.82 4.60 6.85
N PHE F 194 -4.87 5.38 5.75
CA PHE F 194 -4.12 6.61 5.54
C PHE F 194 -5.08 7.80 5.66
N VAL F 195 -4.85 8.69 6.63
CA VAL F 195 -5.81 9.73 6.95
C VAL F 195 -5.19 11.08 7.36
N SER F 196 -5.87 12.17 6.97
CA SER F 196 -5.57 13.56 7.36
C SER F 196 -6.23 13.85 8.71
N THR F 197 -5.55 13.47 9.78
CA THR F 197 -6.12 13.62 11.13
C THR F 197 -5.01 13.94 12.10
N GLN F 198 -5.36 14.67 13.17
CA GLN F 198 -4.43 14.98 14.27
C GLN F 198 -4.52 13.94 15.35
N ASN F 199 -5.33 12.92 15.15
CA ASN F 199 -5.77 11.97 16.20
C ASN F 199 -5.91 10.55 15.59
N ALA F 200 -4.76 9.98 15.26
CA ALA F 200 -4.58 8.55 14.84
C ALA F 200 -5.14 7.56 15.86
N MET F 201 -4.93 7.80 17.14
CA MET F 201 -5.51 6.91 18.17
C MET F 201 -7.06 6.80 18.14
N LYS F 202 -7.75 7.93 18.20
CA LYS F 202 -9.21 7.88 18.19
C LYS F 202 -9.71 7.40 16.84
N THR F 203 -8.99 7.67 15.77
CA THR F 203 -9.40 7.12 14.48
C THR F 203 -9.44 5.59 14.53
N GLN F 204 -8.36 4.99 15.00
CA GLN F 204 -8.23 3.53 15.12
C GLN F 204 -9.25 2.93 16.11
N SER F 205 -9.58 3.66 17.18
CA SER F 205 -10.58 3.18 18.11
C SER F 205 -11.98 3.18 17.53
N PHE F 206 -12.32 4.26 16.84
CA PHE F 206 -13.68 4.49 16.38
C PHE F 206 -13.99 3.55 15.21
N VAL F 207 -12.98 3.27 14.39
CA VAL F 207 -13.08 2.28 13.28
C VAL F 207 -13.26 0.87 13.81
N ALA F 208 -12.45 0.49 14.79
CA ALA F 208 -12.54 -0.80 15.42
C ALA F 208 -13.90 -1.01 16.13
N LYS F 209 -14.42 0.05 16.75
CA LYS F 209 -15.73 -0.01 17.39
C LYS F 209 -16.79 -0.15 16.33
N MET F 210 -16.67 0.52 15.18
CA MET F 210 -17.78 0.39 14.21
C MET F 210 -17.81 -1.02 13.54
N LEU F 211 -16.61 -1.57 13.32
CA LEU F 211 -16.41 -2.89 12.75
C LEU F 211 -16.61 -4.03 13.75
N GLY F 212 -16.36 -3.76 15.03
CA GLY F 212 -16.54 -4.73 16.09
C GLY F 212 -15.37 -5.69 16.12
N VAL F 213 -14.18 -5.13 16.24
CA VAL F 213 -12.93 -5.80 15.93
C VAL F 213 -11.92 -5.22 16.90
N PRO F 214 -11.02 -6.07 17.45
CA PRO F 214 -10.03 -5.46 18.32
C PRO F 214 -9.24 -4.36 17.63
N VAL F 215 -8.89 -3.36 18.41
CA VAL F 215 -8.08 -2.22 18.04
C VAL F 215 -6.71 -2.61 17.48
N ASN F 216 -6.16 -3.76 17.90
CA ASN F 216 -4.87 -4.27 17.34
C ASN F 216 -4.93 -4.71 15.88
N ARG F 217 -6.16 -4.86 15.35
CA ARG F 217 -6.40 -5.10 13.91
C ARG F 217 -6.25 -3.87 13.02
N ILE F 218 -6.41 -2.69 13.62
CA ILE F 218 -6.53 -1.43 12.88
C ILE F 218 -5.24 -0.61 12.97
N LEU F 219 -4.69 -0.26 11.82
CA LEU F 219 -3.47 0.51 11.72
C LEU F 219 -3.81 1.81 11.01
N VAL F 220 -3.49 2.95 11.66
CA VAL F 220 -3.68 4.31 11.08
C VAL F 220 -2.32 5.00 10.83
N ARG F 221 -2.20 5.62 9.67
CA ARG F 221 -0.98 6.20 9.24
C ARG F 221 -1.22 7.63 8.72
N VAL F 222 -0.41 8.56 9.23
CA VAL F 222 -0.51 9.97 8.88
C VAL F 222 0.84 10.47 8.51
N LYS F 223 1.11 10.71 7.23
CA LYS F 223 2.36 11.35 6.82
C LYS F 223 2.38 12.82 7.17
N ARG F 224 1.33 13.51 6.76
CA ARG F 224 1.15 14.94 6.93
C ARG F 224 -0.34 15.37 6.66
N MET F 225 -0.74 16.50 7.25
CA MET F 225 -1.95 17.23 6.85
C MET F 225 -1.63 18.53 6.18
N GLY F 226 -2.49 18.91 5.21
CA GLY F 226 -2.53 20.26 4.61
C GLY F 226 -3.41 21.19 5.47
N GLY F 227 -3.10 21.21 6.78
CA GLY F 227 -3.87 21.96 7.76
C GLY F 227 -4.71 21.06 8.62
N GLY F 228 -4.84 21.45 9.88
CA GLY F 228 -5.64 20.77 10.90
C GLY F 228 -6.44 21.83 11.66
N PHE F 229 -5.80 22.48 12.62
CA PHE F 229 -6.30 23.64 13.38
C PHE F 229 -7.33 23.51 14.52
N GLY F 230 -7.62 22.41 15.22
CA GLY F 230 -7.91 21.13 14.67
C GLY F 230 -9.35 20.72 14.98
N GLY F 231 -10.30 20.86 14.08
CA GLY F 231 -10.16 20.67 12.68
C GLY F 231 -10.34 19.16 12.50
N LYS F 232 -9.24 18.48 12.81
CA LYS F 232 -9.05 17.07 12.54
C LYS F 232 -8.60 16.43 13.83
N GLU F 233 -8.94 17.04 14.96
CA GLU F 233 -8.62 16.50 16.27
C GLU F 233 -9.59 15.39 16.60
N THR F 234 -10.88 15.59 16.24
CA THR F 234 -11.90 14.57 16.41
C THR F 234 -12.77 14.33 15.19
N ARG F 235 -13.12 15.38 14.42
CA ARG F 235 -14.21 15.30 13.43
C ARG F 235 -13.80 14.62 12.14
N SER F 236 -12.52 14.32 12.05
CA SER F 236 -11.96 13.55 10.94
C SER F 236 -12.53 12.14 10.81
N THR F 237 -13.04 11.62 11.93
CA THR F 237 -13.58 10.29 11.99
C THR F 237 -14.92 10.16 11.31
N LEU F 238 -15.63 11.27 11.14
CA LEU F 238 -16.89 11.27 10.37
C LEU F 238 -16.67 10.66 9.03
N VAL F 239 -15.55 11.00 8.41
CA VAL F 239 -15.18 10.45 7.11
C VAL F 239 -14.43 9.10 7.27
N SER F 240 -13.56 8.97 8.26
CA SER F 240 -12.72 7.79 8.38
C SER F 240 -13.54 6.52 8.61
N VAL F 241 -14.52 6.62 9.49
CA VAL F 241 -15.39 5.50 9.85
C VAL F 241 -16.33 5.15 8.71
N ALA F 242 -16.72 6.16 7.93
CA ALA F 242 -17.55 5.91 6.73
C ALA F 242 -16.76 5.15 5.65
N VAL F 243 -15.54 5.61 5.38
CA VAL F 243 -14.65 4.97 4.42
C VAL F 243 -14.26 3.54 4.89
N ALA F 244 -13.97 3.36 6.19
CA ALA F 244 -13.74 2.00 6.77
C ALA F 244 -14.85 1.03 6.44
N LEU F 245 -16.08 1.43 6.67
CA LEU F 245 -17.25 0.58 6.41
C LEU F 245 -17.36 0.17 4.95
N ALA F 246 -17.15 1.12 4.05
CA ALA F 246 -17.18 0.80 2.62
C ALA F 246 -16.11 -0.22 2.23
N ALA F 247 -14.93 -0.09 2.82
CA ALA F 247 -13.82 -1.04 2.64
C ALA F 247 -14.20 -2.47 3.12
N TYR F 248 -14.57 -2.57 4.38
CA TYR F 248 -15.18 -3.77 4.94
C TYR F 248 -16.19 -4.41 3.97
N LYS F 249 -17.15 -3.64 3.53
CA LYS F 249 -18.33 -4.20 2.92
C LYS F 249 -17.99 -4.73 1.55
N THR F 250 -17.15 -3.97 0.84
CA THR F 250 -16.86 -4.29 -0.55
C THR F 250 -15.60 -5.16 -0.68
N GLY F 251 -14.75 -5.16 0.33
CA GLY F 251 -13.46 -5.82 0.25
C GLY F 251 -12.45 -5.11 -0.63
N HIS F 252 -12.76 -3.89 -1.09
CA HIS F 252 -11.80 -3.11 -1.87
C HIS F 252 -11.33 -1.91 -1.06
N PRO F 253 -10.16 -1.37 -1.45
CA PRO F 253 -9.72 -0.07 -1.00
C PRO F 253 -10.79 0.97 -1.36
N VAL F 254 -11.08 1.84 -0.42
CA VAL F 254 -12.01 2.94 -0.65
C VAL F 254 -11.32 4.23 -0.14
N ARG F 255 -11.49 5.33 -0.87
CA ARG F 255 -11.16 6.63 -0.34
C ARG F 255 -12.28 7.62 -0.46
N CYS F 256 -12.17 8.68 0.33
CA CYS F 256 -13.00 9.85 0.23
C CYS F 256 -12.16 11.08 0.55
N MET F 257 -12.27 12.12 -0.28
CA MET F 257 -11.89 13.49 0.06
C MET F 257 -13.10 14.42 -0.09
N LEU F 258 -13.50 15.10 0.98
CA LEU F 258 -14.61 16.07 0.89
C LEU F 258 -14.30 17.24 -0.10
N ASP F 259 -15.30 17.74 -0.79
CA ASP F 259 -15.23 19.05 -1.45
C ASP F 259 -15.38 20.12 -0.36
N ARG F 260 -15.07 21.38 -0.64
CA ARG F 260 -15.19 22.43 0.42
C ARG F 260 -16.57 22.51 1.10
N ASN F 261 -17.60 22.42 0.28
CA ASN F 261 -18.96 22.67 0.71
C ASN F 261 -19.49 21.58 1.61
N GLU F 262 -19.04 20.34 1.39
CA GLU F 262 -19.40 19.24 2.28
C GLU F 262 -18.75 19.43 3.64
N ASP F 263 -17.47 19.79 3.58
CA ASP F 263 -16.61 20.03 4.74
C ASP F 263 -17.07 21.16 5.65
N MET F 264 -17.53 22.26 5.06
CA MET F 264 -18.05 23.40 5.86
C MET F 264 -19.36 23.07 6.59
N LEU F 265 -20.22 22.29 5.92
CA LEU F 265 -21.51 21.94 6.47
C LEU F 265 -21.35 20.86 7.50
N ILE F 266 -20.56 19.85 7.16
CA ILE F 266 -20.54 18.60 7.90
C ILE F 266 -19.65 18.64 9.16
N THR F 267 -18.47 19.24 9.05
CA THR F 267 -17.42 18.82 9.96
C THR F 267 -17.30 19.62 11.26
N GLY F 268 -18.08 20.70 11.41
CA GLY F 268 -18.06 21.48 12.63
C GLY F 268 -17.05 22.60 12.58
N GLY F 269 -17.20 23.61 13.43
CA GLY F 269 -16.24 24.72 13.46
C GLY F 269 -15.90 25.19 14.85
N ARG F 270 -15.41 26.40 14.93
CA ARG F 270 -15.27 27.06 16.22
C ARG F 270 -16.63 27.31 16.91
N HIS F 271 -16.64 27.23 18.24
CA HIS F 271 -17.84 27.55 19.04
C HIS F 271 -18.26 29.01 19.07
N PRO F 272 -19.51 29.27 18.63
CA PRO F 272 -20.11 30.55 19.02
C PRO F 272 -20.37 30.63 20.49
N PHE F 273 -20.08 31.80 21.05
CA PHE F 273 -20.26 32.14 22.46
C PHE F 273 -21.17 33.37 22.63
N LEU F 274 -22.12 33.29 23.57
CA LEU F 274 -22.83 34.42 24.14
C LEU F 274 -22.32 34.64 25.55
N ALA F 275 -22.01 35.88 25.92
CA ALA F 275 -21.76 36.21 27.33
C ALA F 275 -22.67 37.31 27.87
N ARG F 276 -23.11 37.12 29.12
CA ARG F 276 -23.80 38.13 29.90
C ARG F 276 -22.93 38.48 31.08
N TYR F 277 -22.42 39.72 31.09
CA TYR F 277 -21.43 40.20 32.05
C TYR F 277 -21.89 41.37 32.93
N LYS F 278 -21.26 41.49 34.09
CA LYS F 278 -21.44 42.59 35.04
C LYS F 278 -20.05 42.85 35.61
N VAL F 279 -19.40 43.97 35.24
CA VAL F 279 -18.15 44.38 35.91
C VAL F 279 -18.38 45.52 36.90
N GLY F 280 -17.87 45.35 38.12
CA GLY F 280 -17.74 46.42 39.10
C GLY F 280 -16.32 46.95 39.14
N PHE F 281 -16.21 48.29 39.12
CA PHE F 281 -14.90 48.96 39.12
C PHE F 281 -14.92 50.28 39.92
N MET F 282 -13.77 50.96 39.94
CA MET F 282 -13.66 52.27 40.61
C MET F 282 -13.47 53.37 39.57
N LYS F 283 -13.47 54.62 40.02
CA LYS F 283 -13.41 55.75 39.11
C LYS F 283 -12.01 55.82 38.52
N THR F 284 -11.04 55.25 39.23
CA THR F 284 -9.69 54.98 38.70
C THR F 284 -9.63 53.94 37.58
N GLY F 285 -10.64 53.08 37.51
CA GLY F 285 -10.72 52.03 36.50
C GLY F 285 -10.36 50.66 37.02
N THR F 286 -10.02 50.55 38.30
CA THR F 286 -9.59 49.30 38.92
C THR F 286 -10.76 48.32 39.17
N ILE F 287 -10.67 47.10 38.64
CA ILE F 287 -11.74 46.11 38.77
C ILE F 287 -11.79 45.55 40.21
N VAL F 288 -13.00 45.50 40.76
CA VAL F 288 -13.28 45.04 42.11
C VAL F 288 -14.15 43.76 42.08
N ALA F 289 -14.98 43.62 41.04
CA ALA F 289 -15.97 42.54 40.94
C ALA F 289 -16.28 42.22 39.47
N LEU F 290 -16.44 40.93 39.16
CA LEU F 290 -16.72 40.49 37.79
C LEU F 290 -17.52 39.22 37.80
N GLU F 291 -18.64 39.25 37.09
CA GLU F 291 -19.49 38.12 36.91
C GLU F 291 -19.75 37.90 35.43
N VAL F 292 -19.43 36.75 34.88
CA VAL F 292 -19.75 36.43 33.49
C VAL F 292 -20.39 35.04 33.34
N ASP F 293 -21.57 35.01 32.74
CA ASP F 293 -22.21 33.76 32.33
C ASP F 293 -21.99 33.57 30.82
N HIS F 294 -21.28 32.48 30.49
CA HIS F 294 -20.88 32.15 29.12
C HIS F 294 -21.80 31.05 28.62
N TYR F 295 -22.11 31.09 27.33
CA TYR F 295 -22.94 30.07 26.70
C TYR F 295 -22.32 29.70 25.37
N SER F 296 -22.08 28.41 25.12
CA SER F 296 -21.53 27.98 23.83
C SER F 296 -22.58 27.32 23.00
N ASN F 297 -22.53 27.57 21.69
CA ASN F 297 -23.32 26.80 20.73
C ASN F 297 -22.54 25.52 20.32
N ALA F 298 -22.82 24.46 21.08
CA ALA F 298 -22.21 23.13 20.96
C ALA F 298 -22.68 22.25 19.75
N GLY F 299 -23.88 22.47 19.21
CA GLY F 299 -24.30 21.64 18.07
C GLY F 299 -24.84 20.32 18.57
N ASN F 300 -24.94 19.34 17.69
CA ASN F 300 -25.70 18.13 18.00
C ASN F 300 -25.00 16.98 18.70
N SER F 301 -23.79 17.21 19.20
CA SER F 301 -23.15 16.29 20.11
C SER F 301 -22.23 17.08 21.01
N ARG F 302 -21.89 16.50 22.13
CA ARG F 302 -20.86 17.04 23.00
C ARG F 302 -19.52 17.27 22.32
N ASP F 303 -18.94 16.22 21.76
CA ASP F 303 -17.55 16.28 21.25
C ASP F 303 -16.63 16.88 22.31
N LEU F 304 -15.90 17.92 21.95
CA LEU F 304 -14.88 18.56 22.84
C LEU F 304 -15.44 19.77 23.63
N SER F 305 -16.75 20.00 23.50
CA SER F 305 -17.40 21.22 23.97
C SER F 305 -17.11 21.54 25.42
N HIS F 306 -17.06 20.52 26.27
CA HIS F 306 -16.92 20.73 27.72
C HIS F 306 -15.54 21.25 28.09
N SER F 307 -14.47 20.67 27.54
CA SER F 307 -13.08 21.13 27.71
C SER F 307 -12.83 22.56 27.21
N ILE F 308 -13.41 22.84 26.03
CA ILE F 308 -13.42 24.16 25.40
C ILE F 308 -13.95 25.26 26.38
N MET F 309 -14.97 24.92 27.14
CA MET F 309 -15.56 25.80 28.17
C MET F 309 -14.76 25.85 29.48
N GLU F 310 -14.12 24.74 29.86
CA GLU F 310 -13.16 24.77 30.97
C GLU F 310 -12.10 25.80 30.65
N ARG F 311 -11.54 25.68 29.45
CA ARG F 311 -10.53 26.62 28.97
C ARG F 311 -11.00 28.08 28.89
N ALA F 312 -12.22 28.29 28.41
CA ALA F 312 -12.86 29.60 28.45
C ALA F 312 -12.78 30.15 29.85
N LEU F 313 -13.26 29.36 30.83
CA LEU F 313 -13.28 29.79 32.21
C LEU F 313 -11.88 30.05 32.78
N PHE F 314 -10.89 29.24 32.42
CA PHE F 314 -9.54 29.47 32.91
C PHE F 314 -8.95 30.76 32.31
N HIS F 315 -9.60 31.36 31.33
CA HIS F 315 -9.06 32.55 30.60
C HIS F 315 -9.91 33.85 30.60
N MET F 316 -10.95 33.84 31.43
CA MET F 316 -11.83 34.97 31.58
C MET F 316 -11.19 36.20 32.26
N ASP F 317 -10.07 35.98 32.98
CA ASP F 317 -9.19 37.03 33.55
C ASP F 317 -8.29 37.81 32.57
N ASN F 318 -8.07 37.28 31.38
CA ASN F 318 -6.87 37.60 30.60
C ASN F 318 -5.62 37.86 31.48
N CYS F 319 -5.03 39.05 31.37
CA CYS F 319 -3.90 39.46 32.21
C CYS F 319 -4.28 40.35 33.44
N TYR F 320 -5.47 40.20 34.01
CA TYR F 320 -5.98 41.13 35.02
C TYR F 320 -6.36 40.54 36.38
N LYS F 321 -5.90 41.18 37.46
CA LYS F 321 -6.16 40.73 38.86
C LYS F 321 -7.56 41.23 39.24
N ILE F 322 -8.46 40.30 39.57
CA ILE F 322 -9.86 40.60 39.85
C ILE F 322 -10.21 39.88 41.16
N PRO F 323 -10.17 40.60 42.30
CA PRO F 323 -10.26 39.89 43.58
C PRO F 323 -11.52 39.04 43.76
N ASN F 324 -12.64 39.52 43.23
CA ASN F 324 -13.94 38.88 43.38
C ASN F 324 -14.44 38.61 41.99
N ILE F 325 -14.68 37.34 41.71
CA ILE F 325 -14.95 36.85 40.36
C ILE F 325 -15.81 35.61 40.41
N ARG F 326 -16.79 35.57 39.52
CA ARG F 326 -17.59 34.39 39.31
C ARG F 326 -17.78 34.25 37.81
N GLY F 327 -17.35 33.13 37.25
CA GLY F 327 -17.57 32.78 35.85
C GLY F 327 -18.31 31.45 35.76
N THR F 328 -19.35 31.42 34.93
CA THR F 328 -20.09 30.20 34.66
C THR F 328 -20.07 29.92 33.15
N GLY F 329 -20.28 28.65 32.81
CA GLY F 329 -20.38 28.20 31.42
C GLY F 329 -21.47 27.17 31.20
N ARG F 330 -22.17 27.30 30.08
CA ARG F 330 -23.23 26.38 29.75
C ARG F 330 -23.03 25.99 28.30
N LEU F 331 -23.27 24.70 28.01
CA LEU F 331 -23.08 24.11 26.69
C LEU F 331 -24.44 23.94 26.11
N CYS F 332 -24.73 24.59 25.00
CA CYS F 332 -26.08 24.54 24.40
C CYS F 332 -26.24 23.43 23.31
N LYS F 333 -27.18 22.55 23.60
CA LYS F 333 -27.57 21.45 22.75
C LYS F 333 -28.48 21.98 21.63
N THR F 334 -27.96 21.93 20.42
CA THR F 334 -28.64 22.54 19.31
C THR F 334 -28.63 21.65 18.07
N ASN F 335 -29.54 21.97 17.15
CA ASN F 335 -29.72 21.23 15.91
C ASN F 335 -28.87 21.80 14.78
N LEU F 336 -27.57 21.79 15.07
CA LEU F 336 -26.53 22.30 14.21
C LEU F 336 -25.38 21.32 14.24
N SER F 337 -24.55 21.36 13.20
CA SER F 337 -23.34 20.53 13.18
C SER F 337 -22.56 20.68 14.45
N SER F 338 -22.06 19.56 14.96
CA SER F 338 -21.38 19.55 16.24
C SER F 338 -20.11 20.33 16.11
N ASN F 339 -19.97 21.36 16.94
CA ASN F 339 -18.73 22.12 17.00
C ASN F 339 -17.66 21.48 17.87
N THR F 340 -16.44 21.91 17.58
CA THR F 340 -15.23 21.19 17.94
C THR F 340 -14.04 22.14 18.25
N ALA F 341 -12.85 21.55 18.42
CA ALA F 341 -11.59 22.30 18.52
C ALA F 341 -11.28 23.21 17.35
N PHE F 342 -10.91 24.44 17.68
CA PHE F 342 -10.32 25.39 16.74
C PHE F 342 -9.26 26.10 17.59
N ARG F 343 -8.01 25.97 17.20
CA ARG F 343 -6.91 26.84 17.61
C ARG F 343 -7.28 27.98 18.58
N GLY F 344 -7.08 27.72 19.87
CA GLY F 344 -7.42 28.65 20.94
C GLY F 344 -8.31 27.94 21.95
N PHE F 345 -9.31 27.23 21.43
CA PHE F 345 -10.05 26.19 22.18
C PHE F 345 -10.89 26.78 23.31
N GLY F 346 -11.74 27.76 22.98
CA GLY F 346 -12.51 28.51 24.01
C GLY F 346 -11.83 29.75 24.58
N GLY F 347 -10.51 29.81 24.45
CA GLY F 347 -9.70 30.83 25.03
C GLY F 347 -9.89 32.18 24.40
N PRO F 348 -9.85 32.25 23.03
CA PRO F 348 -10.12 33.50 22.30
C PRO F 348 -11.50 34.08 22.55
N GLN F 349 -12.51 33.24 22.67
CA GLN F 349 -13.84 33.70 23.03
C GLN F 349 -13.89 34.39 24.42
N ALA F 350 -13.44 33.65 25.44
CA ALA F 350 -13.34 34.12 26.84
C ALA F 350 -12.49 35.38 26.98
N LEU F 351 -11.36 35.41 26.27
CA LEU F 351 -10.42 36.52 26.36
C LEU F 351 -11.00 37.80 25.73
N PHE F 352 -11.57 37.67 24.53
CA PHE F 352 -12.38 38.70 23.87
C PHE F 352 -13.52 39.31 24.74
N ILE F 353 -14.34 38.45 25.31
CA ILE F 353 -15.29 38.85 26.35
C ILE F 353 -14.56 39.76 27.33
N ALA F 354 -13.42 39.31 27.85
CA ALA F 354 -12.67 40.05 28.90
C ALA F 354 -12.21 41.43 28.42
N GLU F 355 -11.71 41.49 27.20
CA GLU F 355 -11.22 42.75 26.64
C GLU F 355 -12.36 43.67 26.20
N ASN F 356 -13.54 43.11 26.03
CA ASN F 356 -14.67 43.92 25.68
C ASN F 356 -15.14 44.80 26.85
N TRP F 357 -15.43 44.16 28.00
CA TRP F 357 -15.76 44.90 29.22
C TRP F 357 -14.61 45.73 29.73
N MET F 358 -13.38 45.40 29.36
CA MET F 358 -12.22 46.21 29.73
C MET F 358 -12.28 47.54 28.95
N SER F 359 -12.45 47.45 27.64
CA SER F 359 -12.64 48.63 26.78
C SER F 359 -13.79 49.55 27.29
N GLU F 360 -14.82 48.94 27.89
CA GLU F 360 -15.98 49.63 28.40
C GLU F 360 -15.73 50.33 29.74
N VAL F 361 -14.87 49.72 30.58
CA VAL F 361 -14.46 50.30 31.86
C VAL F 361 -13.62 51.58 31.61
N ALA F 362 -12.75 51.54 30.62
CA ALA F 362 -11.94 52.68 30.23
C ALA F 362 -12.80 53.82 29.72
N VAL F 363 -13.73 53.53 28.82
CA VAL F 363 -14.64 54.55 28.28
C VAL F 363 -15.51 55.17 29.39
N THR F 364 -16.36 54.36 30.03
CA THR F 364 -17.09 54.80 31.25
C THR F 364 -16.27 55.70 32.19
N CYS F 365 -14.96 55.42 32.37
CA CYS F 365 -14.08 56.19 33.29
C CYS F 365 -13.43 57.42 32.67
N GLY F 366 -13.48 57.56 31.34
CA GLY F 366 -12.80 58.65 30.66
C GLY F 366 -11.30 58.60 30.84
N LEU F 367 -10.74 57.39 30.98
CA LEU F 367 -9.28 57.18 31.07
C LEU F 367 -8.73 56.52 29.81
N PRO F 368 -7.46 56.80 29.46
CA PRO F 368 -6.70 56.06 28.44
C PRO F 368 -6.75 54.52 28.63
N ALA F 369 -7.06 53.77 27.57
CA ALA F 369 -7.22 52.30 27.65
C ALA F 369 -5.96 51.54 28.14
N GLU F 370 -4.76 51.92 27.67
CA GLU F 370 -3.46 51.33 28.14
C GLU F 370 -3.29 51.51 29.61
N GLU F 371 -3.65 52.71 30.06
CA GLU F 371 -3.62 53.07 31.45
C GLU F 371 -4.50 52.10 32.29
N VAL F 372 -5.75 51.91 31.90
CA VAL F 372 -6.67 51.08 32.68
C VAL F 372 -6.24 49.62 32.66
N ARG F 373 -5.74 49.16 31.50
CA ARG F 373 -5.23 47.79 31.40
C ARG F 373 -3.98 47.59 32.26
N TRP F 374 -2.99 48.46 32.13
CA TRP F 374 -1.79 48.36 32.94
C TRP F 374 -2.04 48.40 34.45
N LYS F 375 -2.88 49.33 34.88
CA LYS F 375 -3.31 49.46 36.26
C LYS F 375 -3.91 48.15 36.83
N ASN F 376 -4.53 47.39 35.93
CA ASN F 376 -5.20 46.15 36.29
C ASN F 376 -4.35 44.87 36.13
N MET F 377 -3.19 44.97 35.47
CA MET F 377 -2.30 43.78 35.28
C MET F 377 -1.82 43.05 36.55
N TYR F 378 -1.93 41.71 36.51
CA TYR F 378 -1.31 40.81 37.49
C TYR F 378 0.16 41.22 37.73
N LYS F 379 0.66 40.96 38.94
CA LYS F 379 2.11 40.96 39.25
C LYS F 379 2.68 39.53 39.21
N GLU F 380 3.92 39.41 38.78
CA GLU F 380 4.73 38.24 39.06
C GLU F 380 4.38 37.73 40.48
N GLY F 381 3.93 36.49 40.61
CA GLY F 381 3.59 35.92 41.92
C GLY F 381 2.12 35.88 42.24
N ASP F 382 1.32 36.62 41.47
CA ASP F 382 -0.13 36.68 41.70
C ASP F 382 -0.76 35.32 41.41
N LEU F 383 -1.74 34.95 42.20
CA LEU F 383 -2.56 33.81 41.84
C LEU F 383 -3.71 34.32 40.96
N THR F 384 -3.99 33.50 39.96
CA THR F 384 -5.09 33.66 39.05
C THR F 384 -6.36 33.40 39.84
N HIS F 385 -7.47 33.52 39.13
CA HIS F 385 -8.78 33.29 39.68
C HIS F 385 -9.03 31.80 40.00
N PHE F 386 -8.25 30.91 39.39
CA PHE F 386 -8.30 29.50 39.66
C PHE F 386 -7.13 29.06 40.57
N ASN F 387 -6.44 30.05 41.13
CA ASN F 387 -5.52 29.87 42.25
C ASN F 387 -4.22 29.22 41.89
N GLN F 388 -3.82 29.41 40.65
CA GLN F 388 -2.50 28.99 40.19
C GLN F 388 -1.65 30.21 40.02
N ARG F 389 -0.43 30.10 40.51
CA ARG F 389 0.48 31.21 40.67
C ARG F 389 1.22 31.51 39.36
N LEU F 390 1.38 32.80 39.07
CA LEU F 390 2.05 33.23 37.84
C LEU F 390 3.52 33.47 38.14
N GLU F 391 4.38 32.66 37.51
CA GLU F 391 5.84 32.75 37.65
C GLU F 391 6.50 32.96 36.31
N GLY F 392 7.41 33.91 36.22
CA GLY F 392 7.96 34.34 34.92
C GLY F 392 6.86 35.05 34.13
N PHE F 393 6.03 35.81 34.85
CA PHE F 393 4.95 36.56 34.23
C PHE F 393 5.60 37.65 33.39
N SER F 394 5.76 37.39 32.10
CA SER F 394 6.55 38.25 31.24
C SER F 394 5.77 39.38 30.55
N VAL F 395 4.49 39.51 30.81
CA VAL F 395 3.68 40.51 30.09
C VAL F 395 4.13 42.00 30.22
N PRO F 396 4.51 42.46 31.43
CA PRO F 396 5.14 43.80 31.62
C PRO F 396 6.31 44.18 30.68
N ARG F 397 7.21 43.21 30.40
CA ARG F 397 8.27 43.40 29.40
C ARG F 397 7.75 43.40 27.98
N CYS F 398 6.75 42.56 27.70
CA CYS F 398 6.13 42.52 26.38
C CYS F 398 5.38 43.82 26.14
N TRP F 399 4.60 44.19 27.16
CA TRP F 399 3.92 45.50 27.19
C TRP F 399 4.92 46.67 27.03
N ASP F 400 5.85 46.85 27.97
CA ASP F 400 6.83 47.97 27.85
C ASP F 400 7.55 47.96 26.51
N GLU F 401 8.03 46.80 26.10
CA GLU F 401 8.80 46.67 24.87
C GLU F 401 7.95 46.90 23.60
N CYS F 402 6.71 46.39 23.59
CA CYS F 402 5.78 46.68 22.47
C CYS F 402 5.40 48.18 22.38
N LEU F 403 5.12 48.83 23.51
CA LEU F 403 4.85 50.30 23.49
C LEU F 403 6.02 51.05 22.86
N LYS F 404 7.24 50.71 23.27
CA LYS F 404 8.48 51.33 22.76
C LYS F 404 8.72 51.13 21.26
N SER F 405 8.86 49.87 20.85
CA SER F 405 9.19 49.49 19.48
C SER F 405 8.10 49.86 18.47
N SER F 406 6.86 49.92 18.94
CA SER F 406 5.73 50.32 18.10
C SER F 406 5.47 51.81 18.11
N GLN F 407 6.06 52.53 19.08
CA GLN F 407 5.91 54.01 19.17
C GLN F 407 4.45 54.37 19.44
N TYR F 408 3.84 53.67 20.39
CA TYR F 408 2.40 53.79 20.63
C TYR F 408 1.98 55.26 20.79
N TYR F 409 2.66 55.98 21.68
CA TYR F 409 2.30 57.36 22.06
C TYR F 409 2.50 58.40 20.92
N ALA F 410 3.65 58.41 20.26
CA ALA F 410 3.78 59.18 19.02
C ALA F 410 2.61 58.92 18.07
N ARG F 411 2.26 57.64 17.89
CA ARG F 411 1.30 57.24 16.85
C ARG F 411 -0.15 57.48 17.28
N LYS F 412 -0.40 57.46 18.60
CA LYS F 412 -1.70 57.82 19.19
C LYS F 412 -2.03 59.29 18.97
N SER F 413 -0.99 60.13 18.96
CA SER F 413 -1.15 61.55 18.68
C SER F 413 -1.48 61.80 17.22
N GLU F 414 -0.84 61.07 16.31
CA GLU F 414 -1.14 61.24 14.88
C GLU F 414 -2.56 60.76 14.55
N VAL F 415 -3.09 59.86 15.39
CA VAL F 415 -4.42 59.27 15.23
C VAL F 415 -5.48 60.26 15.70
N ASP F 416 -5.31 60.81 16.90
CA ASP F 416 -6.26 61.79 17.46
C ASP F 416 -6.40 62.99 16.50
N LYS F 417 -5.30 63.32 15.81
CA LYS F 417 -5.21 64.36 14.78
C LYS F 417 -5.90 64.02 13.46
N PHE F 418 -5.62 62.82 12.91
CA PHE F 418 -6.24 62.36 11.66
C PHE F 418 -7.75 62.46 11.77
N ASN F 419 -8.25 62.09 12.93
CA ASN F 419 -9.66 62.18 13.24
C ASN F 419 -10.19 63.62 13.27
N LYS F 420 -9.36 64.58 13.66
CA LYS F 420 -9.71 66.02 13.59
C LYS F 420 -9.74 66.56 12.14
N GLU F 421 -8.77 66.15 11.33
CA GLU F 421 -8.65 66.61 9.94
C GLU F 421 -9.50 65.82 8.92
N ASN F 422 -10.15 64.74 9.34
CA ASN F 422 -10.88 63.84 8.45
C ASN F 422 -12.28 63.50 8.96
N CYS F 423 -13.24 63.63 8.06
CA CYS F 423 -14.65 63.63 8.42
C CYS F 423 -15.36 62.28 8.14
N TRP F 424 -14.95 61.60 7.08
CA TRP F 424 -15.59 60.35 6.61
C TRP F 424 -14.62 59.17 6.52
N LYS F 425 -13.46 59.33 7.14
CA LYS F 425 -12.52 58.27 7.43
C LYS F 425 -12.03 58.53 8.85
N LYS F 426 -11.80 57.45 9.60
CA LYS F 426 -11.33 57.53 10.96
C LYS F 426 -10.28 56.46 11.24
N ARG F 427 -9.47 56.68 12.27
CA ARG F 427 -8.46 55.74 12.71
C ARG F 427 -8.58 55.29 14.15
N GLY F 428 -7.82 54.24 14.45
CA GLY F 428 -7.88 53.58 15.72
C GLY F 428 -6.57 52.88 15.95
N LEU F 429 -6.07 53.00 17.17
CA LEU F 429 -4.85 52.36 17.58
C LEU F 429 -5.22 51.70 18.89
N CYS F 430 -4.76 50.48 19.11
CA CYS F 430 -5.06 49.80 20.36
C CYS F 430 -4.04 48.69 20.63
N ILE F 431 -3.72 48.51 21.92
CA ILE F 431 -2.67 47.62 22.39
C ILE F 431 -3.29 46.71 23.45
N ILE F 432 -3.25 45.40 23.18
CA ILE F 432 -3.92 44.37 23.97
C ILE F 432 -2.89 43.32 24.47
N PRO F 433 -2.98 42.86 25.74
CA PRO F 433 -2.15 41.77 26.16
C PRO F 433 -2.85 40.41 26.07
N THR F 434 -2.07 39.33 26.21
CA THR F 434 -2.63 37.98 26.31
C THR F 434 -1.80 37.05 27.19
N LYS F 435 -2.48 36.15 27.91
CA LYS F 435 -1.81 35.00 28.50
C LYS F 435 -2.59 33.73 28.19
N PHE F 436 -1.83 32.70 27.82
CA PHE F 436 -2.41 31.45 27.44
C PHE F 436 -1.82 30.29 28.26
N GLY F 437 -2.68 29.54 28.95
CA GLY F 437 -2.31 28.34 29.67
C GLY F 437 -1.92 27.17 28.76
N ILE F 438 -0.71 26.63 28.99
CA ILE F 438 -0.14 25.49 28.24
C ILE F 438 -0.28 24.16 29.00
N SER F 439 -1.22 23.34 28.53
CA SER F 439 -1.44 21.94 28.93
C SER F 439 -2.87 21.59 28.55
N PHE F 440 -3.14 20.35 28.17
CA PHE F 440 -4.51 19.87 28.07
C PHE F 440 -5.20 20.07 29.42
N THR F 441 -6.46 20.51 29.40
CA THR F 441 -7.25 20.69 30.62
C THR F 441 -7.72 19.37 31.22
N VAL F 442 -7.54 18.30 30.44
CA VAL F 442 -7.72 16.92 30.87
C VAL F 442 -6.27 16.39 31.10
N PRO F 443 -5.83 16.22 32.37
CA PRO F 443 -4.44 15.81 32.73
C PRO F 443 -3.84 14.59 31.98
N PHE F 444 -4.59 13.49 31.95
CA PHE F 444 -4.21 12.26 31.28
C PHE F 444 -3.80 12.36 29.81
N LEU F 445 -4.13 13.46 29.13
CA LEU F 445 -3.75 13.65 27.74
C LEU F 445 -2.32 14.19 27.60
N ASN F 446 -1.70 14.62 28.71
CA ASN F 446 -0.36 15.23 28.70
C ASN F 446 0.66 14.09 28.89
N GLN F 447 0.72 13.23 27.86
CA GLN F 447 1.62 12.10 27.75
C GLN F 447 2.11 12.01 26.30
N ALA F 448 3.33 11.56 26.12
CA ALA F 448 3.93 11.46 24.80
C ALA F 448 4.88 10.26 24.75
N GLY F 449 4.90 9.58 23.61
CA GLY F 449 5.81 8.51 23.37
C GLY F 449 6.59 8.78 22.10
N ALA F 450 7.81 8.24 22.08
CA ALA F 450 8.70 8.20 20.91
C ALA F 450 9.21 6.75 20.72
N LEU F 451 9.76 6.48 19.53
CA LEU F 451 10.44 5.22 19.16
C LEU F 451 11.60 5.58 18.26
N ILE F 452 12.81 5.19 18.65
CA ILE F 452 14.01 5.52 17.88
C ILE F 452 14.78 4.24 17.56
N HIS F 453 15.21 4.15 16.31
CA HIS F 453 15.98 3.05 15.80
C HIS F 453 17.19 3.71 15.21
N VAL F 454 18.37 3.21 15.54
CA VAL F 454 19.62 3.53 14.82
C VAL F 454 19.95 2.30 13.96
N TYR F 455 20.11 2.50 12.66
CA TYR F 455 20.41 1.41 11.73
C TYR F 455 21.91 1.24 11.63
N THR F 456 22.38 0.13 11.05
CA THR F 456 23.81 -0.22 11.14
C THR F 456 24.70 0.65 10.27
N ASP F 457 24.11 1.43 9.35
CA ASP F 457 24.87 2.47 8.61
C ASP F 457 24.97 3.78 9.40
N GLY F 458 24.40 3.79 10.62
CA GLY F 458 24.39 4.95 11.49
C GLY F 458 23.19 5.86 11.36
N SER F 459 22.31 5.60 10.40
CA SER F 459 21.20 6.51 10.10
C SER F 459 20.08 6.22 11.10
N VAL F 460 19.42 7.29 11.53
CA VAL F 460 18.43 7.24 12.59
C VAL F 460 17.00 7.42 12.03
N LEU F 461 16.09 6.57 12.50
CA LEU F 461 14.67 6.75 12.22
C LEU F 461 14.00 7.12 13.52
N VAL F 462 13.42 8.33 13.56
CA VAL F 462 12.55 8.76 14.66
C VAL F 462 11.05 8.70 14.33
N SER F 463 10.32 8.22 15.32
CA SER F 463 8.88 8.10 15.29
C SER F 463 8.33 8.59 16.66
N HIS F 464 7.32 9.46 16.65
CA HIS F 464 6.68 9.96 17.87
C HIS F 464 5.19 10.06 17.60
N GLY F 465 4.43 10.23 18.68
CA GLY F 465 2.98 10.28 18.64
C GLY F 465 2.36 11.41 17.82
N GLY F 466 3.16 12.42 17.53
CA GLY F 466 2.71 13.71 17.03
C GLY F 466 2.68 13.78 15.52
N THR F 467 1.74 14.52 14.96
CA THR F 467 1.53 14.57 13.52
C THR F 467 2.01 15.92 12.99
N GLU F 468 2.49 15.96 11.76
CA GLU F 468 2.86 17.21 11.07
C GLU F 468 1.61 17.76 10.36
N MET F 469 1.26 19.03 10.64
CA MET F 469 0.20 19.77 9.90
C MET F 469 0.67 21.13 9.39
N GLY F 470 2.00 21.28 9.30
CA GLY F 470 2.66 22.50 8.80
C GLY F 470 3.28 23.37 9.90
N GLN F 471 3.04 23.00 11.16
CA GLN F 471 3.65 23.66 12.30
C GLN F 471 5.14 23.35 12.52
N GLY F 472 5.66 22.35 11.82
CA GLY F 472 7.09 22.05 11.86
C GLY F 472 7.48 21.30 13.11
N LEU F 473 6.58 20.44 13.58
CA LEU F 473 6.85 19.58 14.70
C LEU F 473 8.06 18.68 14.37
N HIS F 474 7.97 17.95 13.26
CA HIS F 474 9.07 17.06 12.81
C HIS F 474 10.43 17.75 12.60
N THR F 475 10.41 18.98 12.11
CA THR F 475 11.63 19.78 12.02
C THR F 475 12.13 20.04 13.44
N LYS F 476 11.24 20.41 14.35
CA LYS F 476 11.67 20.60 15.75
C LYS F 476 12.22 19.37 16.45
N MET F 477 11.60 18.22 16.20
CA MET F 477 12.03 16.94 16.78
C MET F 477 13.36 16.42 16.22
N VAL F 478 13.60 16.61 14.93
CA VAL F 478 14.90 16.32 14.34
C VAL F 478 15.99 17.16 15.01
N GLN F 479 15.73 18.45 15.21
CA GLN F 479 16.71 19.35 15.82
C GLN F 479 16.92 18.92 17.26
N VAL F 480 15.86 18.54 17.93
CA VAL F 480 16.02 18.01 19.28
C VAL F 480 16.88 16.73 19.27
N ALA F 481 16.59 15.80 18.35
CA ALA F 481 17.26 14.49 18.33
C ALA F 481 18.75 14.63 18.01
N SER F 482 19.09 15.44 17.01
CA SER F 482 20.46 15.76 16.63
C SER F 482 21.25 16.50 17.72
N LYS F 483 20.58 17.37 18.47
CA LYS F 483 21.25 18.01 19.59
C LYS F 483 21.53 16.96 20.64
N ALA F 484 20.50 16.22 21.06
CA ALA F 484 20.62 15.15 22.04
C ALA F 484 21.66 14.06 21.70
N LEU F 485 21.69 13.66 20.42
CA LEU F 485 22.60 12.61 19.94
C LEU F 485 23.98 13.14 19.61
N LYS F 486 24.06 14.45 19.43
CA LYS F 486 25.29 15.10 18.99
C LYS F 486 25.73 14.63 17.60
N ILE F 487 24.77 14.48 16.69
CA ILE F 487 25.06 14.19 15.27
C ILE F 487 24.32 15.21 14.38
N PRO F 488 24.67 15.30 13.09
CA PRO F 488 23.95 16.20 12.24
C PRO F 488 22.51 15.75 11.93
N ILE F 489 21.68 16.74 11.57
CA ILE F 489 20.25 16.54 11.33
C ILE F 489 20.10 15.66 10.08
N SER F 490 21.07 15.78 9.17
CA SER F 490 21.17 14.95 7.97
C SER F 490 21.21 13.41 8.19
N LYS F 491 21.51 12.93 9.40
CA LYS F 491 21.49 11.48 9.73
C LYS F 491 20.19 10.96 10.41
N ILE F 492 19.27 11.90 10.71
CA ILE F 492 17.94 11.64 11.29
C ILE F 492 16.84 11.88 10.25
N TYR F 493 15.80 11.06 10.33
CA TYR F 493 14.66 11.13 9.45
C TYR F 493 13.48 10.76 10.30
N ILE F 494 12.36 11.45 10.12
CA ILE F 494 11.06 11.04 10.62
C ILE F 494 10.27 10.83 9.33
N SER F 495 9.62 9.68 9.19
CA SER F 495 8.83 9.39 7.96
C SER F 495 7.35 9.75 8.08
N GLU F 496 6.77 9.48 9.23
CA GLU F 496 5.35 9.61 9.44
C GLU F 496 4.97 9.17 10.83
N THR F 497 3.68 9.28 11.09
CA THR F 497 3.10 8.94 12.37
C THR F 497 2.18 7.72 12.21
N SER F 498 2.39 6.70 13.03
CA SER F 498 1.67 5.44 12.85
C SER F 498 1.29 4.87 14.22
N THR F 499 0.11 4.24 14.31
CA THR F 499 -0.40 3.59 15.54
C THR F 499 0.34 2.31 15.96
N ASN F 500 1.20 1.82 15.08
CA ASN F 500 1.96 0.62 15.32
C ASN F 500 3.43 0.89 15.72
N THR F 501 3.85 2.15 15.70
CA THR F 501 5.12 2.53 16.29
C THR F 501 4.97 3.24 17.63
N VAL F 502 3.94 4.07 17.78
CA VAL F 502 3.63 4.75 19.07
C VAL F 502 2.15 4.63 19.28
N PRO F 503 1.71 3.79 20.25
CA PRO F 503 0.31 3.61 20.52
C PRO F 503 -0.27 4.63 21.52
N ASN F 504 -1.60 4.66 21.57
CA ASN F 504 -2.34 5.40 22.57
C ASN F 504 -1.94 6.85 22.67
N SER F 505 -1.60 7.46 21.53
CA SER F 505 -1.19 8.84 21.47
C SER F 505 -2.39 9.78 21.59
N SER F 506 -2.15 10.91 22.26
CA SER F 506 -3.08 12.04 22.33
C SER F 506 -3.10 12.78 21.00
N PRO F 507 -4.19 13.49 20.71
CA PRO F 507 -4.14 14.27 19.48
C PRO F 507 -3.02 15.27 19.54
N THR F 508 -2.55 15.70 18.38
CA THR F 508 -1.57 16.74 18.26
C THR F 508 -2.34 18.07 18.38
N ALA F 509 -2.38 18.58 19.61
CA ALA F 509 -3.35 19.58 20.02
C ALA F 509 -2.80 20.25 21.28
N ALA F 510 -3.49 21.32 21.71
CA ALA F 510 -3.14 22.08 22.90
C ALA F 510 -1.80 22.82 22.87
N SER F 511 -1.21 23.00 21.69
CA SER F 511 0.13 23.61 21.56
C SER F 511 1.27 22.88 22.27
N VAL F 512 1.01 21.70 22.87
CA VAL F 512 2.00 21.06 23.77
C VAL F 512 2.95 20.03 23.12
N SER F 513 2.93 19.92 21.78
CA SER F 513 3.53 18.79 21.06
C SER F 513 5.07 18.82 21.04
N THR F 514 5.63 19.99 20.83
CA THR F 514 7.08 20.17 20.89
C THR F 514 7.59 19.88 22.31
N ASP F 515 6.86 20.40 23.28
CA ASP F 515 7.19 20.21 24.69
C ASP F 515 7.23 18.73 25.01
N ILE F 516 6.13 18.03 24.74
CA ILE F 516 5.94 16.68 25.27
C ILE F 516 6.54 15.59 24.35
N TYR F 517 6.53 15.80 23.03
CA TYR F 517 7.22 14.89 22.10
C TYR F 517 8.76 15.10 22.12
N GLY F 518 9.21 16.34 22.33
CA GLY F 518 10.65 16.68 22.41
C GLY F 518 11.31 16.08 23.61
N GLN F 519 10.52 15.79 24.62
CA GLN F 519 10.92 15.24 25.87
C GLN F 519 10.88 13.68 25.83
N ALA F 520 9.88 13.11 25.14
CA ALA F 520 9.85 11.69 24.74
C ALA F 520 11.03 11.31 23.83
N VAL F 521 11.28 12.13 22.81
CA VAL F 521 12.38 11.96 21.87
C VAL F 521 13.73 12.10 22.52
N TYR F 522 13.87 13.11 23.38
CA TYR F 522 15.10 13.36 24.15
C TYR F 522 15.49 12.17 25.03
N GLU F 523 14.50 11.56 25.69
CA GLU F 523 14.73 10.42 26.58
C GLU F 523 15.20 9.20 25.81
N ALA F 524 14.58 8.95 24.65
CA ALA F 524 14.98 7.85 23.76
C ALA F 524 16.43 8.01 23.33
N CYS F 525 16.81 9.20 22.94
CA CYS F 525 18.18 9.50 22.55
C CYS F 525 19.20 9.27 23.68
N GLN F 526 18.75 9.40 24.91
CA GLN F 526 19.66 9.34 26.05
C GLN F 526 19.92 7.88 26.34
N THR F 527 18.85 7.07 26.31
CA THR F 527 18.95 5.61 26.41
C THR F 527 19.96 5.01 25.39
N ILE F 528 19.87 5.45 24.14
CA ILE F 528 20.80 5.10 23.07
C ILE F 528 22.22 5.45 23.46
N LEU F 529 22.39 6.71 23.88
CA LEU F 529 23.67 7.22 24.41
C LEU F 529 24.22 6.38 25.58
N LYS F 530 23.42 6.04 26.60
CA LYS F 530 23.93 5.19 27.69
C LYS F 530 24.48 3.88 27.10
N ARG F 531 23.77 3.31 26.12
CA ARG F 531 24.16 2.07 25.45
C ARG F 531 25.41 2.17 24.59
N LEU F 532 25.60 3.31 23.98
CA LEU F 532 26.69 3.49 23.02
C LEU F 532 27.96 3.96 23.69
N GLU F 533 27.94 4.20 25.00
CA GLU F 533 29.05 4.88 25.66
C GLU F 533 30.30 3.99 25.79
N PRO F 534 30.14 2.72 26.26
CA PRO F 534 31.25 1.76 26.27
C PRO F 534 32.02 1.73 24.97
N PHE F 535 31.30 1.86 23.87
CA PHE F 535 31.89 1.83 22.54
C PHE F 535 32.61 3.10 22.20
N LYS F 536 32.04 4.22 22.65
CA LYS F 536 32.63 5.53 22.56
C LYS F 536 33.96 5.65 23.36
N LYS F 537 33.97 5.07 24.57
CA LYS F 537 35.15 5.00 25.45
C LYS F 537 36.23 4.08 24.88
N LYS F 538 35.85 2.85 24.52
CA LYS F 538 36.75 1.94 23.80
C LYS F 538 37.44 2.62 22.61
N ASN F 539 36.75 3.52 21.90
CA ASN F 539 37.30 4.17 20.70
C ASN F 539 36.91 5.67 20.60
N PRO F 540 37.55 6.56 21.39
CA PRO F 540 37.07 7.93 21.44
C PRO F 540 37.36 8.77 20.21
N ASP F 541 38.32 8.35 19.40
CA ASP F 541 38.56 9.02 18.12
C ASP F 541 37.82 8.37 16.94
N GLY F 542 36.90 7.45 17.26
CA GLY F 542 36.04 6.83 16.26
C GLY F 542 34.93 7.75 15.80
N SER F 543 34.20 7.32 14.77
CA SER F 543 33.08 8.09 14.25
C SER F 543 31.80 7.58 14.88
N TRP F 544 30.69 8.23 14.55
CA TRP F 544 29.38 7.83 15.05
C TRP F 544 29.09 6.39 14.54
N GLU F 545 29.35 6.21 13.24
CA GLU F 545 29.13 4.96 12.52
C GLU F 545 29.99 3.79 13.04
N ASP F 546 31.26 4.06 13.38
CA ASP F 546 32.08 3.09 14.10
C ASP F 546 31.42 2.66 15.39
N TRP F 547 30.93 3.61 16.18
CA TRP F 547 30.39 3.26 17.50
C TRP F 547 29.16 2.36 17.38
N VAL F 548 28.32 2.71 16.39
CA VAL F 548 27.03 2.04 16.08
C VAL F 548 27.22 0.58 15.65
N MET F 549 28.13 0.33 14.72
CA MET F 549 28.47 -1.02 14.29
C MET F 549 29.10 -1.87 15.41
N ALA F 550 30.03 -1.23 16.15
CA ALA F 550 30.64 -1.82 17.31
C ALA F 550 29.58 -2.39 18.21
N ALA F 551 28.50 -1.65 18.43
CA ALA F 551 27.45 -2.10 19.37
C ALA F 551 26.55 -3.11 18.71
N TYR F 552 26.32 -2.97 17.39
CA TYR F 552 25.62 -4.01 16.67
C TYR F 552 26.31 -5.42 16.85
N GLN F 553 27.60 -5.49 16.48
CA GLN F 553 28.39 -6.74 16.50
C GLN F 553 28.56 -7.25 17.93
N ASP F 554 28.34 -6.37 18.90
CA ASP F 554 28.39 -6.73 20.30
C ASP F 554 27.02 -7.09 20.83
N ARG F 555 26.04 -7.10 19.93
CA ARG F 555 24.63 -7.37 20.27
C ARG F 555 24.08 -6.45 21.37
N VAL F 556 24.31 -5.17 21.16
CA VAL F 556 23.66 -4.09 21.92
C VAL F 556 22.45 -3.61 21.10
N SER F 557 21.27 -3.51 21.75
CA SER F 557 20.08 -2.97 21.07
C SER F 557 20.21 -1.49 20.71
N LEU F 558 20.05 -1.19 19.42
CA LEU F 558 20.04 0.21 18.95
C LEU F 558 18.58 0.74 18.69
N SER F 559 17.62 0.22 19.45
CA SER F 559 16.21 0.61 19.33
C SER F 559 15.70 0.83 20.72
N THR F 560 14.91 1.87 20.89
CA THR F 560 14.21 2.10 22.17
C THR F 560 13.00 3.03 22.04
N THR F 561 12.13 2.91 23.03
CA THR F 561 11.06 3.82 23.27
C THR F 561 11.55 4.95 24.21
N GLY F 562 10.94 6.11 24.07
CA GLY F 562 10.98 7.15 25.09
C GLY F 562 9.57 7.59 25.45
N PHE F 563 9.42 8.12 26.67
CA PHE F 563 8.11 8.54 27.17
C PHE F 563 8.26 9.76 28.06
N TYR F 564 7.17 10.51 28.21
CA TYR F 564 7.15 11.74 29.01
C TYR F 564 5.72 12.06 29.52
N ARG F 565 5.64 12.41 30.79
CA ARG F 565 4.38 12.65 31.51
C ARG F 565 4.56 14.01 32.25
N THR F 566 3.85 15.04 31.79
CA THR F 566 3.95 16.41 32.37
C THR F 566 3.67 16.35 33.86
N PRO F 567 4.60 16.89 34.70
CA PRO F 567 4.45 16.83 36.16
C PRO F 567 3.50 17.89 36.81
N ASN F 568 2.99 17.53 37.98
CA ASN F 568 2.19 18.39 38.87
C ASN F 568 0.85 18.95 38.33
N LEU F 569 0.28 18.35 37.29
CA LEU F 569 -1.02 18.78 36.75
C LEU F 569 -2.20 18.21 37.54
N GLY F 570 -3.28 18.98 37.69
CA GLY F 570 -4.45 18.45 38.39
C GLY F 570 -5.39 19.42 39.08
N TYR F 571 -6.08 20.24 38.28
CA TYR F 571 -7.06 21.22 38.79
C TYR F 571 -8.39 20.55 39.16
N SER F 572 -8.90 20.97 40.31
CA SER F 572 -10.21 20.56 40.80
C SER F 572 -11.14 21.79 40.81
N PHE F 573 -12.23 21.68 40.06
CA PHE F 573 -13.28 22.67 40.03
C PHE F 573 -14.00 22.76 41.38
N GLU F 574 -14.09 21.65 42.10
CA GLU F 574 -14.53 21.65 43.49
C GLU F 574 -13.29 21.72 44.38
N THR F 575 -13.10 22.84 45.05
CA THR F 575 -11.88 23.18 45.83
C THR F 575 -11.12 24.31 45.14
N ASN F 576 -11.20 24.44 43.81
CA ASN F 576 -10.59 25.56 43.09
C ASN F 576 -9.06 25.66 43.33
N SER F 577 -8.37 24.54 43.06
CA SER F 577 -6.98 24.35 43.46
C SER F 577 -6.37 23.22 42.62
N GLY F 578 -5.03 23.15 42.64
CA GLY F 578 -4.25 22.28 41.78
C GLY F 578 -3.91 23.03 40.49
N ASN F 579 -2.74 22.76 39.92
CA ASN F 579 -2.32 23.40 38.69
C ASN F 579 -3.20 22.97 37.51
N ALA F 580 -3.81 23.93 36.83
CA ALA F 580 -4.50 23.63 35.59
C ALA F 580 -3.45 23.42 34.48
N PHE F 581 -2.38 24.21 34.55
CA PHE F 581 -1.42 24.32 33.48
C PHE F 581 0.04 24.13 33.98
N HIS F 582 0.92 23.86 33.02
CA HIS F 582 2.32 23.61 33.30
C HIS F 582 3.04 24.95 33.39
N TYR F 583 2.80 25.78 32.36
CA TYR F 583 3.17 27.20 32.34
C TYR F 583 2.15 28.04 31.54
N PHE F 584 2.47 29.32 31.32
CA PHE F 584 1.73 30.19 30.40
C PHE F 584 2.65 30.80 29.39
N THR F 585 2.14 30.94 28.16
CA THR F 585 2.78 31.72 27.10
C THR F 585 2.07 33.09 27.11
N TYR F 586 2.82 34.15 26.85
CA TYR F 586 2.35 35.55 26.96
C TYR F 586 2.74 36.30 25.70
N GLY F 587 2.01 37.36 25.38
CA GLY F 587 2.35 38.24 24.27
C GLY F 587 1.57 39.56 24.31
N VAL F 588 1.98 40.52 23.48
CA VAL F 588 1.29 41.80 23.38
C VAL F 588 1.28 42.27 21.93
N ALA F 589 0.11 42.72 21.46
CA ALA F 589 -0.04 43.30 20.11
C ALA F 589 -0.62 44.72 20.13
N CYS F 590 -0.02 45.56 19.30
CA CYS F 590 -0.47 46.87 19.01
C CYS F 590 -0.81 46.93 17.52
N SER F 591 -2.08 47.23 17.19
CA SER F 591 -2.55 47.37 15.82
C SER F 591 -3.20 48.72 15.57
N GLU F 592 -3.00 49.24 14.36
CA GLU F 592 -3.60 50.48 13.91
C GLU F 592 -4.40 50.21 12.65
N VAL F 593 -5.61 50.79 12.55
CA VAL F 593 -6.53 50.61 11.41
C VAL F 593 -7.17 51.94 10.98
N GLU F 594 -7.58 52.01 9.70
CA GLU F 594 -8.38 53.12 9.18
C GLU F 594 -9.76 52.64 8.67
N ILE F 595 -10.89 53.16 9.21
CA ILE F 595 -12.22 52.80 8.66
C ILE F 595 -12.76 53.78 7.60
N ASP F 596 -13.54 53.23 6.67
CA ASP F 596 -14.40 54.06 5.84
C ASP F 596 -15.75 54.08 6.52
N CYS F 597 -16.13 55.27 6.96
CA CYS F 597 -17.35 55.46 7.72
C CYS F 597 -18.53 55.44 6.80
N LEU F 598 -18.29 55.68 5.51
CA LEU F 598 -19.33 55.63 4.50
C LEU F 598 -19.65 54.21 3.96
N THR F 599 -18.68 53.28 4.05
CA THR F 599 -18.79 51.93 3.46
C THR F 599 -18.64 50.72 4.41
N GLY F 600 -18.00 50.89 5.56
CA GLY F 600 -17.81 49.75 6.46
C GLY F 600 -16.49 49.01 6.29
N ASP F 601 -15.80 49.32 5.20
CA ASP F 601 -14.44 48.85 4.90
C ASP F 601 -13.38 49.46 5.79
N HIS F 602 -12.25 48.77 5.90
CA HIS F 602 -11.12 49.23 6.71
C HIS F 602 -9.78 48.70 6.15
N LYS F 603 -8.69 49.46 6.34
CA LYS F 603 -7.33 48.96 6.09
C LYS F 603 -6.64 48.73 7.42
N ASN F 604 -5.95 47.59 7.52
CA ASN F 604 -5.10 47.32 8.67
C ASN F 604 -3.78 47.93 8.23
N LEU F 605 -3.38 48.99 8.92
CA LEU F 605 -2.28 49.82 8.46
C LEU F 605 -0.97 49.33 9.05
N ARG F 606 -0.98 48.91 10.30
CA ARG F 606 0.23 48.46 10.94
C ARG F 606 -0.05 47.75 12.27
N THR F 607 0.68 46.65 12.50
CA THR F 607 0.60 45.78 13.67
C THR F 607 2.01 45.42 14.12
N ASP F 608 2.20 45.27 15.43
CA ASP F 608 3.51 45.02 16.07
C ASP F 608 3.28 44.04 17.18
N ILE F 609 4.04 42.94 17.24
CA ILE F 609 3.78 41.88 18.23
C ILE F 609 5.10 41.65 18.97
N VAL F 610 5.01 41.45 20.29
CA VAL F 610 6.10 40.94 21.09
C VAL F 610 5.52 39.71 21.76
N MET F 611 6.14 38.56 21.50
CA MET F 611 5.64 37.30 21.98
C MET F 611 6.74 36.65 22.82
N ASP F 612 6.38 36.23 24.03
CA ASP F 612 7.26 35.43 24.90
C ASP F 612 7.05 33.93 24.66
N VAL F 613 7.94 33.40 23.81
CA VAL F 613 8.09 31.96 23.53
C VAL F 613 9.38 31.37 24.17
N GLY F 614 9.92 32.07 25.17
CA GLY F 614 11.14 31.63 25.80
C GLY F 614 12.30 31.66 24.83
N SER F 615 13.18 30.65 24.94
CA SER F 615 14.25 30.44 23.97
C SER F 615 13.77 29.46 22.86
N SER F 616 13.65 29.99 21.65
CA SER F 616 12.96 29.33 20.56
C SER F 616 13.90 28.26 19.98
N LEU F 617 13.37 27.09 19.66
CA LEU F 617 14.16 26.02 19.02
C LEU F 617 14.38 26.34 17.54
N ASN F 618 13.51 27.18 16.98
CA ASN F 618 13.56 27.55 15.56
C ASN F 618 12.77 28.87 15.39
N PRO F 619 13.48 30.01 15.45
CA PRO F 619 12.86 31.34 15.41
C PRO F 619 12.01 31.62 14.18
N ALA F 620 12.40 31.06 13.05
CA ALA F 620 11.63 31.16 11.81
C ALA F 620 10.30 30.37 11.93
N ILE F 621 10.35 29.13 12.43
CA ILE F 621 9.11 28.39 12.67
C ILE F 621 8.21 29.13 13.69
N ASP F 622 8.79 29.63 14.77
CA ASP F 622 8.01 30.25 15.85
C ASP F 622 7.45 31.64 15.49
N ILE F 623 8.19 32.44 14.74
CA ILE F 623 7.68 33.68 14.11
C ILE F 623 6.55 33.39 13.11
N GLY F 624 6.71 32.33 12.31
CA GLY F 624 5.74 31.90 11.29
C GLY F 624 4.47 31.40 11.92
N GLN F 625 4.60 30.87 13.13
CA GLN F 625 3.47 30.52 13.96
C GLN F 625 2.73 31.73 14.56
N VAL F 626 3.49 32.72 15.03
CA VAL F 626 2.90 33.97 15.55
C VAL F 626 2.04 34.70 14.49
N GLU F 627 2.60 34.87 13.30
CA GLU F 627 1.88 35.49 12.20
C GLU F 627 0.66 34.73 11.73
N GLY F 628 0.79 33.38 11.70
CA GLY F 628 -0.25 32.50 11.20
C GLY F 628 -1.48 32.60 12.07
N ALA F 629 -1.24 32.45 13.38
CA ALA F 629 -2.25 32.56 14.40
C ALA F 629 -2.85 33.96 14.46
N PHE F 630 -2.02 34.99 14.36
CA PHE F 630 -2.51 36.36 14.39
C PHE F 630 -3.46 36.69 13.24
N VAL F 631 -3.07 36.36 12.01
CA VAL F 631 -3.95 36.55 10.85
C VAL F 631 -5.26 35.72 10.92
N GLN F 632 -5.23 34.57 11.60
CA GLN F 632 -6.43 33.73 11.73
C GLN F 632 -7.39 34.30 12.76
N GLY F 633 -6.85 35.02 13.73
CA GLY F 633 -7.65 35.69 14.78
C GLY F 633 -8.23 36.96 14.24
N LEU F 634 -7.48 37.60 13.35
CA LEU F 634 -7.94 38.73 12.60
C LEU F 634 -9.11 38.38 11.69
N GLY F 635 -9.09 37.18 11.10
CA GLY F 635 -10.21 36.66 10.37
C GLY F 635 -11.41 36.37 11.28
N LEU F 636 -11.18 35.67 12.40
CA LEU F 636 -12.22 35.45 13.41
C LEU F 636 -13.01 36.74 13.82
N PHE F 637 -12.28 37.81 14.07
CA PHE F 637 -12.80 39.02 14.64
C PHE F 637 -13.24 40.09 13.67
N THR F 638 -12.82 40.03 12.40
CA THR F 638 -13.08 41.12 11.45
C THR F 638 -13.45 40.76 10.00
N LEU F 639 -13.64 39.49 9.66
CA LEU F 639 -13.75 39.08 8.24
C LEU F 639 -14.61 37.82 8.05
N GLU F 640 -14.39 36.84 8.90
CA GLU F 640 -14.98 35.53 8.70
C GLU F 640 -16.33 35.48 9.36
N GLU F 641 -17.34 35.17 8.58
CA GLU F 641 -18.69 35.07 9.11
C GLU F 641 -19.51 33.94 8.47
N LEU F 642 -20.01 33.07 9.33
CA LEU F 642 -20.85 31.95 8.90
C LEU F 642 -22.29 32.42 9.03
N HIS F 643 -23.10 32.05 8.06
CA HIS F 643 -24.45 32.62 7.91
C HIS F 643 -25.40 31.46 7.60
N TYR F 644 -26.33 31.23 8.53
CA TYR F 644 -27.31 30.17 8.48
C TYR F 644 -28.64 30.77 8.05
N SER F 645 -29.42 29.95 7.33
CA SER F 645 -30.81 30.25 7.16
C SER F 645 -31.50 30.20 8.54
N PRO F 646 -32.80 30.62 8.61
CA PRO F 646 -33.50 30.50 9.89
C PRO F 646 -33.86 29.05 10.23
N GLU F 647 -33.99 28.18 9.23
CA GLU F 647 -34.15 26.72 9.47
C GLU F 647 -32.86 25.95 9.83
N GLY F 648 -31.73 26.65 9.94
CA GLY F 648 -30.48 26.01 10.40
C GLY F 648 -29.55 25.54 9.29
N SER F 649 -29.81 25.97 8.07
CA SER F 649 -29.02 25.51 6.94
C SER F 649 -27.97 26.56 6.58
N LEU F 650 -26.70 26.14 6.56
CA LEU F 650 -25.60 27.03 6.30
C LEU F 650 -25.63 27.58 4.86
N HIS F 651 -25.48 28.89 4.75
CA HIS F 651 -25.37 29.57 3.44
C HIS F 651 -23.92 29.65 2.99
N THR F 652 -22.99 29.84 3.92
CA THR F 652 -21.63 30.20 3.56
C THR F 652 -20.78 28.91 3.46
N ARG F 653 -20.57 28.41 2.22
CA ARG F 653 -19.97 27.08 1.99
C ARG F 653 -18.82 27.05 1.00
N GLY F 654 -18.15 28.17 0.85
CA GLY F 654 -17.08 28.29 -0.14
C GLY F 654 -16.39 29.60 0.10
N PRO F 655 -15.22 29.83 -0.53
CA PRO F 655 -14.48 31.12 -0.50
C PRO F 655 -15.20 32.35 -1.09
N SER F 656 -16.16 32.14 -2.00
CA SER F 656 -16.99 33.23 -2.53
C SER F 656 -17.86 33.86 -1.45
N THR F 657 -18.42 33.03 -0.58
CA THR F 657 -19.31 33.49 0.48
C THR F 657 -18.68 33.53 1.86
N TYR F 658 -17.49 32.95 2.05
CA TYR F 658 -16.84 32.94 3.37
C TYR F 658 -15.41 33.44 3.18
N LYS F 659 -15.12 34.62 3.74
CA LYS F 659 -13.86 35.32 3.44
C LYS F 659 -12.82 35.16 4.56
N ILE F 660 -11.86 34.27 4.33
CA ILE F 660 -10.66 34.19 5.17
C ILE F 660 -9.71 35.29 4.73
N PRO F 661 -8.77 35.66 5.59
CA PRO F 661 -7.81 36.67 5.14
C PRO F 661 -7.03 36.33 3.85
N ALA F 662 -6.83 37.36 3.04
CA ALA F 662 -6.23 37.28 1.69
C ALA F 662 -4.88 37.93 1.77
N PHE F 663 -4.08 37.87 0.72
CA PHE F 663 -2.77 38.51 0.74
C PHE F 663 -2.90 40.00 1.13
N GLY F 664 -3.88 40.67 0.52
CA GLY F 664 -4.13 42.08 0.80
C GLY F 664 -4.81 42.42 2.12
N SER F 665 -5.10 41.43 2.96
CA SER F 665 -5.74 41.66 4.25
C SER F 665 -4.77 41.95 5.40
N ILE F 666 -3.56 41.42 5.33
CA ILE F 666 -2.59 41.61 6.42
C ILE F 666 -2.15 43.09 6.53
N PRO F 667 -1.83 43.56 7.76
CA PRO F 667 -1.28 44.92 8.02
C PRO F 667 -0.19 45.32 7.06
N THR F 668 -0.24 46.55 6.56
CA THR F 668 0.72 47.00 5.59
C THR F 668 2.15 46.95 6.16
N GLU F 669 2.32 47.17 7.46
CA GLU F 669 3.60 47.07 8.17
C GLU F 669 3.31 46.03 9.25
N PHE F 670 3.97 44.89 9.19
CA PHE F 670 3.59 43.75 10.00
C PHE F 670 4.87 43.23 10.67
N ARG F 671 5.11 43.66 11.92
CA ARG F 671 6.33 43.34 12.69
C ARG F 671 6.06 42.34 13.81
N VAL F 672 6.95 41.35 13.95
CA VAL F 672 6.86 40.36 15.03
C VAL F 672 8.26 40.25 15.63
N SER F 673 8.31 40.19 16.96
CA SER F 673 9.52 40.08 17.74
C SER F 673 9.32 38.99 18.75
N LEU F 674 10.36 38.23 19.00
CA LEU F 674 10.33 37.29 20.10
C LEU F 674 11.13 37.91 21.28
N LEU F 675 10.51 37.89 22.47
CA LEU F 675 11.09 38.43 23.68
C LEU F 675 12.40 37.72 23.94
N ARG F 676 13.46 38.50 24.13
CA ARG F 676 14.81 38.00 24.42
C ARG F 676 15.06 37.80 25.92
N ASP F 677 15.96 36.86 26.25
CA ASP F 677 16.38 36.58 27.63
C ASP F 677 15.22 36.12 28.53
N CYS F 678 14.48 35.09 28.11
CA CYS F 678 13.35 34.59 28.91
C CYS F 678 13.10 33.05 28.94
N PRO F 679 14.20 32.24 29.07
CA PRO F 679 14.13 30.80 29.35
C PRO F 679 12.93 30.29 30.16
N ASN F 680 12.15 29.43 29.52
CA ASN F 680 11.17 28.59 30.21
C ASN F 680 11.93 27.44 30.91
N LYS F 681 11.88 27.41 32.24
CA LYS F 681 12.49 26.32 33.00
C LYS F 681 11.72 25.04 32.68
N LYS F 682 10.40 25.14 32.86
CA LYS F 682 9.39 24.12 32.54
C LYS F 682 9.46 23.28 31.22
N ALA F 683 10.11 23.71 30.14
CA ALA F 683 9.95 23.00 28.84
C ALA F 683 11.23 22.72 28.07
N ILE F 684 11.13 21.80 27.10
CA ILE F 684 12.30 21.28 26.38
C ILE F 684 13.24 22.43 25.89
N TYR F 685 14.50 22.35 26.30
CA TYR F 685 15.53 23.35 25.98
C TYR F 685 15.06 24.82 26.20
N ALA F 686 14.28 25.01 27.27
CA ALA F 686 13.82 26.31 27.75
C ALA F 686 12.87 27.08 26.79
N SER F 687 12.27 26.35 25.85
CA SER F 687 11.34 26.91 24.86
C SER F 687 9.95 27.02 25.43
N LYS F 688 9.04 27.67 24.71
CA LYS F 688 7.59 27.65 25.04
C LYS F 688 6.70 27.28 23.83
N ALA F 689 5.58 26.61 24.12
CA ALA F 689 4.45 26.48 23.19
C ALA F 689 4.10 27.83 22.54
N VAL F 690 3.85 27.79 21.23
CA VAL F 690 3.60 28.98 20.39
C VAL F 690 2.36 28.89 19.47
N GLY F 691 1.72 27.73 19.38
CA GLY F 691 0.76 27.47 18.30
C GLY F 691 -0.51 28.29 18.45
N GLU F 692 -1.19 28.09 19.57
CA GLU F 692 -2.46 28.77 19.86
C GLU F 692 -2.41 30.12 20.57
N PRO F 693 -1.43 30.36 21.47
CA PRO F 693 -1.29 31.67 22.13
C PRO F 693 -1.40 32.99 21.30
N PRO F 694 -0.74 33.07 20.14
CA PRO F 694 -0.84 34.33 19.37
C PRO F 694 -2.18 34.64 18.75
N LEU F 695 -3.07 33.66 18.59
CA LEU F 695 -4.30 33.86 17.84
C LEU F 695 -5.13 35.04 18.40
N PHE F 696 -5.34 35.08 19.72
CA PHE F 696 -6.19 36.10 20.31
C PHE F 696 -5.71 37.52 20.08
N LEU F 697 -4.41 37.71 19.90
CA LEU F 697 -3.87 39.04 19.65
C LEU F 697 -4.40 39.67 18.37
N GLY F 698 -5.10 38.88 17.55
CA GLY F 698 -5.78 39.39 16.36
C GLY F 698 -6.91 40.33 16.74
N ALA F 699 -7.33 40.29 18.01
CA ALA F 699 -8.41 41.13 18.53
C ALA F 699 -7.96 42.58 18.70
N SER F 700 -6.66 42.83 18.68
CA SER F 700 -6.13 44.18 18.70
C SER F 700 -6.64 44.99 17.50
N VAL F 701 -6.92 44.31 16.40
CA VAL F 701 -7.53 44.90 15.22
C VAL F 701 -9.03 45.19 15.48
N PHE F 702 -9.70 44.31 16.23
CA PHE F 702 -11.10 44.52 16.60
C PHE F 702 -11.28 45.77 17.47
N PHE F 703 -10.46 45.88 18.49
CA PHE F 703 -10.53 47.00 19.39
C PHE F 703 -9.94 48.30 18.79
N ALA F 704 -9.04 48.19 17.83
CA ALA F 704 -8.60 49.33 17.04
C ALA F 704 -9.78 49.82 16.18
N ILE F 705 -10.54 48.91 15.55
CA ILE F 705 -11.73 49.29 14.80
C ILE F 705 -12.82 49.92 15.69
N LYS F 706 -13.02 49.37 16.89
CA LYS F 706 -14.01 49.88 17.84
C LYS F 706 -13.65 51.32 18.25
N ASP F 707 -12.37 51.57 18.44
CA ASP F 707 -11.88 52.95 18.64
C ASP F 707 -12.22 53.90 17.53
N ALA F 708 -12.00 53.45 16.30
CA ALA F 708 -12.24 54.25 15.12
C ALA F 708 -13.73 54.55 14.94
N ILE F 709 -14.59 53.57 15.21
CA ILE F 709 -16.03 53.75 15.20
C ILE F 709 -16.46 54.82 16.21
N ARG F 710 -15.97 54.71 17.46
CA ARG F 710 -16.15 55.74 18.49
C ARG F 710 -15.81 57.16 18.04
N ALA F 711 -14.69 57.32 17.34
CA ALA F 711 -14.27 58.61 16.81
C ALA F 711 -15.20 59.14 15.71
N ALA F 712 -15.93 58.25 15.03
CA ALA F 712 -16.84 58.57 13.95
C ALA F 712 -18.21 58.91 14.54
N ARG F 713 -18.60 58.13 15.55
CA ARG F 713 -19.77 58.44 16.34
C ARG F 713 -19.62 59.76 17.12
N ALA F 714 -18.45 60.03 17.69
CA ALA F 714 -18.18 61.31 18.36
C ALA F 714 -18.49 62.47 17.40
N GLN F 715 -18.10 62.30 16.14
CA GLN F 715 -18.29 63.32 15.10
C GLN F 715 -19.69 63.44 14.47
N HIS F 716 -20.42 62.33 14.31
CA HIS F 716 -21.66 62.30 13.49
C HIS F 716 -22.94 61.95 14.23
N THR F 717 -22.81 61.66 15.52
CA THR F 717 -23.95 61.31 16.39
C THR F 717 -23.94 62.23 17.65
N THR F 721 -19.47 60.94 24.61
CA THR F 721 -18.24 60.16 24.84
C THR F 721 -18.47 58.82 25.53
N LYS F 722 -19.04 58.88 26.73
CA LYS F 722 -19.00 57.80 27.74
C LYS F 722 -20.19 56.83 27.62
N GLU F 723 -21.11 57.21 26.73
CA GLU F 723 -21.82 56.32 25.78
C GLU F 723 -21.92 54.87 26.21
N LEU F 724 -22.03 54.04 25.18
CA LEU F 724 -21.48 52.67 25.04
C LEU F 724 -22.45 52.10 24.04
N PHE F 725 -21.90 51.44 23.01
CA PHE F 725 -22.71 50.69 22.01
C PHE F 725 -22.20 49.27 21.91
N ARG F 726 -23.09 48.35 21.56
CA ARG F 726 -22.72 46.97 21.36
C ARG F 726 -22.08 46.79 19.99
N LEU F 727 -20.82 46.30 19.97
CA LEU F 727 -20.22 45.71 18.77
C LEU F 727 -19.92 44.23 19.02
N ASP F 728 -20.67 43.36 18.35
CA ASP F 728 -20.39 41.92 18.39
C ASP F 728 -19.21 41.58 17.47
N SER F 729 -18.61 40.40 17.69
CA SER F 729 -17.65 39.76 16.76
C SER F 729 -18.38 38.81 15.82
N PRO F 730 -18.01 38.79 14.52
CA PRO F 730 -17.01 39.60 13.82
C PRO F 730 -17.51 41.01 13.42
N ALA F 731 -16.62 41.97 13.51
CA ALA F 731 -16.82 43.35 13.07
C ALA F 731 -16.67 43.38 11.57
N THR F 732 -17.70 42.93 10.88
CA THR F 732 -17.76 43.02 9.41
C THR F 732 -18.20 44.39 8.85
N PRO F 733 -17.96 44.63 7.56
CA PRO F 733 -18.47 45.84 6.91
C PRO F 733 -19.91 46.24 7.27
N GLU F 734 -20.83 45.28 7.33
CA GLU F 734 -22.21 45.58 7.77
C GLU F 734 -22.27 46.18 9.15
N LYS F 735 -21.55 45.57 10.09
CA LYS F 735 -21.58 45.96 11.51
C LYS F 735 -20.92 47.31 11.76
N ILE F 736 -19.80 47.54 11.08
CA ILE F 736 -18.98 48.75 11.26
C ILE F 736 -19.67 49.99 10.71
N ARG F 737 -20.29 49.84 9.55
CA ARG F 737 -21.06 50.89 8.89
C ARG F 737 -22.29 51.29 9.68
N ASN F 738 -23.05 50.30 10.13
CA ASN F 738 -24.33 50.56 10.80
C ASN F 738 -24.12 51.23 12.19
N ALA F 739 -22.95 51.00 12.78
CA ALA F 739 -22.56 51.55 14.07
C ALA F 739 -21.93 52.94 13.88
N CYS F 740 -21.59 53.28 12.65
CA CYS F 740 -21.23 54.64 12.27
C CYS F 740 -22.52 55.40 11.92
N VAL F 741 -23.30 55.68 12.96
CA VAL F 741 -24.64 56.26 12.81
C VAL F 741 -24.50 57.71 12.31
N ASP F 742 -25.14 58.06 11.19
CA ASP F 742 -24.98 59.42 10.61
C ASP F 742 -26.22 59.90 9.83
N LYS F 743 -26.09 61.01 9.12
CA LYS F 743 -27.20 61.56 8.31
C LYS F 743 -27.74 60.61 7.23
N PHE F 744 -27.10 59.46 7.04
CA PHE F 744 -27.48 58.49 6.00
C PHE F 744 -28.09 57.26 6.64
N THR F 745 -27.42 56.73 7.65
CA THR F 745 -27.97 55.60 8.42
C THR F 745 -29.33 55.96 9.02
N THR F 746 -29.48 57.22 9.46
CA THR F 746 -30.67 57.72 10.15
C THR F 746 -31.82 58.24 9.25
N LEU F 747 -31.57 58.50 7.97
CA LEU F 747 -32.58 59.03 7.01
C LEU F 747 -32.61 60.58 6.95
N CYS F 748 -31.59 61.22 7.49
CA CYS F 748 -31.61 62.69 7.68
C CYS F 748 -31.26 63.55 6.48
N VAL F 749 -30.69 62.95 5.43
CA VAL F 749 -30.10 63.74 4.36
C VAL F 749 -30.98 64.49 3.37
N THR F 750 -32.17 64.02 2.98
CA THR F 750 -33.23 63.49 3.84
C THR F 750 -33.66 62.04 3.49
N GLY F 751 -34.85 61.63 3.92
CA GLY F 751 -35.32 60.25 3.68
C GLY F 751 -36.83 60.10 3.58
FE1 FES G . 3.86 -25.17 2.60
FE2 FES G . 2.28 -27.18 1.75
S1 FES G . 2.13 -26.05 3.61
S2 FES G . 3.87 -26.19 0.69
FE1 FES H . -0.29 -25.06 -12.20
FE2 FES H . 2.07 -25.78 -10.79
S1 FES H . 0.50 -27.08 -11.68
S2 FES H . 1.06 -23.75 -11.07
PA FAD I . -2.42 -30.51 -26.64
O1A FAD I . -1.35 -29.82 -25.91
O2A FAD I . -3.63 -29.67 -26.72
O5B FAD I . -1.92 -30.85 -28.15
C5B FAD I . -0.69 -31.51 -28.31
C4B FAD I . -0.39 -31.88 -29.76
O4B FAD I . -1.34 -32.79 -30.27
C3B FAD I . -0.40 -30.65 -30.65
O3B FAD I . 0.75 -30.75 -31.48
C2B FAD I . -1.73 -30.76 -31.37
O2B FAD I . -1.69 -30.17 -32.64
C1B FAD I . -1.90 -32.26 -31.44
N9A FAD I . -3.25 -32.83 -31.48
C8A FAD I . -4.22 -32.94 -30.49
N7A FAD I . -5.25 -33.63 -31.01
C5A FAD I . -4.93 -33.99 -32.28
C6A FAD I . -5.59 -34.69 -33.26
N6A FAD I . -6.75 -35.28 -32.98
N1A FAD I . -4.96 -34.84 -34.48
C2A FAD I . -3.70 -34.33 -34.76
N3A FAD I . -3.07 -33.66 -33.77
C4A FAD I . -3.67 -33.49 -32.58
N1 FAD I . 2.77 -38.01 -20.70
C2 FAD I . 3.19 -39.30 -20.62
O2 FAD I . 3.11 -40.01 -21.61
N3 FAD I . 3.68 -39.74 -19.43
C4 FAD I . 3.76 -38.93 -18.34
O4 FAD I . 4.25 -39.36 -17.29
C4X FAD I . 3.33 -37.62 -18.44
N5 FAD I . 3.37 -36.76 -17.36
C5X FAD I . 2.94 -35.45 -17.52
C6 FAD I . 3.04 -34.58 -16.43
C7 FAD I . 2.61 -33.27 -16.54
C7M FAD I . 2.61 -32.45 -15.32
C8 FAD I . 2.09 -32.80 -17.76
C8M FAD I . 1.61 -31.38 -17.92
C9 FAD I . 2.01 -33.66 -18.85
C9A FAD I . 2.44 -34.99 -18.74
N10 FAD I . 2.39 -35.89 -19.81
C10 FAD I . 2.84 -37.17 -19.65
C1' FAD I . 2.06 -35.46 -21.21
C2' FAD I . 0.54 -35.52 -21.42
O2' FAD I . -0.01 -36.83 -21.41
C3' FAD I . 0.28 -34.98 -22.79
O3' FAD I . 0.83 -33.70 -22.75
C4' FAD I . -1.20 -34.88 -23.19
O4' FAD I . -1.87 -36.14 -23.32
C5' FAD I . -1.28 -34.12 -24.50
O5' FAD I . -2.67 -33.97 -24.63
P FAD I . -3.35 -32.52 -24.73
O1P FAD I . -4.80 -32.79 -25.01
O2P FAD I . -2.95 -31.76 -23.54
O3P FAD I . -2.65 -32.00 -26.11
CA CA J . 23.79 -25.84 2.70
N1 MTE K . 8.89 -24.86 7.98
C2 MTE K . 8.17 -24.36 6.96
N2 MTE K . 6.89 -24.69 6.86
N3 MTE K . 8.67 -23.55 6.02
C4 MTE K . 9.95 -23.16 6.03
O4 MTE K . 10.34 -22.41 5.13
N5 MTE K . 12.14 -23.41 7.26
C6 MTE K . 12.93 -24.27 8.15
C7 MTE K . 12.24 -24.51 9.46
N8 MTE K . 10.92 -24.99 9.17
C9 MTE K . 10.81 -23.64 7.14
C10 MTE K . 10.19 -24.54 8.13
C1' MTE K . 14.26 -23.72 8.47
S1' MTE K . 15.38 -23.90 7.24
C2' MTE K . 14.53 -23.07 9.63
S2' MTE K . 16.04 -22.45 10.06
C3' MTE K . 13.49 -22.79 10.66
O3' MTE K . 12.21 -23.29 10.24
C4' MTE K . 13.52 -21.27 10.83
O4' MTE K . 12.56 -20.76 11.71
P MTE K . 12.63 -21.12 13.30
O1P MTE K . 13.99 -20.52 13.59
O2P MTE K . 12.45 -22.63 13.28
O3P MTE K . 11.42 -20.41 13.93
MO MOS L . 17.16 -22.19 7.73
S MOS L . 18.79 -22.46 6.37
O1 MOS L . 18.33 -21.56 9.21
O2 MOS L . 17.18 -20.57 7.12
C4 290 M . 22.14 -21.78 9.97
C5 290 M . 22.09 -20.61 9.23
C6 290 M . 23.12 -19.59 9.50
C8 290 M . 20.46 -21.95 8.66
N1 290 M . 24.03 -19.91 10.43
N3 290 M . 23.08 -22.03 10.91
O2 290 M . 24.88 -21.36 11.95
C2 290 M . 24.02 -21.09 11.11
C61 290 M . 23.16 -18.29 8.74
N9 290 M . 21.13 -22.61 9.63
N7 290 M . 21.01 -20.73 8.42
FE1 FES N . -0.70 25.93 4.70
FE2 FES N . -0.44 27.81 2.67
S1 FES N . 1.11 26.90 3.84
S2 FES N . -2.21 26.75 3.35
FE1 FES O . -9.54 25.56 -7.97
FE2 FES O . -9.83 26.40 -5.18
S1 FES O . -9.77 27.54 -7.04
S2 FES O . -9.52 24.39 -6.11
PA FAD P . -19.33 30.93 -18.96
O1A FAD P . -19.60 30.19 -17.67
O2A FAD P . -18.49 30.14 -19.90
O5B FAD P . -20.74 31.32 -19.60
C5B FAD P . -21.69 31.86 -18.70
C4B FAD P . -22.97 32.31 -19.39
O4B FAD P . -22.69 33.23 -20.42
C3B FAD P . -23.69 31.12 -20.01
O3B FAD P . -25.04 31.20 -19.65
C2B FAD P . -23.45 31.30 -21.48
O2B FAD P . -24.42 30.70 -22.32
C1B FAD P . -23.37 32.81 -21.59
N9A FAD P . -22.65 33.34 -22.76
C8A FAD P . -21.28 33.40 -22.96
N7A FAD P . -21.03 34.02 -24.13
C5A FAD P . -22.22 34.37 -24.68
C6A FAD P . -22.55 35.02 -25.86
N6A FAD P . -21.58 35.78 -26.39
N1A FAD P . -23.89 35.23 -26.16
C2A FAD P . -24.91 34.81 -25.28
N3A FAD P . -24.55 34.19 -24.12
C4A FAD P . -23.24 33.97 -23.82
N1 FAD P . -18.24 38.37 -11.29
C2 FAD P . -18.50 39.66 -10.90
O2 FAD P . -19.23 40.41 -11.55
N3 FAD P . -17.91 40.13 -9.75
C4 FAD P . -17.07 39.34 -8.97
O4 FAD P . -16.55 39.80 -7.95
C4X FAD P . -16.80 38.02 -9.38
N5 FAD P . -15.97 37.19 -8.64
C5X FAD P . -15.71 35.89 -9.03
C6 FAD P . -14.89 35.07 -8.26
C7 FAD P . -14.61 33.75 -8.64
C7M FAD P . -13.33 33.16 -8.12
C8 FAD P . -15.19 33.24 -9.81
C8M FAD P . -15.38 31.76 -9.99
C9 FAD P . -16.01 34.08 -10.56
C9A FAD P . -16.29 35.40 -10.20
N10 FAD P . -17.13 36.25 -10.97
C10 FAD P . -17.39 37.54 -10.56
C1' FAD P . -18.02 35.66 -12.02
C2' FAD P . -17.31 35.73 -13.35
O2' FAD P . -16.63 36.95 -13.61
C3' FAD P . -18.35 35.63 -14.44
O3' FAD P . -19.06 34.48 -14.07
C4' FAD P . -17.63 35.42 -15.77
O4' FAD P . -17.18 36.61 -16.42
C5' FAD P . -18.50 34.55 -16.68
O5' FAD P . -17.75 34.41 -17.85
P FAD P . -17.31 33.03 -18.46
O1P FAD P . -16.81 33.31 -19.86
O2P FAD P . -16.42 32.37 -17.48
O3P FAD P . -18.77 32.33 -18.47
N1 MTE Q . 0.09 25.54 11.81
C2 MTE Q . -0.16 24.98 10.63
N2 MTE Q . 0.66 25.33 9.62
N3 MTE Q . -1.20 24.13 10.46
C4 MTE Q . -2.02 23.80 11.47
O4 MTE Q . -2.97 23.01 11.28
N5 MTE Q . -2.60 24.15 13.90
C6 MTE Q . -2.43 25.00 15.06
C7 MTE Q . -0.96 25.30 15.26
N8 MTE Q . -0.36 25.83 14.07
C9 MTE Q . -1.81 24.37 12.81
C10 MTE Q . -0.67 25.30 12.90
C1' MTE Q . -2.93 24.34 16.32
S1' MTE Q . -4.60 24.19 16.37
C2' MTE Q . -2.11 23.88 17.29
S2' MTE Q . -2.58 23.34 18.85
C3' MTE Q . -0.65 23.72 16.98
O3' MTE Q . -0.30 24.08 15.62
C4' MTE Q . -0.39 22.24 17.19
O4' MTE Q . 0.98 22.02 17.05
P MTE Q . 2.00 22.00 18.28
O1P MTE Q . 1.24 21.39 19.42
O2P MTE Q . 2.40 23.46 18.33
O3P MTE Q . 3.15 21.17 17.69
MO MOS R . -5.04 22.84 18.36
S MOS R . -7.08 23.32 18.14
O1 MOS R . -5.61 22.47 20.25
O2 MOS R . -5.70 21.35 17.77
C4 290 S . -6.83 22.04 23.43
C5 290 S . -7.35 20.82 23.06
C6 290 S . -7.74 19.89 24.15
C8 290 S . -6.95 21.96 21.27
N1 290 S . -7.55 20.31 25.40
N3 290 S . -6.67 22.41 24.73
O2 290 S . -6.88 21.87 26.90
C2 290 S . -7.03 21.54 25.69
C61 290 S . -8.31 18.56 23.82
N9 290 S . -6.58 22.78 22.31
N7 290 S . -7.42 20.76 21.72
#